data_6IYW
#
_entry.id   6IYW
#
_cell.length_a   73.200
_cell.length_b   103.696
_cell.length_c   103.809
_cell.angle_alpha   90.00
_cell.angle_beta   90.26
_cell.angle_gamma   90.00
#
_symmetry.space_group_name_H-M   'P 1 21 1'
#
loop_
_entity.id
_entity.type
_entity.pdbx_description
1 polymer 'L,D-transpeptidase 2'
2 non-polymer '(5R)-5-[(1S,2R)-1-formyl-2-hydroxypropyl]-3-[(2-{[(E)-iminomethyl]amino}ethyl)sulfanyl]-4,5-dihydro-1H-pyrrole-2-carbox ylic acid'
3 non-polymer GLYCEROL
4 water water
#
_entity_poly.entity_id   1
_entity_poly.type   'polypeptide(L)'
_entity_poly.pdbx_seq_one_letter_code
;SNAQLTFQTSSPAHLTMPYVMPGDGEVVGVGEPVAIRFDENIADRGAAEKAIKITTNPPVEGAFYWLNNREVRWRPEHFW
KPGTAVDVAVNTYGVDLGEGMFGEDNVQTHFTIGDEVIATADDNTKILTVRVNGEVVKSMPTSMGKDSTPTANGIYIVGS
RYKHIIMDSSTYGVPVNSPNGYRTDVDWATQISYSGVFVHSAPWSVGAQGHTNTSHGCLNVSPSNAQWFYDHVKRGDIVE
VVNTVGGTLPGIDGLGDWNIPWDQWRAGNAKA
;
_entity_poly.pdbx_strand_id   A,B,C,D,E,F
#
# COMPACT_ATOMS: atom_id res chain seq x y z
N LEU A 5 8.47 -33.51 4.01
CA LEU A 5 8.70 -34.26 2.78
C LEU A 5 8.92 -35.74 3.05
N THR A 6 8.12 -36.58 2.41
CA THR A 6 8.21 -38.04 2.54
C THR A 6 8.85 -38.61 1.29
N PHE A 7 9.83 -39.49 1.47
CA PHE A 7 10.57 -40.02 0.32
C PHE A 7 9.69 -40.99 -0.47
N GLN A 8 9.80 -40.94 -1.80
CA GLN A 8 9.14 -41.91 -2.66
C GLN A 8 10.21 -42.66 -3.45
N THR A 9 10.10 -43.98 -3.49
CA THR A 9 10.99 -44.80 -4.30
C THR A 9 10.59 -44.71 -5.76
N SER A 10 11.58 -44.88 -6.65
CA SER A 10 11.34 -44.69 -8.07
C SER A 10 12.28 -45.54 -8.89
N SER A 11 11.95 -45.64 -10.17
CA SER A 11 12.70 -46.37 -11.17
C SER A 11 12.63 -45.52 -12.43
N PRO A 12 13.74 -45.33 -13.14
CA PRO A 12 13.67 -44.52 -14.37
C PRO A 12 12.78 -45.12 -15.43
N ALA A 13 12.42 -46.40 -15.31
CA ALA A 13 11.53 -47.07 -16.26
C ALA A 13 10.06 -46.95 -15.89
N HIS A 14 9.74 -46.26 -14.79
CA HIS A 14 8.37 -46.20 -14.32
C HIS A 14 8.09 -44.84 -13.70
N LEU A 15 8.70 -43.80 -14.28
CA LEU A 15 8.48 -42.42 -13.86
C LEU A 15 7.96 -41.59 -15.02
N THR A 16 7.12 -40.60 -14.69
CA THR A 16 6.77 -39.58 -15.66
C THR A 16 6.89 -38.21 -14.99
N MET A 17 7.40 -37.25 -15.74
CA MET A 17 7.63 -35.90 -15.26
C MET A 17 6.61 -34.98 -15.87
N PRO A 18 5.95 -34.13 -15.08
CA PRO A 18 5.07 -33.11 -15.66
C PRO A 18 5.85 -31.88 -16.08
N TYR A 19 5.35 -31.23 -17.12
CA TYR A 19 5.88 -29.98 -17.64
C TYR A 19 4.73 -29.00 -17.72
N VAL A 20 4.83 -27.89 -17.01
CA VAL A 20 3.74 -26.94 -16.90
C VAL A 20 4.00 -25.74 -17.79
N MET A 21 2.98 -25.29 -18.49
CA MET A 21 2.98 -24.03 -19.21
C MET A 21 1.77 -23.22 -18.76
N PRO A 22 1.83 -21.89 -18.80
CA PRO A 22 2.95 -21.07 -19.29
C PRO A 22 4.07 -21.00 -18.28
N GLY A 23 5.14 -20.30 -18.61
CA GLY A 23 6.30 -20.26 -17.76
C GLY A 23 6.04 -19.52 -16.45
N ASP A 24 6.83 -19.89 -15.44
CA ASP A 24 6.71 -19.26 -14.12
C ASP A 24 7.02 -17.78 -14.22
N GLY A 25 6.11 -16.95 -13.70
CA GLY A 25 6.28 -15.51 -13.69
C GLY A 25 5.89 -14.81 -14.97
N GLU A 26 5.39 -15.54 -15.97
CA GLU A 26 5.08 -14.93 -17.25
C GLU A 26 3.78 -14.14 -17.19
N VAL A 27 3.68 -13.14 -18.06
CA VAL A 27 2.44 -12.44 -18.34
C VAL A 27 1.95 -12.96 -19.68
N VAL A 28 0.71 -13.45 -19.72
CA VAL A 28 0.15 -14.07 -20.91
C VAL A 28 -1.18 -13.41 -21.22
N GLY A 29 -1.68 -13.66 -22.42
CA GLY A 29 -2.95 -13.10 -22.86
C GLY A 29 -4.15 -13.85 -22.29
N VAL A 30 -5.33 -13.33 -22.64
CA VAL A 30 -6.58 -13.77 -22.00
C VAL A 30 -7.05 -15.12 -22.51
N GLY A 31 -6.38 -15.69 -23.51
CA GLY A 31 -6.72 -17.01 -23.98
C GLY A 31 -5.82 -18.13 -23.53
N GLU A 32 -4.85 -17.88 -22.65
CA GLU A 32 -3.86 -18.89 -22.31
C GLU A 32 -4.42 -19.93 -21.35
N PRO A 33 -4.51 -21.19 -21.74
CA PRO A 33 -4.90 -22.24 -20.79
C PRO A 33 -3.73 -22.63 -19.91
N VAL A 34 -4.04 -23.14 -18.74
CA VAL A 34 -3.00 -23.87 -18.02
C VAL A 34 -2.77 -25.18 -18.76
N ALA A 35 -1.51 -25.56 -18.93
CA ALA A 35 -1.19 -26.80 -19.63
C ALA A 35 -0.25 -27.64 -18.78
N ILE A 36 -0.60 -28.90 -18.58
CA ILE A 36 0.30 -29.84 -17.92
C ILE A 36 0.53 -31.00 -18.88
N ARG A 37 1.76 -31.13 -19.37
CA ARG A 37 2.10 -32.15 -20.34
C ARG A 37 3.05 -33.13 -19.68
N PHE A 38 2.75 -34.41 -19.76
CA PHE A 38 3.60 -35.42 -19.15
C PHE A 38 4.50 -36.03 -20.22
N ASP A 39 5.67 -36.52 -19.78
CA ASP A 39 6.56 -37.12 -20.78
C ASP A 39 6.24 -38.57 -21.07
N GLU A 40 5.12 -39.07 -20.53
CA GLU A 40 4.59 -40.39 -20.81
C GLU A 40 3.09 -40.27 -20.98
N ASN A 41 2.48 -41.28 -21.61
CA ASN A 41 1.03 -41.35 -21.67
C ASN A 41 0.46 -41.64 -20.28
N ILE A 42 -0.63 -40.97 -19.94
CA ILE A 42 -1.23 -41.09 -18.60
C ILE A 42 -2.43 -42.03 -18.68
N ALA A 43 -2.33 -43.16 -17.98
CA ALA A 43 -3.42 -44.11 -17.94
C ALA A 43 -4.53 -43.68 -16.98
N ASP A 44 -4.19 -43.07 -15.85
CA ASP A 44 -5.18 -42.69 -14.85
C ASP A 44 -5.32 -41.17 -14.82
N ARG A 45 -6.17 -40.66 -15.73
CA ARG A 45 -6.37 -39.22 -15.83
C ARG A 45 -6.98 -38.61 -14.59
N GLY A 46 -7.92 -39.32 -13.95
CA GLY A 46 -8.51 -38.81 -12.72
C GLY A 46 -7.46 -38.61 -11.63
N ALA A 47 -6.49 -39.52 -11.55
CA ALA A 47 -5.42 -39.36 -10.57
C ALA A 47 -4.58 -38.13 -10.88
N ALA A 48 -4.27 -37.90 -12.15
CA ALA A 48 -3.53 -36.69 -12.52
C ALA A 48 -4.31 -35.44 -12.13
N GLU A 49 -5.60 -35.40 -12.47
CA GLU A 49 -6.39 -34.21 -12.18
C GLU A 49 -6.49 -33.97 -10.68
N LYS A 50 -6.67 -35.03 -9.89
CA LYS A 50 -6.77 -34.86 -8.44
C LYS A 50 -5.49 -34.30 -7.86
N ALA A 51 -4.35 -34.61 -8.48
CA ALA A 51 -3.07 -34.12 -7.99
C ALA A 51 -2.76 -32.68 -8.42
N ILE A 52 -3.54 -32.07 -9.30
CA ILE A 52 -3.26 -30.74 -9.82
C ILE A 52 -4.25 -29.76 -9.20
N LYS A 53 -3.73 -28.74 -8.53
CA LYS A 53 -4.54 -27.75 -7.84
C LYS A 53 -4.28 -26.39 -8.48
N ILE A 54 -5.31 -25.83 -9.11
CA ILE A 54 -5.22 -24.53 -9.76
C ILE A 54 -6.07 -23.56 -8.96
N THR A 55 -5.46 -22.46 -8.53
CA THR A 55 -6.17 -21.42 -7.79
C THR A 55 -6.04 -20.10 -8.55
N THR A 56 -7.11 -19.32 -8.56
CA THR A 56 -7.17 -18.08 -9.33
C THR A 56 -7.58 -16.92 -8.42
N ASN A 57 -7.09 -15.72 -8.74
CA ASN A 57 -7.45 -14.50 -8.02
C ASN A 57 -7.58 -13.34 -9.01
N PRO A 58 -8.78 -12.79 -9.25
CA PRO A 58 -10.07 -13.15 -8.67
C PRO A 58 -10.47 -14.56 -9.03
N PRO A 59 -11.15 -15.25 -8.13
CA PRO A 59 -11.50 -16.66 -8.40
C PRO A 59 -12.46 -16.75 -9.57
N VAL A 60 -12.19 -17.72 -10.44
CA VAL A 60 -13.07 -18.00 -11.55
C VAL A 60 -13.15 -19.52 -11.68
N GLU A 61 -14.34 -20.00 -12.05
CA GLU A 61 -14.54 -21.42 -12.27
C GLU A 61 -13.75 -21.88 -13.49
N GLY A 62 -13.18 -23.08 -13.42
CA GLY A 62 -12.55 -23.64 -14.60
C GLY A 62 -12.54 -25.15 -14.48
N ALA A 63 -12.02 -25.81 -15.50
CA ALA A 63 -12.09 -27.26 -15.54
C ALA A 63 -11.01 -27.82 -16.45
N PHE A 64 -10.71 -29.09 -16.22
CA PHE A 64 -9.73 -29.86 -17.00
C PHE A 64 -10.34 -30.54 -18.21
N TYR A 65 -9.58 -30.58 -19.30
CA TYR A 65 -9.93 -31.35 -20.49
C TYR A 65 -8.63 -31.85 -21.10
N TRP A 66 -8.58 -33.13 -21.48
CA TRP A 66 -7.39 -33.75 -22.05
C TRP A 66 -7.41 -33.63 -23.57
N LEU A 67 -6.35 -33.03 -24.12
CA LEU A 67 -6.24 -32.94 -25.59
C LEU A 67 -5.82 -34.26 -26.21
N ASN A 68 -5.07 -35.03 -25.44
CA ASN A 68 -4.60 -36.36 -25.80
C ASN A 68 -4.08 -37.00 -24.52
N ASN A 69 -3.54 -38.21 -24.66
CA ASN A 69 -3.14 -38.97 -23.48
C ASN A 69 -1.94 -38.36 -22.77
N ARG A 70 -1.30 -37.37 -23.37
CA ARG A 70 -0.11 -36.78 -22.77
C ARG A 70 -0.39 -35.43 -22.12
N GLU A 71 -1.49 -34.75 -22.48
CA GLU A 71 -1.53 -33.34 -22.07
C GLU A 71 -2.92 -32.93 -21.63
N VAL A 72 -3.01 -32.34 -20.43
CA VAL A 72 -4.29 -31.86 -19.91
C VAL A 72 -4.26 -30.33 -19.88
N ARG A 73 -5.40 -29.72 -20.15
CA ARG A 73 -5.56 -28.28 -20.12
C ARG A 73 -6.60 -27.87 -19.10
N TRP A 74 -6.44 -26.68 -18.54
CA TRP A 74 -7.44 -26.10 -17.63
C TRP A 74 -7.72 -24.67 -18.05
N ARG A 75 -8.99 -24.31 -18.15
CA ARG A 75 -9.33 -22.95 -18.51
C ARG A 75 -10.71 -22.62 -17.97
N PRO A 76 -11.04 -21.34 -17.85
CA PRO A 76 -12.41 -20.93 -17.55
C PRO A 76 -13.29 -21.03 -18.79
N GLU A 77 -14.58 -20.74 -18.55
CA GLU A 77 -15.57 -20.77 -19.63
C GLU A 77 -15.31 -19.65 -20.63
N HIS A 78 -14.95 -18.46 -20.15
CA HIS A 78 -14.68 -17.32 -21.01
C HIS A 78 -13.24 -16.88 -20.83
N PHE A 79 -12.76 -16.05 -21.77
CA PHE A 79 -11.41 -15.53 -21.69
C PHE A 79 -11.14 -14.96 -20.31
N TRP A 80 -9.90 -15.09 -19.86
CA TRP A 80 -9.52 -14.57 -18.55
C TRP A 80 -9.77 -13.07 -18.47
N LYS A 81 -10.10 -12.61 -17.26
CA LYS A 81 -10.11 -11.18 -16.97
C LYS A 81 -8.68 -10.67 -16.82
N PRO A 82 -8.30 -9.60 -17.53
CA PRO A 82 -6.96 -9.03 -17.35
C PRO A 82 -6.64 -8.76 -15.88
N GLY A 83 -5.41 -9.04 -15.49
CA GLY A 83 -4.95 -8.88 -14.12
C GLY A 83 -5.10 -10.09 -13.23
N THR A 84 -5.83 -11.11 -13.67
CA THR A 84 -5.98 -12.33 -12.87
C THR A 84 -4.63 -12.97 -12.61
N ALA A 85 -4.43 -13.42 -11.37
CA ALA A 85 -3.26 -14.18 -10.95
C ALA A 85 -3.64 -15.66 -10.87
N VAL A 86 -2.76 -16.53 -11.38
CA VAL A 86 -3.04 -17.94 -11.46
C VAL A 86 -1.89 -18.70 -10.80
N ASP A 87 -2.22 -19.59 -9.88
CA ASP A 87 -1.27 -20.46 -9.19
C ASP A 87 -1.56 -21.91 -9.56
N VAL A 88 -0.52 -22.63 -9.99
CA VAL A 88 -0.63 -24.01 -10.44
C VAL A 88 0.28 -24.86 -9.58
N ALA A 89 -0.33 -25.81 -8.85
CA ALA A 89 0.36 -26.76 -7.99
C ALA A 89 0.17 -28.16 -8.57
N VAL A 90 1.21 -28.69 -9.18
CA VAL A 90 1.17 -30.05 -9.72
C VAL A 90 1.84 -30.94 -8.70
N ASN A 91 1.04 -31.56 -7.85
CA ASN A 91 1.56 -32.32 -6.71
C ASN A 91 1.61 -33.81 -7.03
N THR A 92 2.42 -34.14 -8.04
CA THR A 92 2.44 -35.47 -8.61
C THR A 92 3.53 -36.37 -8.02
N TYR A 93 4.38 -35.85 -7.13
CA TYR A 93 5.47 -36.67 -6.60
C TYR A 93 4.94 -37.93 -5.92
N GLY A 94 5.32 -39.08 -6.47
CA GLY A 94 4.91 -40.36 -5.95
C GLY A 94 3.47 -40.76 -6.25
N VAL A 95 2.76 -39.99 -7.07
CA VAL A 95 1.36 -40.30 -7.36
C VAL A 95 1.29 -41.43 -8.39
N ASP A 96 0.46 -42.42 -8.10
CA ASP A 96 0.22 -43.52 -9.04
C ASP A 96 -0.64 -43.00 -10.18
N LEU A 97 -0.03 -42.88 -11.37
CA LEU A 97 -0.74 -42.37 -12.54
C LEU A 97 -1.19 -43.49 -13.47
N GLY A 98 -1.17 -44.73 -13.02
CA GLY A 98 -1.72 -45.81 -13.81
C GLY A 98 -0.64 -46.66 -14.46
N GLU A 99 -0.88 -47.96 -14.56
CA GLU A 99 0.00 -48.90 -15.26
C GLU A 99 1.42 -48.87 -14.73
N GLY A 100 1.55 -48.73 -13.41
CA GLY A 100 2.86 -48.74 -12.78
C GLY A 100 3.67 -47.49 -12.97
N MET A 101 3.09 -46.44 -13.56
CA MET A 101 3.81 -45.19 -13.80
C MET A 101 3.54 -44.22 -12.67
N PHE A 102 4.61 -43.65 -12.10
CA PHE A 102 4.46 -42.75 -10.96
C PHE A 102 4.97 -41.37 -11.30
N GLY A 103 4.35 -40.36 -10.68
CA GLY A 103 4.81 -39.00 -10.87
C GLY A 103 6.20 -38.81 -10.28
N GLU A 104 7.08 -38.17 -11.04
CA GLU A 104 8.49 -38.08 -10.66
C GLU A 104 8.77 -36.94 -9.70
N ASP A 105 7.98 -35.89 -9.72
CA ASP A 105 8.28 -34.70 -8.91
C ASP A 105 7.02 -33.84 -8.84
N ASN A 106 7.08 -32.83 -7.98
CA ASN A 106 6.08 -31.77 -8.00
C ASN A 106 6.57 -30.62 -8.86
N VAL A 107 5.65 -29.86 -9.45
CA VAL A 107 6.01 -28.66 -10.19
C VAL A 107 5.12 -27.54 -9.68
N GLN A 108 5.66 -26.33 -9.64
CA GLN A 108 4.89 -25.28 -9.02
C GLN A 108 5.18 -23.94 -9.72
N THR A 109 4.13 -23.32 -10.27
CA THR A 109 4.26 -22.19 -11.19
C THR A 109 3.12 -21.20 -10.96
N HIS A 110 3.43 -19.92 -11.21
CA HIS A 110 2.51 -18.80 -11.11
C HIS A 110 2.58 -17.95 -12.38
N PHE A 111 1.44 -17.40 -12.81
CA PHE A 111 1.48 -16.48 -13.93
C PHE A 111 0.34 -15.48 -13.80
N THR A 112 0.37 -14.47 -14.66
CA THR A 112 -0.62 -13.40 -14.61
C THR A 112 -1.15 -13.12 -16.00
N ILE A 113 -2.38 -12.64 -16.05
CA ILE A 113 -3.04 -12.30 -17.31
C ILE A 113 -2.82 -10.83 -17.62
N GLY A 114 -2.35 -10.54 -18.82
CA GLY A 114 -2.15 -9.18 -19.29
C GLY A 114 -3.37 -8.56 -19.95
N ASP A 115 -3.12 -7.60 -20.83
CA ASP A 115 -4.19 -6.91 -21.53
C ASP A 115 -4.97 -7.87 -22.44
N GLU A 116 -6.22 -7.51 -22.72
CA GLU A 116 -7.05 -8.26 -23.65
C GLU A 116 -6.65 -7.87 -25.06
N VAL A 117 -6.08 -8.82 -25.80
CA VAL A 117 -5.61 -8.58 -27.15
C VAL A 117 -6.27 -9.60 -28.06
N ILE A 118 -7.14 -9.13 -28.94
CA ILE A 118 -7.91 -10.00 -29.81
C ILE A 118 -7.78 -9.47 -31.24
N ALA A 119 -7.22 -10.29 -32.11
CA ALA A 119 -7.04 -9.93 -33.52
C ALA A 119 -8.02 -10.73 -34.33
N THR A 120 -8.84 -10.06 -35.14
CA THR A 120 -9.85 -10.73 -35.93
C THR A 120 -9.44 -10.69 -37.40
N ALA A 121 -9.29 -11.85 -38.01
CA ALA A 121 -9.00 -11.95 -39.43
C ALA A 121 -10.32 -12.26 -40.13
N ASP A 122 -10.89 -11.26 -40.82
CA ASP A 122 -12.17 -11.41 -41.49
C ASP A 122 -11.93 -11.62 -42.97
N ASP A 123 -12.31 -12.82 -43.45
CA ASP A 123 -12.12 -13.17 -44.85
C ASP A 123 -13.06 -12.41 -45.77
N ASN A 124 -14.15 -11.87 -45.25
CA ASN A 124 -15.02 -11.04 -46.09
C ASN A 124 -14.35 -9.73 -46.49
N THR A 125 -13.47 -9.19 -45.64
CA THR A 125 -12.72 -7.98 -45.94
C THR A 125 -11.25 -8.23 -46.23
N LYS A 126 -10.72 -9.41 -45.87
CA LYS A 126 -9.30 -9.69 -45.99
C LYS A 126 -8.49 -8.74 -45.13
N ILE A 127 -9.03 -8.41 -43.95
CA ILE A 127 -8.32 -7.52 -43.03
C ILE A 127 -8.18 -8.22 -41.70
N LEU A 128 -6.98 -8.12 -41.10
CA LEU A 128 -6.70 -8.60 -39.75
C LEU A 128 -6.67 -7.38 -38.84
N THR A 129 -7.64 -7.25 -37.95
CA THR A 129 -7.77 -6.08 -37.08
C THR A 129 -7.38 -6.46 -35.65
N VAL A 130 -6.41 -5.74 -35.09
CA VAL A 130 -5.93 -6.00 -33.73
C VAL A 130 -6.57 -5.00 -32.77
N ARG A 131 -7.30 -5.54 -31.79
CA ARG A 131 -7.95 -4.75 -30.74
C ARG A 131 -7.31 -5.04 -29.39
N VAL A 132 -6.97 -3.97 -28.67
CA VAL A 132 -6.41 -4.06 -27.33
C VAL A 132 -7.42 -3.44 -26.37
N ASN A 133 -7.91 -4.24 -25.42
CA ASN A 133 -8.96 -3.81 -24.49
C ASN A 133 -10.11 -3.13 -25.22
N GLY A 134 -10.47 -3.72 -26.35
CA GLY A 134 -11.60 -3.28 -27.13
C GLY A 134 -11.27 -2.27 -28.21
N GLU A 135 -10.11 -1.65 -28.19
CA GLU A 135 -9.89 -0.64 -29.20
C GLU A 135 -8.90 -1.04 -30.28
N VAL A 136 -9.29 -0.70 -31.51
CA VAL A 136 -8.45 -0.98 -32.67
C VAL A 136 -7.14 -0.24 -32.51
N VAL A 137 -6.05 -0.99 -32.51
CA VAL A 137 -4.72 -0.43 -32.54
C VAL A 137 -4.02 -0.75 -33.85
N LYS A 138 -4.47 -1.75 -34.60
CA LYS A 138 -3.79 -2.02 -35.87
C LYS A 138 -4.74 -2.67 -36.87
N SER A 139 -4.61 -2.31 -38.15
CA SER A 139 -5.34 -2.93 -39.25
C SER A 139 -4.35 -3.40 -40.31
N MET A 140 -4.35 -4.69 -40.62
CA MET A 140 -3.38 -5.29 -41.53
C MET A 140 -4.07 -5.99 -42.69
N PRO A 141 -3.88 -5.59 -43.95
CA PRO A 141 -4.33 -6.42 -45.06
C PRO A 141 -3.71 -7.81 -44.99
N THR A 142 -4.50 -8.84 -45.34
CA THR A 142 -3.97 -10.20 -45.23
C THR A 142 -4.40 -11.01 -46.43
N SER A 143 -3.65 -12.09 -46.67
CA SER A 143 -4.01 -13.09 -47.67
C SER A 143 -4.00 -14.43 -46.96
N MET A 144 -5.15 -15.10 -46.90
CA MET A 144 -5.26 -16.36 -46.18
C MET A 144 -5.26 -17.53 -47.16
N GLY A 145 -5.64 -18.71 -46.71
CA GLY A 145 -5.50 -19.89 -47.54
C GLY A 145 -6.40 -19.84 -48.77
N LYS A 146 -5.84 -20.25 -49.91
CA LYS A 146 -6.64 -20.37 -51.12
C LYS A 146 -7.77 -21.38 -50.91
N ASP A 147 -8.77 -21.33 -51.80
CA ASP A 147 -9.98 -22.15 -51.62
C ASP A 147 -9.67 -23.63 -51.47
N SER A 148 -8.63 -24.13 -52.15
CA SER A 148 -8.27 -25.54 -52.05
C SER A 148 -7.48 -25.88 -50.79
N THR A 149 -6.82 -24.90 -50.16
CA THR A 149 -6.09 -25.11 -48.91
C THR A 149 -6.46 -23.96 -47.95
N PRO A 150 -7.71 -23.92 -47.52
CA PRO A 150 -8.22 -22.73 -46.81
C PRO A 150 -7.77 -22.67 -45.35
N THR A 151 -7.87 -21.46 -44.80
CA THR A 151 -7.66 -21.24 -43.37
C THR A 151 -8.93 -21.61 -42.61
N ALA A 152 -8.80 -22.45 -41.59
CA ALA A 152 -9.98 -22.81 -40.81
C ALA A 152 -10.49 -21.63 -39.99
N ASN A 153 -11.82 -21.53 -39.87
CA ASN A 153 -12.40 -20.54 -38.97
C ASN A 153 -12.20 -20.97 -37.53
N GLY A 154 -12.27 -20.00 -36.63
CA GLY A 154 -12.34 -20.33 -35.22
C GLY A 154 -11.43 -19.47 -34.37
N ILE A 155 -11.34 -19.84 -33.10
CA ILE A 155 -10.53 -19.12 -32.12
C ILE A 155 -9.20 -19.83 -32.01
N TYR A 156 -8.12 -19.09 -32.26
CA TYR A 156 -6.74 -19.57 -32.17
C TYR A 156 -6.04 -18.86 -31.03
N ILE A 157 -5.30 -19.63 -30.22
CA ILE A 157 -4.46 -19.06 -29.18
C ILE A 157 -3.08 -18.79 -29.79
N VAL A 158 -2.54 -17.60 -29.54
CA VAL A 158 -1.19 -17.29 -29.96
C VAL A 158 -0.19 -18.12 -29.15
N GLY A 159 0.75 -18.75 -29.85
CA GLY A 159 1.78 -19.58 -29.25
C GLY A 159 3.15 -18.94 -29.35
N SER A 160 4.13 -19.68 -29.89
CA SER A 160 5.51 -19.25 -29.99
C SER A 160 5.70 -18.28 -31.16
N ARG A 161 6.81 -17.54 -31.12
CA ARG A 161 7.14 -16.59 -32.19
C ARG A 161 8.57 -16.83 -32.64
N TYR A 162 8.82 -16.54 -33.92
CA TYR A 162 10.13 -16.81 -34.53
C TYR A 162 10.53 -15.63 -35.40
N LYS A 163 11.74 -15.13 -35.21
CA LYS A 163 12.23 -14.11 -36.13
C LYS A 163 12.44 -14.70 -37.51
N HIS A 164 12.79 -15.98 -37.56
CA HIS A 164 12.96 -16.69 -38.82
C HIS A 164 12.61 -18.15 -38.60
N ILE A 165 11.95 -18.76 -39.57
CA ILE A 165 11.60 -20.16 -39.51
C ILE A 165 11.54 -20.72 -40.93
N ILE A 166 11.81 -22.01 -41.05
CA ILE A 166 11.76 -22.73 -42.32
C ILE A 166 10.45 -23.50 -42.41
N MET A 167 9.71 -23.26 -43.49
CA MET A 167 8.52 -24.05 -43.78
C MET A 167 8.92 -25.11 -44.82
N ASP A 168 8.84 -26.37 -44.43
CA ASP A 168 9.29 -27.46 -45.29
C ASP A 168 8.15 -28.46 -45.39
N SER A 169 7.64 -28.65 -46.61
CA SER A 169 6.47 -29.52 -46.78
C SER A 169 6.77 -30.97 -46.44
N SER A 170 8.05 -31.38 -46.38
CA SER A 170 8.33 -32.79 -46.07
C SER A 170 7.97 -33.16 -44.64
N THR A 171 7.92 -32.20 -43.72
CA THR A 171 7.43 -32.53 -42.39
C THR A 171 5.94 -32.88 -42.39
N TYR A 172 5.22 -32.55 -43.46
CA TYR A 172 3.83 -32.99 -43.65
C TYR A 172 3.74 -34.19 -44.58
N GLY A 173 4.87 -34.78 -44.96
CA GLY A 173 4.87 -35.91 -45.87
C GLY A 173 4.77 -35.56 -47.35
N VAL A 174 4.89 -34.29 -47.72
CA VAL A 174 4.80 -33.85 -49.10
C VAL A 174 6.21 -33.49 -49.55
N PRO A 175 6.83 -34.25 -50.47
CA PRO A 175 8.21 -33.97 -50.85
C PRO A 175 8.35 -32.57 -51.44
N VAL A 176 9.47 -31.91 -51.12
CA VAL A 176 9.68 -30.56 -51.63
C VAL A 176 9.72 -30.56 -53.15
N ASN A 177 10.15 -31.68 -53.76
CA ASN A 177 10.19 -31.80 -55.21
C ASN A 177 8.80 -31.85 -55.83
N SER A 178 7.81 -32.27 -55.06
CA SER A 178 6.46 -32.42 -55.53
C SER A 178 5.94 -31.09 -56.11
N PRO A 179 4.87 -31.15 -56.89
CA PRO A 179 4.42 -29.94 -57.60
C PRO A 179 4.32 -28.62 -56.80
N ASN A 180 3.80 -28.45 -55.57
CA ASN A 180 2.96 -29.20 -54.60
C ASN A 180 3.68 -29.01 -53.25
N GLY A 181 4.99 -29.27 -53.26
CA GLY A 181 5.83 -29.07 -52.10
C GLY A 181 6.56 -27.74 -52.11
N TYR A 182 7.26 -27.46 -51.01
CA TYR A 182 7.80 -26.14 -50.77
C TYR A 182 8.87 -26.24 -49.69
N ARG A 183 9.79 -25.28 -49.74
CA ARG A 183 10.84 -25.11 -48.73
C ARG A 183 11.13 -23.61 -48.68
N THR A 184 10.45 -22.93 -47.74
CA THR A 184 10.33 -21.48 -47.71
C THR A 184 10.96 -20.90 -46.46
N ASP A 185 11.83 -19.93 -46.64
CA ASP A 185 12.31 -19.08 -45.54
C ASP A 185 11.28 -18.02 -45.22
N VAL A 186 10.93 -17.89 -43.94
CA VAL A 186 9.87 -16.99 -43.52
C VAL A 186 10.34 -16.15 -42.34
N ASP A 187 10.11 -14.84 -42.39
CA ASP A 187 10.44 -13.91 -41.32
C ASP A 187 9.21 -13.62 -40.45
N TRP A 188 9.46 -13.33 -39.17
CA TRP A 188 8.46 -12.74 -38.27
C TRP A 188 7.18 -13.59 -38.20
N ALA A 189 7.34 -14.83 -37.76
CA ALA A 189 6.26 -15.81 -37.80
C ALA A 189 5.75 -16.03 -36.39
N THR A 190 4.47 -15.75 -36.18
CA THR A 190 3.81 -16.02 -34.92
C THR A 190 2.93 -17.25 -35.07
N GLN A 191 3.13 -18.26 -34.21
CA GLN A 191 2.39 -19.50 -34.37
C GLN A 191 1.00 -19.34 -33.77
N ILE A 192 -0.03 -19.84 -34.47
CA ILE A 192 -1.37 -19.82 -33.89
C ILE A 192 -2.08 -21.16 -33.98
N SER A 193 -1.49 -22.18 -34.62
CA SER A 193 -1.99 -23.54 -34.43
C SER A 193 -0.82 -24.52 -34.45
N TYR A 194 -0.96 -25.62 -33.71
CA TYR A 194 0.03 -26.70 -33.79
C TYR A 194 0.06 -27.31 -35.18
N SER A 195 -1.08 -27.32 -35.88
CA SER A 195 -1.17 -27.89 -37.21
C SER A 195 -0.30 -27.13 -38.20
N GLY A 196 0.06 -25.89 -37.89
CA GLY A 196 1.03 -25.18 -38.68
C GLY A 196 0.62 -23.81 -39.20
N VAL A 197 -0.50 -23.26 -38.73
CA VAL A 197 -0.91 -21.90 -39.13
C VAL A 197 -0.06 -20.88 -38.38
N PHE A 198 0.51 -19.95 -39.12
CA PHE A 198 1.27 -18.82 -38.60
C PHE A 198 0.72 -17.53 -39.20
N VAL A 199 0.86 -16.45 -38.46
CA VAL A 199 0.87 -15.10 -39.03
C VAL A 199 2.31 -14.77 -39.36
N HIS A 200 2.61 -14.37 -40.60
CA HIS A 200 4.02 -14.16 -40.90
C HIS A 200 4.18 -13.24 -42.09
N SER A 201 5.44 -12.83 -42.29
CA SER A 201 5.78 -11.92 -43.38
C SER A 201 5.73 -12.66 -44.71
N ALA A 202 5.12 -12.04 -45.70
CA ALA A 202 5.03 -12.65 -47.03
C ALA A 202 5.12 -11.58 -48.09
N PRO A 203 6.32 -11.07 -48.36
CA PRO A 203 6.47 -10.06 -49.43
C PRO A 203 5.95 -10.53 -50.77
N TRP A 204 5.95 -11.83 -51.01
CA TRP A 204 5.50 -12.35 -52.30
C TRP A 204 4.00 -12.27 -52.50
N SER A 205 3.19 -11.97 -51.47
CA SER A 205 1.76 -11.85 -51.69
C SER A 205 1.23 -10.45 -51.33
N VAL A 206 2.11 -9.45 -51.25
CA VAL A 206 1.66 -8.12 -50.82
C VAL A 206 0.56 -7.56 -51.72
N GLY A 207 0.64 -7.81 -53.02
CA GLY A 207 -0.41 -7.32 -53.90
C GLY A 207 -1.75 -8.01 -53.70
N ALA A 208 -1.74 -9.24 -53.20
CA ALA A 208 -2.96 -9.99 -52.93
C ALA A 208 -3.51 -9.72 -51.55
N GLN A 209 -2.67 -9.26 -50.62
CA GLN A 209 -3.14 -9.03 -49.25
C GLN A 209 -4.21 -7.94 -49.26
N GLY A 210 -5.35 -8.23 -48.62
CA GLY A 210 -6.49 -7.34 -48.69
C GLY A 210 -7.41 -7.58 -49.87
N HIS A 211 -7.09 -8.54 -50.74
CA HIS A 211 -7.82 -8.76 -51.99
C HIS A 211 -8.12 -10.22 -52.30
N THR A 212 -7.11 -11.09 -52.23
CA THR A 212 -7.20 -12.46 -52.71
C THR A 212 -6.44 -13.38 -51.77
N ASN A 213 -6.99 -14.57 -51.54
CA ASN A 213 -6.31 -15.59 -50.72
C ASN A 213 -5.38 -16.43 -51.58
N THR A 214 -4.10 -16.50 -51.18
CA THR A 214 -3.13 -17.24 -51.98
C THR A 214 -2.28 -18.22 -51.17
N SER A 215 -2.48 -18.33 -49.86
CA SER A 215 -1.53 -19.09 -49.04
C SER A 215 -1.94 -20.55 -48.90
N HIS A 216 -1.11 -21.34 -48.22
CA HIS A 216 -1.41 -22.71 -47.86
C HIS A 216 -2.26 -22.84 -46.59
N GLY A 217 -2.71 -21.72 -46.03
CA GLY A 217 -3.45 -21.73 -44.77
C GLY A 217 -2.99 -20.64 -43.83
N CYS A 218 -1.73 -20.22 -43.99
CA CYS A 218 -1.17 -19.20 -43.13
C CYS A 218 -1.79 -17.84 -43.39
N LEU A 219 -1.65 -16.94 -42.41
CA LEU A 219 -2.14 -15.56 -42.55
C LEU A 219 -0.96 -14.71 -43.01
N ASN A 220 -0.88 -14.50 -44.34
CA ASN A 220 0.17 -13.67 -44.93
C ASN A 220 -0.11 -12.21 -44.68
N VAL A 221 0.89 -11.48 -44.18
CA VAL A 221 0.79 -10.03 -44.05
C VAL A 221 2.12 -9.43 -44.51
N SER A 222 2.19 -8.10 -44.55
CA SER A 222 3.40 -7.42 -45.00
C SER A 222 4.54 -7.64 -44.02
N PRO A 223 5.79 -7.49 -44.48
CA PRO A 223 6.92 -7.59 -43.54
C PRO A 223 6.79 -6.68 -42.34
N SER A 224 6.40 -5.41 -42.55
CA SER A 224 6.27 -4.49 -41.44
C SER A 224 5.17 -4.93 -40.48
N ASN A 225 4.02 -5.35 -41.03
CA ASN A 225 2.93 -5.77 -40.16
C ASN A 225 3.25 -7.07 -39.44
N ALA A 226 3.99 -7.98 -40.09
CA ALA A 226 4.38 -9.21 -39.39
C ALA A 226 5.34 -8.90 -38.25
N GLN A 227 6.26 -7.97 -38.45
CA GLN A 227 7.16 -7.59 -37.36
C GLN A 227 6.39 -6.91 -36.24
N TRP A 228 5.43 -6.07 -36.59
CA TRP A 228 4.57 -5.47 -35.57
C TRP A 228 3.88 -6.55 -34.76
N PHE A 229 3.31 -7.56 -35.44
CA PHE A 229 2.62 -8.64 -34.75
C PHE A 229 3.57 -9.41 -33.84
N TYR A 230 4.78 -9.69 -34.35
CA TYR A 230 5.80 -10.37 -33.56
C TYR A 230 6.14 -9.58 -32.31
N ASP A 231 6.21 -8.24 -32.43
CA ASP A 231 6.63 -7.37 -31.34
C ASP A 231 5.54 -7.14 -30.31
N HIS A 232 4.28 -7.12 -30.74
CA HIS A 232 3.20 -6.59 -29.90
C HIS A 232 2.22 -7.65 -29.42
N VAL A 233 2.16 -8.80 -30.03
CA VAL A 233 1.23 -9.86 -29.65
C VAL A 233 1.99 -10.92 -28.88
N LYS A 234 1.44 -11.38 -27.76
CA LYS A 234 2.13 -12.27 -26.85
C LYS A 234 1.42 -13.61 -26.78
N ARG A 235 2.15 -14.61 -26.24
CA ARG A 235 1.57 -15.91 -25.98
C ARG A 235 0.26 -15.76 -25.19
N GLY A 236 -0.78 -16.45 -25.64
CA GLY A 236 -2.08 -16.37 -24.99
C GLY A 236 -3.02 -15.33 -25.54
N ASP A 237 -2.54 -14.38 -26.33
CA ASP A 237 -3.46 -13.50 -27.06
C ASP A 237 -4.27 -14.34 -28.04
N ILE A 238 -5.29 -13.74 -28.63
CA ILE A 238 -6.28 -14.48 -29.39
C ILE A 238 -6.27 -13.99 -30.84
N VAL A 239 -6.31 -14.92 -31.80
CA VAL A 239 -6.66 -14.58 -33.19
C VAL A 239 -7.96 -15.31 -33.52
N GLU A 240 -8.98 -14.58 -33.96
CA GLU A 240 -10.22 -15.23 -34.39
C GLU A 240 -10.31 -15.09 -35.90
N VAL A 241 -10.45 -16.22 -36.60
CA VAL A 241 -10.64 -16.23 -38.04
C VAL A 241 -12.13 -16.41 -38.33
N VAL A 242 -12.68 -15.57 -39.19
CA VAL A 242 -14.09 -15.66 -39.50
C VAL A 242 -14.30 -15.59 -41.02
N ASN A 243 -15.36 -16.27 -41.48
CA ASN A 243 -15.90 -16.14 -42.83
C ASN A 243 -15.06 -16.75 -43.94
N THR A 244 -14.16 -17.67 -43.62
CA THR A 244 -13.47 -18.38 -44.68
C THR A 244 -14.33 -19.54 -45.17
N VAL A 245 -13.90 -20.16 -46.27
CA VAL A 245 -14.62 -21.30 -46.81
C VAL A 245 -14.11 -22.57 -46.14
N GLY A 246 -13.26 -22.42 -45.12
CA GLY A 246 -12.79 -23.55 -44.38
C GLY A 246 -13.79 -24.01 -43.33
N GLY A 247 -13.43 -25.07 -42.64
CA GLY A 247 -14.24 -25.52 -41.53
C GLY A 247 -13.87 -24.77 -40.26
N THR A 248 -13.84 -25.47 -39.15
CA THR A 248 -13.48 -24.91 -37.87
C THR A 248 -12.24 -25.62 -37.34
N LEU A 249 -11.35 -24.84 -36.74
CA LEU A 249 -10.14 -25.40 -36.16
C LEU A 249 -10.49 -26.49 -35.15
N PRO A 250 -9.83 -27.64 -35.17
CA PRO A 250 -10.12 -28.68 -34.16
C PRO A 250 -9.87 -28.20 -32.74
N GLY A 251 -10.79 -28.54 -31.84
CA GLY A 251 -10.60 -28.14 -30.47
C GLY A 251 -9.37 -28.75 -29.81
N ILE A 252 -8.89 -29.89 -30.30
CA ILE A 252 -7.74 -30.56 -29.69
C ILE A 252 -6.46 -30.31 -30.49
N ASP A 253 -6.42 -29.25 -31.30
CA ASP A 253 -5.24 -28.93 -32.09
C ASP A 253 -3.99 -28.76 -31.24
N GLY A 254 -4.14 -28.16 -30.07
CA GLY A 254 -3.01 -27.65 -29.31
C GLY A 254 -3.19 -26.18 -28.96
N LEU A 255 -3.77 -25.42 -29.90
CA LEU A 255 -4.08 -24.02 -29.68
C LEU A 255 -5.54 -23.74 -29.98
N GLY A 256 -6.38 -24.78 -30.11
CA GLY A 256 -7.77 -24.61 -30.48
C GLY A 256 -8.75 -24.81 -29.34
N ASP A 257 -8.26 -24.73 -28.09
CA ASP A 257 -9.05 -25.09 -26.90
C ASP A 257 -10.40 -24.39 -26.82
N TRP A 258 -10.47 -23.12 -27.24
CA TRP A 258 -11.68 -22.32 -27.06
C TRP A 258 -12.79 -22.70 -28.03
N ASN A 259 -12.52 -23.57 -28.99
CA ASN A 259 -13.54 -24.03 -29.91
C ASN A 259 -14.37 -25.18 -29.39
N ILE A 260 -13.97 -25.76 -28.25
CA ILE A 260 -14.77 -26.81 -27.62
C ILE A 260 -15.86 -26.16 -26.77
N PRO A 261 -17.12 -26.50 -26.97
CA PRO A 261 -18.18 -25.91 -26.15
C PRO A 261 -17.94 -26.15 -24.66
N TRP A 262 -18.35 -25.17 -23.85
CA TRP A 262 -18.06 -25.23 -22.41
C TRP A 262 -18.70 -26.44 -21.74
N ASP A 263 -19.91 -26.83 -22.15
CA ASP A 263 -20.47 -27.97 -21.43
C ASP A 263 -19.68 -29.25 -21.68
N GLN A 264 -19.14 -29.42 -22.89
CA GLN A 264 -18.28 -30.58 -23.15
C GLN A 264 -16.94 -30.43 -22.43
N TRP A 265 -16.38 -29.22 -22.45
CA TRP A 265 -15.09 -29.03 -21.79
C TRP A 265 -15.21 -29.30 -20.30
N ARG A 266 -16.19 -28.68 -19.66
CA ARG A 266 -16.35 -28.83 -18.22
C ARG A 266 -16.65 -30.26 -17.83
N ALA A 267 -17.46 -30.97 -18.63
CA ALA A 267 -17.70 -32.38 -18.30
C ALA A 267 -16.40 -33.19 -18.32
N GLY A 268 -15.43 -32.79 -19.15
CA GLY A 268 -14.13 -33.38 -19.16
C GLY A 268 -14.14 -34.75 -19.81
N ASN A 269 -13.01 -35.45 -19.65
CA ASN A 269 -12.83 -36.73 -20.32
C ASN A 269 -11.84 -37.59 -19.54
N ALA A 270 -11.90 -37.50 -18.22
CA ALA A 270 -11.07 -38.32 -17.36
C ALA A 270 -11.77 -39.63 -17.02
N LEU B 5 -31.18 -52.04 40.34
CA LEU B 5 -31.87 -50.78 40.09
C LEU B 5 -32.04 -49.92 41.34
N THR B 6 -31.38 -48.77 41.33
CA THR B 6 -31.36 -47.84 42.45
C THR B 6 -32.21 -46.62 42.10
N PHE B 7 -33.10 -46.23 43.02
CA PHE B 7 -33.98 -45.11 42.73
C PHE B 7 -33.20 -43.80 42.75
N GLN B 8 -33.52 -42.91 41.82
CA GLN B 8 -32.96 -41.57 41.83
C GLN B 8 -34.09 -40.56 42.02
N THR B 9 -33.87 -39.58 42.91
CA THR B 9 -34.86 -38.53 43.11
C THR B 9 -34.77 -37.52 41.98
N SER B 10 -35.90 -36.86 41.68
CA SER B 10 -35.93 -35.97 40.55
C SER B 10 -36.97 -34.87 40.77
N SER B 11 -36.89 -33.86 39.90
CA SER B 11 -37.74 -32.69 39.82
C SER B 11 -37.93 -32.40 38.34
N PRO B 12 -39.16 -32.06 37.90
CA PRO B 12 -39.34 -31.75 36.47
C PRO B 12 -38.56 -30.52 36.03
N ALA B 13 -38.08 -29.69 36.97
CA ALA B 13 -37.32 -28.49 36.63
C ALA B 13 -35.83 -28.75 36.47
N HIS B 14 -35.33 -29.94 36.80
CA HIS B 14 -33.91 -30.20 36.77
C HIS B 14 -33.63 -31.56 36.15
N LEU B 15 -34.46 -31.98 35.20
CA LEU B 15 -34.27 -33.21 34.46
C LEU B 15 -34.04 -32.91 32.98
N THR B 16 -33.23 -33.75 32.35
CA THR B 16 -33.12 -33.75 30.90
C THR B 16 -33.23 -35.19 30.42
N MET B 17 -33.94 -35.37 29.34
CA MET B 17 -34.19 -36.67 28.74
C MET B 17 -33.35 -36.81 27.49
N PRO B 18 -32.62 -37.91 27.32
CA PRO B 18 -31.92 -38.15 26.07
C PRO B 18 -32.85 -38.77 25.05
N TYR B 19 -32.59 -38.45 23.79
CA TYR B 19 -33.30 -38.99 22.64
C TYR B 19 -32.27 -39.54 21.69
N VAL B 20 -32.31 -40.84 21.44
CA VAL B 20 -31.29 -41.50 20.66
C VAL B 20 -31.82 -41.79 19.25
N MET B 21 -30.96 -41.58 18.27
CA MET B 21 -31.22 -41.96 16.90
C MET B 21 -30.00 -42.72 16.40
N PRO B 22 -30.16 -43.63 15.43
CA PRO B 22 -31.41 -43.96 14.71
C PRO B 22 -32.34 -44.84 15.51
N GLY B 23 -33.50 -45.16 14.95
CA GLY B 23 -34.51 -45.90 15.68
C GLY B 23 -34.12 -47.34 15.97
N ASP B 24 -34.71 -47.87 17.03
CA ASP B 24 -34.45 -49.25 17.45
C ASP B 24 -34.88 -50.22 16.36
N GLY B 25 -33.97 -51.11 15.98
CA GLY B 25 -34.24 -52.11 14.97
C GLY B 25 -34.13 -51.63 13.53
N GLU B 26 -33.77 -50.37 13.32
CA GLU B 26 -33.77 -49.86 11.97
C GLU B 26 -32.53 -50.33 11.22
N VAL B 27 -32.64 -50.38 9.90
CA VAL B 27 -31.50 -50.55 9.00
C VAL B 27 -31.21 -49.19 8.39
N VAL B 28 -29.97 -48.73 8.51
CA VAL B 28 -29.58 -47.40 8.04
C VAL B 28 -28.37 -47.54 7.11
N GLY B 29 -28.08 -46.45 6.40
CA GLY B 29 -26.96 -46.42 5.47
C GLY B 29 -25.62 -46.24 6.18
N VAL B 30 -24.55 -46.27 5.37
CA VAL B 30 -23.17 -46.35 5.88
C VAL B 30 -22.69 -45.02 6.42
N GLY B 31 -23.47 -43.95 6.26
CA GLY B 31 -23.11 -42.67 6.83
C GLY B 31 -23.83 -42.28 8.10
N GLU B 32 -24.65 -43.17 8.66
CA GLU B 32 -25.51 -42.76 9.77
C GLU B 32 -24.73 -42.67 11.07
N PRO B 33 -24.62 -41.50 11.69
CA PRO B 33 -23.98 -41.41 13.00
C PRO B 33 -24.94 -41.85 14.08
N VAL B 34 -24.39 -42.33 15.20
CA VAL B 34 -25.22 -42.40 16.39
C VAL B 34 -25.44 -40.99 16.90
N ALA B 35 -26.67 -40.66 17.29
CA ALA B 35 -26.97 -39.33 17.75
C ALA B 35 -27.71 -39.38 19.08
N ILE B 36 -27.24 -38.62 20.05
CA ILE B 36 -27.94 -38.47 21.33
C ILE B 36 -28.22 -37.00 21.51
N ARG B 37 -29.50 -36.63 21.49
CA ARG B 37 -29.91 -35.25 21.63
C ARG B 37 -30.67 -35.13 22.93
N PHE B 38 -30.28 -34.16 23.75
CA PHE B 38 -30.91 -33.95 25.04
C PHE B 38 -31.93 -32.83 24.91
N ASP B 39 -32.96 -32.87 25.77
CA ASP B 39 -33.96 -31.81 25.67
C ASP B 39 -33.55 -30.55 26.45
N GLU B 40 -32.33 -30.52 26.96
CA GLU B 40 -31.74 -29.36 27.62
C GLU B 40 -30.30 -29.23 27.16
N ASN B 41 -29.73 -28.03 27.36
CA ASN B 41 -28.30 -27.84 27.16
C ASN B 41 -27.50 -28.65 28.17
N ILE B 42 -26.42 -29.27 27.72
CA ILE B 42 -25.62 -30.12 28.60
C ILE B 42 -24.38 -29.33 29.00
N ALA B 43 -24.26 -29.04 30.29
CA ALA B 43 -23.10 -28.33 30.80
C ALA B 43 -21.88 -29.23 30.90
N ASP B 44 -22.06 -30.49 31.29
CA ASP B 44 -20.95 -31.42 31.53
C ASP B 44 -20.95 -32.47 30.42
N ARG B 45 -20.32 -32.11 29.29
CA ARG B 45 -20.28 -33.01 28.14
C ARG B 45 -19.53 -34.30 28.46
N GLY B 46 -18.44 -34.21 29.23
CA GLY B 46 -17.71 -35.42 29.61
C GLY B 46 -18.54 -36.41 30.40
N ALA B 47 -19.41 -35.91 31.30
CA ALA B 47 -20.29 -36.81 32.03
C ALA B 47 -21.26 -37.51 31.09
N ALA B 48 -21.80 -36.76 30.13
CA ALA B 48 -22.69 -37.39 29.16
C ALA B 48 -21.96 -38.46 28.36
N GLU B 49 -20.75 -38.14 27.87
CA GLU B 49 -20.02 -39.13 27.07
C GLU B 49 -19.69 -40.36 27.89
N LYS B 50 -19.29 -40.16 29.15
CA LYS B 50 -18.95 -41.29 30.02
C LYS B 50 -20.16 -42.18 30.25
N ALA B 51 -21.36 -41.60 30.24
CA ALA B 51 -22.56 -42.40 30.44
C ALA B 51 -23.06 -43.12 29.18
N ILE B 52 -22.46 -42.87 28.02
CA ILE B 52 -22.95 -43.45 26.76
C ILE B 52 -21.97 -44.51 26.31
N LYS B 53 -22.46 -45.73 26.13
CA LYS B 53 -21.64 -46.86 25.74
C LYS B 53 -22.12 -47.37 24.40
N ILE B 54 -21.27 -47.25 23.39
CA ILE B 54 -21.57 -47.70 22.04
C ILE B 54 -20.67 -48.88 21.73
N THR B 55 -21.28 -50.00 21.34
CA THR B 55 -20.55 -51.20 20.96
C THR B 55 -20.94 -51.61 19.54
N THR B 56 -19.96 -52.09 18.78
CA THR B 56 -20.16 -52.41 17.37
C THR B 56 -19.68 -53.82 17.08
N ASN B 57 -20.31 -54.46 16.10
CA ASN B 57 -19.92 -55.80 15.67
C ASN B 57 -20.06 -55.90 14.16
N PRO B 58 -18.96 -56.01 13.38
CA PRO B 58 -17.56 -56.06 13.81
C PRO B 58 -17.11 -54.78 14.49
N PRO B 59 -16.21 -54.90 15.46
CA PRO B 59 -15.80 -53.72 16.22
C PRO B 59 -15.05 -52.74 15.34
N VAL B 60 -15.39 -51.46 15.49
CA VAL B 60 -14.65 -50.42 14.82
C VAL B 60 -14.47 -49.27 15.81
N GLU B 61 -13.34 -48.60 15.70
CA GLU B 61 -13.08 -47.44 16.53
C GLU B 61 -14.02 -46.30 16.17
N GLY B 62 -14.45 -45.53 17.16
CA GLY B 62 -15.22 -44.34 16.84
C GLY B 62 -15.12 -43.37 18.00
N ALA B 63 -15.77 -42.21 17.85
CA ALA B 63 -15.58 -41.17 18.85
C ALA B 63 -16.76 -40.21 18.83
N PHE B 64 -16.93 -39.50 19.96
CA PHE B 64 -17.95 -38.47 20.13
C PHE B 64 -17.49 -37.08 19.69
N TYR B 65 -18.43 -36.33 19.10
CA TYR B 65 -18.22 -34.92 18.79
C TYR B 65 -19.56 -34.22 18.97
N TRP B 66 -19.54 -33.06 19.62
CA TRP B 66 -20.77 -32.30 19.87
C TRP B 66 -21.01 -31.30 18.75
N LEU B 67 -22.18 -31.40 18.11
CA LEU B 67 -22.56 -30.41 17.09
C LEU B 67 -22.96 -29.09 17.73
N ASN B 68 -23.50 -29.16 18.95
CA ASN B 68 -23.92 -28.01 19.73
C ASN B 68 -24.16 -28.50 21.17
N ASN B 69 -24.67 -27.60 22.03
CA ASN B 69 -24.80 -27.93 23.44
C ASN B 69 -25.90 -28.95 23.70
N ARG B 70 -26.71 -29.26 22.69
CA ARG B 70 -27.82 -30.18 22.88
C ARG B 70 -27.55 -31.56 22.31
N GLU B 71 -26.57 -31.70 21.41
CA GLU B 71 -26.56 -32.97 20.66
C GLU B 71 -25.14 -33.46 20.41
N VAL B 72 -24.88 -34.73 20.80
CA VAL B 72 -23.59 -35.36 20.58
C VAL B 72 -23.75 -36.45 19.54
N ARG B 73 -22.73 -36.61 18.69
CA ARG B 73 -22.71 -37.63 17.66
C ARG B 73 -21.54 -38.57 17.88
N TRP B 74 -21.69 -39.81 17.44
CA TRP B 74 -20.60 -40.79 17.47
C TRP B 74 -20.52 -41.47 16.12
N ARG B 75 -19.31 -41.56 15.57
CA ARG B 75 -19.14 -42.24 14.30
C ARG B 75 -17.72 -42.76 14.18
N PRO B 76 -17.49 -43.72 13.29
CA PRO B 76 -16.11 -44.16 12.96
C PRO B 76 -15.42 -43.15 12.04
N GLU B 77 -14.15 -43.45 11.76
CA GLU B 77 -13.37 -42.60 10.86
C GLU B 77 -13.89 -42.68 9.43
N HIS B 78 -14.25 -43.88 8.97
CA HIS B 78 -14.76 -44.06 7.62
C HIS B 78 -16.18 -44.59 7.70
N PHE B 79 -16.89 -44.54 6.56
CA PHE B 79 -18.25 -45.06 6.48
C PHE B 79 -18.31 -46.47 7.06
N TRP B 80 -19.45 -46.79 7.65
CA TRP B 80 -19.66 -48.12 8.20
C TRP B 80 -19.54 -49.19 7.12
N LYS B 81 -19.05 -50.35 7.52
CA LYS B 81 -19.11 -51.61 6.79
C LYS B 81 -20.54 -52.15 6.75
N PRO B 82 -21.11 -52.40 5.56
CA PRO B 82 -22.46 -53.00 5.53
C PRO B 82 -22.54 -54.27 6.37
N GLY B 83 -23.67 -54.46 7.07
CA GLY B 83 -23.83 -55.59 7.93
C GLY B 83 -23.42 -55.35 9.38
N THR B 84 -22.75 -54.23 9.67
CA THR B 84 -22.36 -53.94 11.05
C THR B 84 -23.60 -53.77 11.94
N ALA B 85 -23.54 -54.36 13.12
CA ALA B 85 -24.52 -54.19 14.18
C ALA B 85 -24.02 -53.22 15.23
N VAL B 86 -24.90 -52.33 15.68
CA VAL B 86 -24.53 -51.27 16.60
C VAL B 86 -25.49 -51.27 17.79
N ASP B 87 -24.93 -51.29 19.00
CA ASP B 87 -25.66 -51.25 20.25
C ASP B 87 -25.34 -49.94 20.97
N VAL B 88 -26.38 -49.23 21.40
CA VAL B 88 -26.21 -47.94 22.07
C VAL B 88 -26.91 -48.03 23.42
N ALA B 89 -26.14 -47.85 24.49
CA ALA B 89 -26.69 -47.82 25.85
C ALA B 89 -26.43 -46.44 26.42
N VAL B 90 -27.49 -45.65 26.55
CA VAL B 90 -27.38 -44.31 27.13
C VAL B 90 -27.78 -44.44 28.59
N ASN B 91 -26.79 -44.57 29.45
CA ASN B 91 -27.04 -44.90 30.85
C ASN B 91 -27.03 -43.63 31.69
N THR B 92 -27.95 -42.73 31.37
CA THR B 92 -27.95 -41.40 31.96
C THR B 92 -28.85 -41.26 33.19
N TYR B 93 -29.58 -42.30 33.60
CA TYR B 93 -30.48 -42.19 34.75
C TYR B 93 -29.74 -41.76 36.01
N GLY B 94 -30.12 -40.61 36.54
CA GLY B 94 -29.51 -40.04 37.72
C GLY B 94 -28.14 -39.44 37.54
N VAL B 95 -27.63 -39.34 36.31
CA VAL B 95 -26.28 -38.82 36.09
C VAL B 95 -26.31 -37.30 36.18
N ASP B 96 -25.34 -36.75 36.93
CA ASP B 96 -25.16 -35.30 37.04
C ASP B 96 -24.55 -34.77 35.75
N LEU B 97 -25.35 -34.07 34.97
CA LEU B 97 -24.93 -33.51 33.70
C LEU B 97 -24.55 -32.04 33.80
N GLY B 98 -24.40 -31.52 35.01
CA GLY B 98 -23.93 -30.16 35.18
C GLY B 98 -25.04 -29.21 35.52
N GLU B 99 -24.72 -28.22 36.36
CA GLU B 99 -25.63 -27.11 36.71
C GLU B 99 -26.97 -27.61 37.26
N GLY B 100 -26.91 -28.64 38.10
CA GLY B 100 -28.12 -29.13 38.73
C GLY B 100 -29.02 -29.95 37.82
N MET B 101 -28.56 -30.23 36.60
CA MET B 101 -29.33 -30.99 35.63
C MET B 101 -28.96 -32.46 35.71
N PHE B 102 -29.97 -33.33 35.83
CA PHE B 102 -29.71 -34.75 35.95
C PHE B 102 -30.40 -35.51 34.83
N GLY B 103 -29.78 -36.61 34.42
CA GLY B 103 -30.39 -37.47 33.41
C GLY B 103 -31.65 -38.12 33.93
N GLU B 104 -32.70 -38.07 33.14
CA GLU B 104 -34.03 -38.50 33.60
C GLU B 104 -34.23 -40.01 33.49
N ASP B 105 -33.55 -40.66 32.57
CA ASP B 105 -33.78 -42.07 32.32
C ASP B 105 -32.63 -42.62 31.50
N ASN B 106 -32.60 -43.94 31.36
CA ASN B 106 -31.73 -44.61 30.41
C ASN B 106 -32.50 -44.85 29.12
N VAL B 107 -31.77 -44.88 28.00
CA VAL B 107 -32.37 -45.25 26.72
C VAL B 107 -31.44 -46.24 26.03
N GLN B 108 -32.02 -47.12 25.22
CA GLN B 108 -31.28 -48.15 24.48
C GLN B 108 -31.74 -48.20 23.03
N THR B 109 -30.80 -48.35 22.11
CA THR B 109 -31.17 -48.58 20.72
C THR B 109 -30.21 -49.59 20.14
N HIS B 110 -30.70 -50.41 19.22
CA HIS B 110 -29.89 -51.32 18.43
C HIS B 110 -30.25 -51.09 16.97
N PHE B 111 -29.26 -51.10 16.09
CA PHE B 111 -29.57 -50.94 14.67
C PHE B 111 -28.48 -51.62 13.85
N THR B 112 -28.73 -51.72 12.53
CA THR B 112 -27.80 -52.38 11.64
C THR B 112 -27.56 -51.50 10.42
N ILE B 113 -26.40 -51.71 9.81
CA ILE B 113 -26.00 -50.99 8.59
C ILE B 113 -26.39 -51.80 7.37
N GLY B 114 -27.09 -51.16 6.42
CA GLY B 114 -27.47 -51.80 5.18
C GLY B 114 -26.40 -51.67 4.09
N ASP B 115 -26.85 -51.73 2.84
CA ASP B 115 -25.95 -51.62 1.70
C ASP B 115 -25.28 -50.25 1.65
N GLU B 116 -24.13 -50.21 0.97
CA GLU B 116 -23.41 -48.97 0.74
C GLU B 116 -24.09 -48.25 -0.42
N VAL B 117 -24.71 -47.10 -0.13
CA VAL B 117 -25.41 -46.31 -1.14
C VAL B 117 -24.81 -44.92 -1.14
N ILE B 118 -24.14 -44.58 -2.23
CA ILE B 118 -23.45 -43.29 -2.36
C ILE B 118 -23.87 -42.67 -3.68
N ALA B 119 -24.50 -41.50 -3.59
CA ALA B 119 -24.95 -40.77 -4.75
C ALA B 119 -24.05 -39.56 -4.92
N THR B 120 -23.44 -39.42 -6.09
CA THR B 120 -22.50 -38.33 -6.35
C THR B 120 -23.16 -37.35 -7.29
N ALA B 121 -23.29 -36.10 -6.85
CA ALA B 121 -23.85 -35.03 -7.68
C ALA B 121 -22.65 -34.26 -8.19
N ASP B 122 -22.32 -34.44 -9.47
CA ASP B 122 -21.15 -33.80 -10.07
C ASP B 122 -21.61 -32.61 -10.89
N ASP B 123 -21.19 -31.41 -10.45
CA ASP B 123 -21.58 -30.17 -11.09
C ASP B 123 -20.92 -29.99 -12.44
N ASN B 124 -19.79 -30.65 -12.66
CA ASN B 124 -19.16 -30.56 -13.98
C ASN B 124 -19.99 -31.24 -15.06
N THR B 125 -20.73 -32.27 -14.69
CA THR B 125 -21.60 -32.98 -15.63
C THR B 125 -23.07 -32.70 -15.39
N LYS B 126 -23.44 -32.16 -14.23
CA LYS B 126 -24.83 -31.95 -13.86
C LYS B 126 -25.56 -33.28 -13.82
N ILE B 127 -24.85 -34.32 -13.35
CA ILE B 127 -25.46 -35.66 -13.25
C ILE B 127 -25.29 -36.14 -11.81
N LEU B 128 -26.37 -36.69 -11.26
CA LEU B 128 -26.37 -37.35 -9.94
C LEU B 128 -26.37 -38.85 -10.19
N THR B 129 -25.28 -39.51 -9.83
CA THR B 129 -25.14 -40.94 -10.08
C THR B 129 -25.24 -41.69 -8.76
N VAL B 130 -26.15 -42.67 -8.69
CA VAL B 130 -26.37 -43.47 -7.49
C VAL B 130 -25.65 -44.82 -7.66
N ARG B 131 -24.73 -45.11 -6.73
CA ARG B 131 -23.98 -46.36 -6.69
C ARG B 131 -24.36 -47.16 -5.46
N VAL B 132 -24.67 -48.44 -5.66
CA VAL B 132 -25.00 -49.36 -4.58
C VAL B 132 -23.89 -50.41 -4.52
N ASN B 133 -23.16 -50.45 -3.42
CA ASN B 133 -22.00 -51.33 -3.26
C ASN B 133 -21.06 -51.23 -4.46
N GLY B 134 -20.83 -50.00 -4.90
CA GLY B 134 -19.90 -49.71 -5.95
C GLY B 134 -20.51 -49.65 -7.34
N GLU B 135 -21.73 -50.14 -7.52
CA GLU B 135 -22.25 -50.22 -8.86
C GLU B 135 -23.33 -49.20 -9.17
N VAL B 136 -23.18 -48.58 -10.33
CA VAL B 136 -24.15 -47.59 -10.78
C VAL B 136 -25.49 -48.26 -10.95
N VAL B 137 -26.49 -47.78 -10.21
CA VAL B 137 -27.85 -48.24 -10.41
C VAL B 137 -28.72 -47.14 -10.98
N LYS B 138 -28.31 -45.86 -10.87
CA LYS B 138 -29.17 -44.82 -11.44
C LYS B 138 -28.34 -43.61 -11.84
N SER B 139 -28.71 -42.96 -12.95
CA SER B 139 -28.13 -41.71 -13.38
C SER B 139 -29.26 -40.70 -13.56
N MET B 140 -29.18 -39.57 -12.85
CA MET B 140 -30.24 -38.56 -12.86
C MET B 140 -29.70 -37.20 -13.29
N PRO B 141 -30.17 -36.60 -14.38
CA PRO B 141 -29.84 -35.19 -14.62
C PRO B 141 -30.32 -34.32 -13.46
N THR B 142 -29.52 -33.31 -13.11
CA THR B 142 -29.90 -32.46 -11.99
C THR B 142 -29.58 -31.00 -12.30
N SER B 143 -30.26 -30.13 -11.58
CA SER B 143 -29.98 -28.70 -11.61
C SER B 143 -29.76 -28.28 -10.17
N MET B 144 -28.56 -27.78 -9.86
CA MET B 144 -28.21 -27.41 -8.51
C MET B 144 -28.30 -25.89 -8.35
N GLY B 145 -27.73 -25.36 -7.28
CA GLY B 145 -27.91 -23.95 -6.96
C GLY B 145 -27.24 -23.07 -8.01
N LYS B 146 -27.94 -21.99 -8.40
CA LYS B 146 -27.35 -21.00 -9.28
C LYS B 146 -26.12 -20.36 -8.62
N ASP B 147 -25.28 -19.69 -9.43
CA ASP B 147 -24.01 -19.18 -8.93
C ASP B 147 -24.15 -18.28 -7.71
N SER B 148 -25.22 -17.50 -7.62
CA SER B 148 -25.41 -16.60 -6.48
C SER B 148 -25.92 -17.33 -5.24
N THR B 149 -26.52 -18.50 -5.39
CA THR B 149 -27.00 -19.31 -4.28
C THR B 149 -26.60 -20.76 -4.52
N PRO B 150 -25.30 -21.05 -4.47
CA PRO B 150 -24.81 -22.34 -4.94
C PRO B 150 -25.03 -23.45 -3.93
N THR B 151 -24.99 -24.68 -4.42
CA THR B 151 -25.00 -25.85 -3.57
C THR B 151 -23.59 -26.06 -3.02
N ALA B 152 -23.47 -26.20 -1.69
CA ALA B 152 -22.16 -26.43 -1.12
C ALA B 152 -21.62 -27.80 -1.48
N ASN B 153 -20.31 -27.89 -1.70
CA ASN B 153 -19.69 -29.18 -1.90
C ASN B 153 -19.62 -29.91 -0.57
N GLY B 154 -19.50 -31.23 -0.64
CA GLY B 154 -19.17 -32.00 0.55
C GLY B 154 -20.00 -33.25 0.68
N ILE B 155 -19.85 -33.91 1.83
CA ILE B 155 -20.54 -35.16 2.13
C ILE B 155 -21.78 -34.80 2.94
N TYR B 156 -22.94 -35.23 2.44
CA TYR B 156 -24.23 -35.03 3.07
C TYR B 156 -24.80 -36.37 3.46
N ILE B 157 -25.33 -36.46 4.69
CA ILE B 157 -26.03 -37.65 5.13
C ILE B 157 -27.51 -37.50 4.78
N VAL B 158 -28.09 -38.54 4.19
CA VAL B 158 -29.52 -38.56 3.92
C VAL B 158 -30.29 -38.62 5.23
N GLY B 159 -31.29 -37.73 5.36
CA GLY B 159 -32.13 -37.65 6.53
C GLY B 159 -33.53 -38.13 6.22
N SER B 160 -34.54 -37.32 6.59
CA SER B 160 -35.95 -37.64 6.45
C SER B 160 -36.41 -37.48 4.99
N ARG B 161 -37.55 -38.09 4.68
CA ARG B 161 -38.14 -37.99 3.34
C ARG B 161 -39.59 -37.58 3.46
N TYR B 162 -40.07 -36.87 2.45
CA TYR B 162 -41.43 -36.34 2.44
C TYR B 162 -42.07 -36.60 1.09
N LYS B 163 -43.28 -37.18 1.08
CA LYS B 163 -44.00 -37.24 -0.20
C LYS B 163 -44.36 -35.85 -0.68
N HIS B 164 -44.59 -34.93 0.24
CA HIS B 164 -44.90 -33.54 -0.08
C HIS B 164 -44.39 -32.68 1.05
N ILE B 165 -43.84 -31.52 0.70
CA ILE B 165 -43.38 -30.54 1.68
C ILE B 165 -43.52 -29.14 1.10
N ILE B 166 -43.71 -28.16 1.98
CA ILE B 166 -43.82 -26.75 1.60
C ILE B 166 -42.49 -26.06 1.84
N MET B 167 -41.93 -25.43 0.81
CA MET B 167 -40.75 -24.59 0.98
C MET B 167 -41.24 -23.15 1.08
N ASP B 168 -41.02 -22.53 2.23
CA ASP B 168 -41.56 -21.20 2.49
C ASP B 168 -40.40 -20.32 2.92
N SER B 169 -40.10 -19.28 2.13
CA SER B 169 -38.93 -18.46 2.43
C SER B 169 -39.04 -17.72 3.75
N SER B 170 -40.24 -17.56 4.31
CA SER B 170 -40.37 -16.82 5.56
C SER B 170 -39.75 -17.56 6.75
N THR B 171 -39.62 -18.89 6.68
CA THR B 171 -38.89 -19.56 7.75
C THR B 171 -37.41 -19.21 7.73
N TYR B 172 -36.92 -18.63 6.63
CA TYR B 172 -35.58 -18.07 6.55
C TYR B 172 -35.57 -16.55 6.75
N GLY B 173 -36.69 -15.97 7.14
CA GLY B 173 -36.76 -14.53 7.33
C GLY B 173 -36.97 -13.73 6.08
N VAL B 174 -37.28 -14.35 4.95
CA VAL B 174 -37.52 -13.67 3.68
C VAL B 174 -39.02 -13.70 3.41
N PRO B 175 -39.71 -12.56 3.45
CA PRO B 175 -41.17 -12.59 3.24
C PRO B 175 -41.53 -13.17 1.89
N VAL B 176 -42.63 -13.92 1.86
CA VAL B 176 -43.09 -14.53 0.61
C VAL B 176 -43.39 -13.47 -0.42
N ASN B 177 -44.18 -12.46 -0.03
CA ASN B 177 -44.49 -11.34 -0.94
C ASN B 177 -43.36 -10.31 -0.86
N SER B 178 -42.23 -10.72 -1.41
CA SER B 178 -41.04 -9.88 -1.54
C SER B 178 -40.33 -10.33 -2.81
N PRO B 179 -39.47 -9.47 -3.37
CA PRO B 179 -38.82 -9.82 -4.65
C PRO B 179 -38.14 -11.18 -4.69
N ASN B 180 -37.57 -11.67 -3.59
CA ASN B 180 -36.95 -12.99 -3.60
C ASN B 180 -37.70 -14.01 -2.74
N GLY B 181 -38.87 -13.67 -2.21
CA GLY B 181 -39.70 -14.65 -1.53
C GLY B 181 -40.05 -15.86 -2.39
N TYR B 182 -40.61 -16.87 -1.73
CA TYR B 182 -41.19 -18.01 -2.43
C TYR B 182 -42.06 -18.80 -1.46
N ARG B 183 -43.06 -19.49 -2.01
CA ARG B 183 -43.85 -20.49 -1.28
C ARG B 183 -44.18 -21.59 -2.28
N THR B 184 -43.44 -22.71 -2.19
CA THR B 184 -43.42 -23.75 -3.21
C THR B 184 -43.91 -25.07 -2.64
N ASP B 185 -44.87 -25.69 -3.32
CA ASP B 185 -45.23 -27.08 -3.08
C ASP B 185 -44.23 -27.99 -3.78
N VAL B 186 -43.64 -28.93 -3.04
CA VAL B 186 -42.62 -29.81 -3.58
C VAL B 186 -42.98 -31.27 -3.31
N ASP B 187 -42.88 -32.12 -4.34
CA ASP B 187 -43.09 -33.56 -4.22
C ASP B 187 -41.77 -34.30 -4.04
N TRP B 188 -41.82 -35.44 -3.34
CA TRP B 188 -40.74 -36.43 -3.30
C TRP B 188 -39.42 -35.80 -2.87
N ALA B 189 -39.40 -35.28 -1.65
CA ALA B 189 -38.27 -34.50 -1.14
C ALA B 189 -37.50 -35.32 -0.13
N THR B 190 -36.22 -35.56 -0.41
CA THR B 190 -35.33 -36.23 0.52
C THR B 190 -34.39 -35.21 1.13
N GLN B 191 -34.40 -35.07 2.45
CA GLN B 191 -33.59 -34.06 3.10
C GLN B 191 -32.13 -34.53 3.19
N ILE B 192 -31.19 -33.62 2.89
CA ILE B 192 -29.77 -33.97 3.01
C ILE B 192 -28.97 -32.91 3.78
N SER B 193 -29.57 -31.78 4.17
CA SER B 193 -28.96 -30.94 5.19
C SER B 193 -30.03 -30.31 6.08
N TYR B 194 -29.67 -30.08 7.35
CA TYR B 194 -30.58 -29.31 8.22
C TYR B 194 -30.79 -27.90 7.70
N SER B 195 -29.78 -27.33 7.02
CA SER B 195 -29.89 -25.97 6.51
C SER B 195 -30.97 -25.84 5.46
N GLY B 196 -31.37 -26.95 4.84
CA GLY B 196 -32.54 -26.92 3.96
C GLY B 196 -32.30 -27.50 2.58
N VAL B 197 -31.15 -28.14 2.34
CA VAL B 197 -30.91 -28.78 1.05
C VAL B 197 -31.72 -30.09 0.97
N PHE B 198 -32.46 -30.24 -0.11
CA PHE B 198 -33.22 -31.44 -0.46
C PHE B 198 -32.88 -31.89 -1.86
N VAL B 199 -33.01 -33.20 -2.09
CA VAL B 199 -33.20 -33.75 -3.43
C VAL B 199 -34.71 -33.84 -3.65
N HIS B 200 -35.23 -33.25 -4.73
CA HIS B 200 -36.68 -33.28 -4.85
C HIS B 200 -37.13 -33.08 -6.29
N SER B 201 -38.42 -33.32 -6.50
CA SER B 201 -39.01 -33.19 -7.83
C SER B 201 -39.10 -31.71 -8.19
N ALA B 202 -38.70 -31.38 -9.42
CA ALA B 202 -38.75 -30.00 -9.89
C ALA B 202 -39.14 -29.99 -11.35
N PRO B 203 -40.42 -30.20 -11.66
CA PRO B 203 -40.87 -30.11 -13.06
C PRO B 203 -40.51 -28.79 -13.69
N TRP B 204 -40.38 -27.72 -12.91
CA TRP B 204 -40.11 -26.40 -13.47
C TRP B 204 -38.69 -26.24 -14.00
N SER B 205 -37.78 -27.16 -13.71
CA SER B 205 -36.43 -27.02 -14.22
C SER B 205 -35.99 -28.22 -15.06
N VAL B 206 -36.92 -29.02 -15.56
CA VAL B 206 -36.54 -30.25 -16.26
C VAL B 206 -35.64 -29.95 -17.46
N GLY B 207 -35.90 -28.84 -18.18
CA GLY B 207 -35.04 -28.51 -19.30
C GLY B 207 -33.64 -28.08 -18.91
N ALA B 208 -33.47 -27.56 -17.70
CA ALA B 208 -32.16 -27.15 -17.21
C ALA B 208 -31.41 -28.30 -16.56
N GLN B 209 -32.12 -29.32 -16.08
CA GLN B 209 -31.46 -30.44 -15.41
C GLN B 209 -30.50 -31.12 -16.36
N GLY B 210 -29.27 -31.33 -15.93
CA GLY B 210 -28.25 -31.83 -16.83
C GLY B 210 -27.52 -30.77 -17.61
N HIS B 211 -27.89 -29.49 -17.48
CA HIS B 211 -27.34 -28.42 -18.31
C HIS B 211 -26.94 -27.17 -17.53
N THR B 212 -27.84 -26.67 -16.68
CA THR B 212 -27.70 -25.36 -16.05
C THR B 212 -28.23 -25.42 -14.63
N ASN B 213 -27.56 -24.73 -13.73
CA ASN B 213 -28.00 -24.64 -12.33
C ASN B 213 -28.98 -23.49 -12.16
N THR B 214 -30.15 -23.80 -11.60
CA THR B 214 -31.20 -22.80 -11.44
C THR B 214 -31.81 -22.73 -10.05
N SER B 215 -31.36 -23.56 -9.10
CA SER B 215 -32.09 -23.66 -7.85
C SER B 215 -31.55 -22.68 -6.81
N HIS B 216 -32.20 -22.67 -5.64
CA HIS B 216 -31.70 -21.94 -4.47
C HIS B 216 -30.66 -22.72 -3.68
N GLY B 217 -30.23 -23.88 -4.17
CA GLY B 217 -29.30 -24.72 -3.43
C GLY B 217 -29.69 -26.17 -3.48
N CYS B 218 -30.98 -26.42 -3.65
CA CYS B 218 -31.49 -27.79 -3.68
C CYS B 218 -31.03 -28.53 -4.94
N LEU B 219 -31.12 -29.86 -4.87
CA LEU B 219 -30.80 -30.74 -6.00
C LEU B 219 -32.12 -31.05 -6.70
N ASN B 220 -32.42 -30.25 -7.75
CA ASN B 220 -33.62 -30.47 -8.57
C ASN B 220 -33.43 -31.67 -9.47
N VAL B 221 -34.39 -32.58 -9.49
CA VAL B 221 -34.40 -33.68 -10.44
C VAL B 221 -35.82 -33.85 -10.97
N SER B 222 -36.01 -34.77 -11.92
CA SER B 222 -37.31 -34.98 -12.52
C SER B 222 -38.28 -35.60 -11.51
N PRO B 223 -39.59 -35.48 -11.74
CA PRO B 223 -40.54 -36.16 -10.83
C PRO B 223 -40.27 -37.65 -10.66
N SER B 224 -40.02 -38.37 -11.75
CA SER B 224 -39.79 -39.81 -11.65
C SER B 224 -38.50 -40.11 -10.89
N ASN B 225 -37.43 -39.35 -11.16
CA ASN B 225 -36.18 -39.59 -10.47
C ASN B 225 -36.27 -39.22 -8.99
N ALA B 226 -37.02 -38.17 -8.67
CA ALA B 226 -37.22 -37.80 -7.27
C ALA B 226 -37.99 -38.88 -6.54
N GLN B 227 -39.01 -39.45 -7.18
CA GLN B 227 -39.74 -40.54 -6.53
C GLN B 227 -38.85 -41.76 -6.37
N TRP B 228 -38.03 -42.05 -7.39
CA TRP B 228 -37.07 -43.15 -7.28
C TRP B 228 -36.16 -42.94 -6.07
N PHE B 229 -35.61 -41.74 -5.92
CA PHE B 229 -34.73 -41.44 -4.79
C PHE B 229 -35.47 -41.60 -3.46
N TYR B 230 -36.71 -41.11 -3.39
CA TYR B 230 -37.54 -41.26 -2.20
C TYR B 230 -37.75 -42.73 -1.86
N ASP B 231 -37.96 -43.57 -2.88
CA ASP B 231 -38.28 -44.97 -2.68
C ASP B 231 -37.07 -45.81 -2.32
N HIS B 232 -35.89 -45.44 -2.84
CA HIS B 232 -34.75 -46.35 -2.82
C HIS B 232 -33.60 -45.92 -1.94
N VAL B 233 -33.52 -44.65 -1.57
CA VAL B 233 -32.45 -44.14 -0.73
C VAL B 233 -32.99 -43.98 0.68
N LYS B 234 -32.22 -44.42 1.68
CA LYS B 234 -32.70 -44.48 3.04
C LYS B 234 -31.87 -43.57 3.93
N ARG B 235 -32.37 -43.34 5.14
CA ARG B 235 -31.66 -42.51 6.10
C ARG B 235 -30.28 -43.13 6.34
N GLY B 236 -29.25 -42.29 6.37
CA GLY B 236 -27.88 -42.74 6.50
C GLY B 236 -27.14 -42.99 5.20
N ASP B 237 -27.83 -43.10 4.07
CA ASP B 237 -27.15 -43.12 2.79
C ASP B 237 -26.43 -41.79 2.57
N ILE B 238 -25.58 -41.73 1.54
CA ILE B 238 -24.66 -40.61 1.37
C ILE B 238 -24.94 -39.92 0.05
N VAL B 239 -24.98 -38.59 0.05
CA VAL B 239 -24.89 -37.79 -1.17
C VAL B 239 -23.60 -36.97 -1.08
N GLU B 240 -22.73 -37.08 -2.07
CA GLU B 240 -21.53 -36.25 -2.12
C GLU B 240 -21.69 -35.28 -3.28
N VAL B 241 -21.56 -34.00 -2.99
CA VAL B 241 -21.60 -32.96 -4.00
C VAL B 241 -20.17 -32.57 -4.31
N VAL B 242 -19.84 -32.51 -5.61
CA VAL B 242 -18.49 -32.13 -6.01
C VAL B 242 -18.54 -31.11 -7.13
N ASN B 243 -17.54 -30.23 -7.16
CA ASN B 243 -17.24 -29.33 -8.28
C ASN B 243 -18.21 -28.17 -8.44
N THR B 244 -18.97 -27.82 -7.42
CA THR B 244 -19.75 -26.60 -7.50
C THR B 244 -18.87 -25.40 -7.15
N VAL B 245 -19.42 -24.21 -7.37
CA VAL B 245 -18.69 -22.99 -7.04
C VAL B 245 -18.95 -22.59 -5.60
N GLY B 246 -19.66 -23.42 -4.86
CA GLY B 246 -19.91 -23.16 -3.45
C GLY B 246 -18.74 -23.52 -2.57
N GLY B 247 -18.91 -23.27 -1.28
CA GLY B 247 -17.91 -23.72 -0.33
C GLY B 247 -18.13 -25.16 0.04
N THR B 248 -17.92 -25.48 1.31
CA THR B 248 -18.11 -26.83 1.83
C THR B 248 -19.20 -26.79 2.89
N LEU B 249 -20.05 -27.81 2.89
CA LEU B 249 -21.10 -27.91 3.90
C LEU B 249 -20.50 -27.86 5.30
N PRO B 250 -21.06 -27.08 6.22
CA PRO B 250 -20.53 -27.05 7.60
C PRO B 250 -20.60 -28.41 8.27
N GLY B 251 -19.53 -28.77 8.97
CA GLY B 251 -19.51 -30.04 9.66
C GLY B 251 -20.55 -30.17 10.75
N ILE B 252 -21.02 -29.05 11.30
CA ILE B 252 -21.99 -29.09 12.38
C ILE B 252 -23.41 -28.78 11.89
N ASP B 253 -23.65 -28.93 10.58
CA ASP B 253 -25.00 -28.66 10.05
C ASP B 253 -26.07 -29.50 10.74
N GLY B 254 -25.76 -30.74 11.07
CA GLY B 254 -26.77 -31.71 11.45
C GLY B 254 -26.68 -32.96 10.58
N LEU B 255 -26.34 -32.75 9.30
CA LEU B 255 -26.11 -33.86 8.39
C LEU B 255 -24.75 -33.72 7.72
N GLY B 256 -23.87 -32.86 8.23
CA GLY B 256 -22.57 -32.64 7.62
C GLY B 256 -21.39 -33.28 8.36
N ASP B 257 -21.68 -34.25 9.24
CA ASP B 257 -20.68 -34.80 10.17
C ASP B 257 -19.39 -35.25 9.49
N TRP B 258 -19.51 -35.85 8.29
CA TRP B 258 -18.34 -36.46 7.64
C TRP B 258 -17.38 -35.43 7.05
N ASN B 259 -17.76 -34.15 7.05
CA ASN B 259 -16.87 -33.12 6.55
C ASN B 259 -15.87 -32.63 7.59
N ILE B 260 -16.00 -33.08 8.83
CA ILE B 260 -15.03 -32.73 9.90
C ILE B 260 -13.88 -33.74 9.80
N PRO B 261 -12.64 -33.27 9.67
CA PRO B 261 -11.51 -34.21 9.58
C PRO B 261 -11.45 -35.09 10.82
N TRP B 262 -11.00 -36.33 10.59
CA TRP B 262 -11.03 -37.32 11.67
C TRP B 262 -10.20 -36.91 12.87
N ASP B 263 -9.03 -36.27 12.67
CA ASP B 263 -8.25 -35.94 13.85
C ASP B 263 -8.98 -34.93 14.73
N GLN B 264 -9.71 -33.99 14.11
CA GLN B 264 -10.51 -33.04 14.86
C GLN B 264 -11.71 -33.72 15.50
N TRP B 265 -12.39 -34.59 14.75
CA TRP B 265 -13.56 -35.28 15.30
C TRP B 265 -13.16 -36.13 16.50
N ARG B 266 -12.13 -36.95 16.33
CA ARG B 266 -11.73 -37.88 17.37
C ARG B 266 -11.25 -37.13 18.61
N ALA B 267 -10.52 -36.02 18.42
CA ALA B 267 -10.10 -35.25 19.58
C ALA B 267 -11.30 -34.76 20.40
N GLY B 268 -12.43 -34.52 19.76
CA GLY B 268 -13.64 -34.20 20.48
C GLY B 268 -13.67 -32.77 20.98
N ASN B 269 -14.77 -32.45 21.66
CA ASN B 269 -14.95 -31.10 22.17
C ASN B 269 -15.70 -31.14 23.50
N ALA B 270 -15.38 -32.14 24.32
CA ALA B 270 -15.93 -32.27 25.66
C ALA B 270 -15.05 -31.52 26.66
N LEU C 5 23.26 -4.05 14.34
CA LEU C 5 23.54 -4.85 13.16
C LEU C 5 23.72 -6.33 13.50
N THR C 6 23.05 -7.18 12.74
CA THR C 6 23.17 -8.62 12.86
C THR C 6 23.87 -9.16 11.62
N PHE C 7 24.84 -10.05 11.82
CA PHE C 7 25.60 -10.56 10.68
C PHE C 7 24.75 -11.53 9.89
N GLN C 8 24.89 -11.47 8.57
CA GLN C 8 24.27 -12.45 7.70
C GLN C 8 25.35 -13.18 6.94
N THR C 9 25.23 -14.50 6.87
CA THR C 9 26.15 -15.31 6.10
C THR C 9 25.79 -15.22 4.64
N SER C 10 26.80 -15.32 3.78
CA SER C 10 26.56 -15.12 2.36
C SER C 10 27.51 -15.98 1.54
N SER C 11 27.20 -16.05 0.25
CA SER C 11 27.92 -16.78 -0.77
C SER C 11 27.82 -15.89 -2.00
N PRO C 12 28.91 -15.72 -2.75
CA PRO C 12 28.83 -14.90 -3.98
C PRO C 12 27.88 -15.49 -5.00
N ALA C 13 27.49 -16.75 -4.86
CA ALA C 13 26.57 -17.40 -5.79
C ALA C 13 25.11 -17.19 -5.43
N HIS C 14 24.81 -16.59 -4.28
CA HIS C 14 23.43 -16.47 -3.80
C HIS C 14 23.21 -15.09 -3.19
N LEU C 15 23.84 -14.07 -3.78
CA LEU C 15 23.66 -12.69 -3.36
C LEU C 15 23.17 -11.83 -4.51
N THR C 16 22.35 -10.84 -4.19
CA THR C 16 21.98 -9.80 -5.15
C THR C 16 22.12 -8.44 -4.50
N MET C 17 22.64 -7.48 -5.27
CA MET C 17 22.87 -6.14 -4.80
C MET C 17 21.82 -5.21 -5.40
N PRO C 18 21.18 -4.36 -4.60
CA PRO C 18 20.30 -3.35 -5.17
C PRO C 18 21.09 -2.14 -5.60
N TYR C 19 20.59 -1.48 -6.65
CA TYR C 19 21.13 -0.24 -7.17
C TYR C 19 19.97 0.74 -7.25
N VAL C 20 20.07 1.83 -6.50
CA VAL C 20 18.99 2.79 -6.40
C VAL C 20 19.30 4.02 -7.24
N MET C 21 18.28 4.55 -7.90
CA MET C 21 18.31 5.80 -8.63
C MET C 21 17.07 6.58 -8.23
N PRO C 22 17.13 7.93 -8.29
CA PRO C 22 18.25 8.74 -8.79
C PRO C 22 19.40 8.86 -7.79
N GLY C 23 20.43 9.59 -8.18
CA GLY C 23 21.63 9.67 -7.36
C GLY C 23 21.42 10.44 -6.07
N ASP C 24 22.23 10.10 -5.08
CA ASP C 24 22.16 10.74 -3.78
C ASP C 24 22.49 12.23 -3.91
N GLY C 25 21.60 13.08 -3.40
CA GLY C 25 21.77 14.52 -3.41
C GLY C 25 21.35 15.21 -4.69
N GLU C 26 20.82 14.47 -5.67
CA GLU C 26 20.50 15.05 -6.97
C GLU C 26 19.21 15.86 -6.90
N VAL C 27 19.09 16.82 -7.81
CA VAL C 27 17.83 17.50 -8.08
C VAL C 27 17.31 16.94 -9.40
N VAL C 28 16.07 16.41 -9.40
CA VAL C 28 15.51 15.80 -10.58
C VAL C 28 14.17 16.45 -10.91
N GLY C 29 13.68 16.16 -12.10
CA GLY C 29 12.41 16.71 -12.57
C GLY C 29 11.22 16.01 -11.95
N VAL C 30 10.04 16.53 -12.29
CA VAL C 30 8.79 16.13 -11.63
C VAL C 30 8.29 14.77 -12.10
N GLY C 31 8.92 14.17 -13.10
CA GLY C 31 8.54 12.85 -13.54
C GLY C 31 9.45 11.73 -13.08
N GLU C 32 10.44 12.00 -12.23
CA GLU C 32 11.44 10.98 -11.91
C GLU C 32 10.89 9.96 -10.93
N PRO C 33 10.81 8.68 -11.31
CA PRO C 33 10.44 7.64 -10.34
C PRO C 33 11.63 7.25 -9.49
N VAL C 34 11.33 6.74 -8.28
CA VAL C 34 12.35 5.99 -7.56
C VAL C 34 12.56 4.67 -8.28
N ALA C 35 13.83 4.28 -8.45
CA ALA C 35 14.12 3.04 -9.14
C ALA C 35 15.07 2.18 -8.32
N ILE C 36 14.68 0.93 -8.10
CA ILE C 36 15.57 -0.03 -7.45
C ILE C 36 15.76 -1.18 -8.42
N ARG C 37 16.98 -1.32 -8.92
CA ARG C 37 17.31 -2.35 -9.90
C ARG C 37 18.26 -3.33 -9.23
N PHE C 38 17.93 -4.62 -9.30
CA PHE C 38 18.76 -5.63 -8.68
C PHE C 38 19.64 -6.29 -9.74
N ASP C 39 20.81 -6.78 -9.32
CA ASP C 39 21.68 -7.41 -10.32
C ASP C 39 21.32 -8.89 -10.55
N GLU C 40 20.21 -9.36 -9.98
CA GLU C 40 19.68 -10.70 -10.22
C GLU C 40 18.17 -10.59 -10.35
N ASN C 41 17.55 -11.59 -10.96
CA ASN C 41 16.09 -11.65 -10.97
C ASN C 41 15.56 -11.89 -9.56
N ILE C 42 14.47 -11.20 -9.23
CA ILE C 42 13.87 -11.27 -7.90
C ILE C 42 12.67 -12.20 -7.98
N ALA C 43 12.76 -13.32 -7.26
CA ALA C 43 11.66 -14.28 -7.23
C ALA C 43 10.52 -13.82 -6.32
N ASP C 44 10.84 -13.17 -5.21
CA ASP C 44 9.84 -12.75 -4.22
C ASP C 44 9.73 -11.22 -4.24
N ARG C 45 8.89 -10.72 -5.14
CA ARG C 45 8.75 -9.27 -5.27
C ARG C 45 8.19 -8.64 -4.00
N GLY C 46 7.26 -9.33 -3.34
CA GLY C 46 6.69 -8.79 -2.11
C GLY C 46 7.74 -8.59 -1.02
N ALA C 47 8.70 -9.52 -0.92
CA ALA C 47 9.77 -9.35 0.05
C ALA C 47 10.63 -8.13 -0.28
N ALA C 48 10.94 -7.92 -1.56
CA ALA C 48 11.69 -6.73 -1.95
C ALA C 48 10.91 -5.47 -1.61
N GLU C 49 9.61 -5.43 -1.96
CA GLU C 49 8.84 -4.22 -1.67
C GLU C 49 8.77 -3.94 -0.18
N LYS C 50 8.59 -4.99 0.64
CA LYS C 50 8.50 -4.80 2.09
C LYS C 50 9.79 -4.25 2.67
N ALA C 51 10.92 -4.57 2.05
CA ALA C 51 12.22 -4.09 2.51
C ALA C 51 12.55 -2.69 2.02
N ILE C 52 11.76 -2.12 1.11
CA ILE C 52 12.07 -0.81 0.54
C ILE C 52 11.11 0.19 1.11
N LYS C 53 11.66 1.27 1.67
CA LYS C 53 10.86 2.20 2.45
C LYS C 53 11.15 3.61 1.93
N ILE C 54 10.14 4.22 1.34
CA ILE C 54 10.26 5.53 0.72
C ILE C 54 9.42 6.52 1.49
N THR C 55 10.04 7.62 1.94
CA THR C 55 9.34 8.67 2.68
C THR C 55 9.49 9.97 1.91
N THR C 56 8.43 10.78 1.87
CA THR C 56 8.39 12.01 1.10
C THR C 56 7.98 13.18 2.00
N ASN C 57 8.47 14.38 1.66
CA ASN C 57 8.14 15.61 2.36
C ASN C 57 8.02 16.77 1.38
N PRO C 58 6.82 17.33 1.13
CA PRO C 58 5.54 16.95 1.70
C PRO C 58 5.14 15.52 1.32
N PRO C 59 4.48 14.83 2.23
CA PRO C 59 4.13 13.43 1.98
C PRO C 59 3.12 13.31 0.85
N VAL C 60 3.36 12.32 -0.02
CA VAL C 60 2.43 11.99 -1.08
C VAL C 60 2.34 10.48 -1.15
N GLU C 61 1.16 9.97 -1.44
CA GLU C 61 1.00 8.53 -1.60
C GLU C 61 1.67 8.09 -2.88
N GLY C 62 2.26 6.89 -2.86
CA GLY C 62 2.81 6.33 -4.06
C GLY C 62 2.83 4.82 -3.94
N ALA C 63 3.33 4.17 -4.98
CA ALA C 63 3.25 2.71 -5.00
C ALA C 63 4.32 2.14 -5.91
N PHE C 64 4.60 0.86 -5.69
CA PHE C 64 5.58 0.09 -6.46
C PHE C 64 4.95 -0.57 -7.68
N TYR C 65 5.71 -0.61 -8.77
CA TYR C 65 5.33 -1.39 -9.96
C TYR C 65 6.61 -1.92 -10.59
N TRP C 66 6.62 -3.20 -10.96
CA TRP C 66 7.80 -3.85 -11.51
C TRP C 66 7.79 -3.76 -13.03
N LEU C 67 8.85 -3.17 -13.59
CA LEU C 67 8.98 -3.12 -15.04
C LEU C 67 9.38 -4.47 -15.60
N ASN C 68 10.11 -5.24 -14.81
CA ASN C 68 10.56 -6.58 -15.18
C ASN C 68 11.09 -7.25 -13.93
N ASN C 69 11.64 -8.45 -14.10
CA ASN C 69 12.05 -9.23 -12.95
C ASN C 69 13.24 -8.62 -12.22
N ARG C 70 13.88 -7.61 -12.80
CA ARG C 70 15.05 -7.02 -12.18
C ARG C 70 14.78 -5.67 -11.54
N GLU C 71 13.70 -4.98 -11.92
CA GLU C 71 13.67 -3.56 -11.57
C GLU C 71 12.28 -3.13 -11.14
N VAL C 72 12.20 -2.51 -9.96
CA VAL C 72 10.94 -1.99 -9.41
C VAL C 72 11.00 -0.47 -9.40
N ARG C 73 9.85 0.15 -9.66
CA ARG C 73 9.70 1.60 -9.66
C ARG C 73 8.67 2.02 -8.63
N TRP C 74 8.85 3.22 -8.08
CA TRP C 74 7.88 3.80 -7.15
C TRP C 74 7.61 5.24 -7.58
N ARG C 75 6.34 5.62 -7.65
CA ARG C 75 6.00 6.98 -8.03
C ARG C 75 4.63 7.34 -7.47
N PRO C 76 4.33 8.62 -7.38
CA PRO C 76 2.98 9.08 -7.04
C PRO C 76 2.04 9.00 -8.23
N GLU C 77 0.77 9.32 -7.96
CA GLU C 77 -0.25 9.32 -9.00
C GLU C 77 0.00 10.41 -10.01
N HIS C 78 0.41 11.60 -9.55
CA HIS C 78 0.67 12.73 -10.42
C HIS C 78 2.12 13.13 -10.30
N PHE C 79 2.58 13.94 -11.26
CA PHE C 79 3.95 14.44 -11.22
C PHE C 79 4.25 15.03 -9.85
N TRP C 80 5.52 14.89 -9.44
CA TRP C 80 5.94 15.42 -8.15
C TRP C 80 5.68 16.92 -8.09
N LYS C 81 5.38 17.39 -6.89
CA LYS C 81 5.35 18.82 -6.64
C LYS C 81 6.77 19.35 -6.49
N PRO C 82 7.15 20.40 -7.21
CA PRO C 82 8.49 20.98 -7.05
C PRO C 82 8.81 21.28 -5.59
N GLY C 83 10.05 20.99 -5.21
CA GLY C 83 10.52 21.20 -3.85
C GLY C 83 10.37 19.99 -2.94
N THR C 84 9.66 18.96 -3.36
CA THR C 84 9.51 17.77 -2.54
C THR C 84 10.85 17.10 -2.30
N ALA C 85 11.08 16.67 -1.05
CA ALA C 85 12.23 15.88 -0.64
C ALA C 85 11.85 14.41 -0.52
N VAL C 86 12.71 13.53 -1.02
CA VAL C 86 12.44 12.10 -1.06
C VAL C 86 13.61 11.35 -0.43
N ASP C 87 13.31 10.46 0.51
CA ASP C 87 14.28 9.59 1.16
C ASP C 87 13.95 8.14 0.83
N VAL C 88 14.96 7.40 0.38
CA VAL C 88 14.80 6.00 0.00
C VAL C 88 15.75 5.16 0.84
N ALA C 89 15.18 4.24 1.63
CA ALA C 89 15.92 3.28 2.43
C ALA C 89 15.61 1.89 1.87
N VAL C 90 16.59 1.29 1.21
CA VAL C 90 16.48 -0.07 0.67
C VAL C 90 17.14 -0.98 1.71
N ASN C 91 16.33 -1.58 2.56
CA ASN C 91 16.84 -2.33 3.72
C ASN C 91 16.88 -3.83 3.43
N THR C 92 17.67 -4.18 2.42
CA THR C 92 17.66 -5.54 1.88
C THR C 92 18.73 -6.45 2.49
N TYR C 93 19.59 -5.94 3.37
CA TYR C 93 20.66 -6.78 3.90
C TYR C 93 20.10 -8.03 4.57
N GLY C 94 20.48 -9.19 4.04
CA GLY C 94 20.05 -10.46 4.58
C GLY C 94 18.63 -10.86 4.29
N VAL C 95 17.89 -10.11 3.47
CA VAL C 95 16.49 -10.42 3.21
C VAL C 95 16.41 -11.56 2.21
N ASP C 96 15.57 -12.55 2.50
CA ASP C 96 15.30 -13.66 1.58
C ASP C 96 14.44 -13.14 0.45
N LEU C 97 15.03 -13.04 -0.74
CA LEU C 97 14.33 -12.54 -1.92
C LEU C 97 13.83 -13.67 -2.82
N GLY C 98 13.85 -14.91 -2.32
CA GLY C 98 13.28 -16.01 -3.06
C GLY C 98 14.33 -16.87 -3.74
N GLU C 99 14.08 -18.19 -3.79
CA GLU C 99 14.94 -19.13 -4.53
C GLU C 99 16.40 -19.07 -4.08
N GLY C 100 16.61 -18.95 -2.76
CA GLY C 100 17.94 -18.96 -2.20
C GLY C 100 18.74 -17.70 -2.44
N MET C 101 18.12 -16.65 -2.98
CA MET C 101 18.78 -15.39 -3.27
C MET C 101 18.59 -14.43 -2.11
N PHE C 102 19.69 -13.87 -1.60
CA PHE C 102 19.61 -12.97 -0.46
C PHE C 102 20.13 -11.59 -0.80
N GLY C 103 19.54 -10.58 -0.18
CA GLY C 103 20.00 -9.21 -0.38
C GLY C 103 21.39 -9.04 0.22
N GLU C 104 22.29 -8.43 -0.55
CA GLU C 104 23.69 -8.36 -0.16
C GLU C 104 23.99 -7.20 0.80
N ASP C 105 23.21 -6.12 0.75
CA ASP C 105 23.51 -4.94 1.56
C ASP C 105 22.27 -4.06 1.59
N ASN C 106 22.33 -3.03 2.42
CA ASN C 106 21.36 -1.93 2.42
C ASN C 106 21.90 -0.79 1.59
N VAL C 107 20.99 0.00 0.99
CA VAL C 107 21.39 1.22 0.29
C VAL C 107 20.42 2.37 0.60
N GLN C 108 20.96 3.60 0.54
CA GLN C 108 20.35 4.92 0.72
C GLN C 108 20.47 5.87 -0.45
N THR C 109 19.38 6.59 -0.69
CA THR C 109 19.46 7.77 -1.55
C THR C 109 18.49 8.81 -0.99
N HIS C 110 18.86 10.07 -1.15
CA HIS C 110 18.01 11.20 -0.84
C HIS C 110 18.07 12.12 -2.04
N PHE C 111 16.94 12.69 -2.45
CA PHE C 111 16.97 13.62 -3.56
C PHE C 111 15.83 14.60 -3.43
N THR C 112 15.82 15.60 -4.30
CA THR C 112 14.81 16.65 -4.27
C THR C 112 14.28 16.86 -5.68
N ILE C 113 13.04 17.36 -5.76
CA ILE C 113 12.39 17.66 -7.02
C ILE C 113 12.62 19.13 -7.36
N GLY C 114 13.08 19.40 -8.58
CA GLY C 114 13.26 20.76 -9.07
C GLY C 114 12.01 21.35 -9.70
N ASP C 115 12.22 22.31 -10.58
CA ASP C 115 11.12 22.98 -11.27
C ASP C 115 10.35 22.01 -12.16
N GLU C 116 9.10 22.35 -12.45
CA GLU C 116 8.26 21.58 -13.36
C GLU C 116 8.61 21.93 -14.81
N VAL C 117 9.20 20.97 -15.53
CA VAL C 117 9.63 21.16 -16.93
C VAL C 117 8.92 20.11 -17.78
N ILE C 118 8.04 20.58 -18.65
CA ILE C 118 7.22 19.72 -19.50
C ILE C 118 7.30 20.26 -20.93
N ALA C 119 7.83 19.44 -21.84
CA ALA C 119 7.95 19.78 -23.24
C ALA C 119 6.99 18.93 -24.05
N THR C 120 6.13 19.56 -24.83
CA THR C 120 5.12 18.87 -25.60
C THR C 120 5.46 18.93 -27.09
N ALA C 121 5.57 17.76 -27.70
CA ALA C 121 5.82 17.62 -29.12
C ALA C 121 4.49 17.29 -29.79
N ASP C 122 3.93 18.27 -30.50
CA ASP C 122 2.65 18.12 -31.17
C ASP C 122 2.91 17.90 -32.64
N ASP C 123 2.51 16.72 -33.12
CA ASP C 123 2.66 16.32 -34.52
C ASP C 123 1.70 17.06 -35.43
N ASN C 124 0.59 17.57 -34.88
CA ASN C 124 -0.32 18.36 -35.69
C ASN C 124 0.34 19.65 -36.13
N THR C 125 1.25 20.17 -35.30
CA THR C 125 2.00 21.38 -35.61
C THR C 125 3.47 21.11 -35.92
N LYS C 126 3.99 19.93 -35.56
CA LYS C 126 5.41 19.61 -35.68
C LYS C 126 6.23 20.57 -34.83
N ILE C 127 5.71 20.91 -33.64
CA ILE C 127 6.41 21.84 -32.76
C ILE C 127 6.58 21.21 -31.38
N LEU C 128 7.78 21.38 -30.82
CA LEU C 128 8.11 20.99 -29.45
C LEU C 128 8.22 22.23 -28.57
N THR C 129 7.26 22.38 -27.64
CA THR C 129 7.21 23.54 -26.76
C THR C 129 7.62 23.17 -25.35
N VAL C 130 8.60 23.89 -24.82
CA VAL C 130 9.12 23.65 -23.47
C VAL C 130 8.50 24.67 -22.52
N ARG C 131 7.80 24.15 -21.51
CA ARG C 131 7.16 24.93 -20.47
C ARG C 131 7.83 24.68 -19.13
N VAL C 132 8.19 25.77 -18.43
CA VAL C 132 8.78 25.70 -17.10
C VAL C 132 7.77 26.31 -16.13
N ASN C 133 7.19 25.47 -15.27
CA ASN C 133 6.18 25.91 -14.31
C ASN C 133 5.00 26.61 -15.01
N GLY C 134 4.52 26.03 -16.12
CA GLY C 134 3.35 26.52 -16.85
C GLY C 134 3.66 27.54 -17.93
N GLU C 135 4.89 28.01 -17.94
CA GLU C 135 5.44 29.14 -18.69
C GLU C 135 6.13 28.63 -19.95
N VAL C 136 5.65 29.02 -21.14
CA VAL C 136 6.39 28.69 -22.35
C VAL C 136 7.72 29.39 -22.31
N VAL C 137 8.79 28.61 -22.32
CA VAL C 137 10.12 29.16 -22.42
C VAL C 137 10.77 28.86 -23.76
N LYS C 138 10.29 27.87 -24.53
CA LYS C 138 10.94 27.66 -25.84
C LYS C 138 10.03 26.98 -26.86
N SER C 139 10.20 27.32 -28.15
CA SER C 139 9.56 26.59 -29.25
C SER C 139 10.63 26.11 -30.21
N MET C 140 10.64 24.80 -30.46
CA MET C 140 11.60 24.13 -31.35
C MET C 140 10.82 23.42 -32.44
N PRO C 141 10.95 23.83 -33.70
CA PRO C 141 10.45 23.01 -34.79
C PRO C 141 11.10 21.63 -34.72
N THR C 142 10.33 20.60 -35.06
CA THR C 142 10.85 19.24 -34.94
C THR C 142 10.40 18.39 -36.11
N SER C 143 11.15 17.32 -36.34
CA SER C 143 10.80 16.30 -37.32
C SER C 143 10.82 14.97 -36.60
N MET C 144 9.68 14.29 -36.55
CA MET C 144 9.57 13.05 -35.80
C MET C 144 9.57 11.86 -36.76
N GLY C 145 9.19 10.70 -36.25
CA GLY C 145 9.31 9.48 -37.04
C GLY C 145 8.41 9.53 -38.26
N LYS C 146 8.97 9.09 -39.40
CA LYS C 146 8.17 8.95 -40.61
C LYS C 146 7.05 7.93 -40.41
N ASP C 147 6.07 7.95 -41.31
CA ASP C 147 4.88 7.12 -41.15
C ASP C 147 5.22 5.65 -40.98
N SER C 148 6.29 5.17 -41.62
CA SER C 148 6.65 3.76 -41.51
C SER C 148 7.39 3.42 -40.22
N THR C 149 8.03 4.38 -39.57
CA THR C 149 8.73 4.17 -38.30
C THR C 149 8.38 5.32 -37.37
N PRO C 150 7.13 5.40 -36.93
CA PRO C 150 6.65 6.61 -36.25
C PRO C 150 7.12 6.71 -34.81
N THR C 151 7.03 7.94 -34.30
CA THR C 151 7.26 8.22 -32.89
C THR C 151 6.01 7.85 -32.11
N ALA C 152 6.18 7.07 -31.06
CA ALA C 152 5.04 6.69 -30.23
C ALA C 152 4.50 7.89 -29.47
N ASN C 153 3.18 7.96 -29.33
CA ASN C 153 2.59 8.96 -28.46
C ASN C 153 2.83 8.57 -27.00
N GLY C 154 2.77 9.55 -26.12
CA GLY C 154 2.76 9.24 -24.70
C GLY C 154 3.67 10.16 -23.90
N ILE C 155 3.80 9.81 -22.61
CA ILE C 155 4.62 10.57 -21.67
C ILE C 155 5.97 9.86 -21.56
N TYR C 156 7.04 10.60 -21.83
CA TYR C 156 8.41 10.12 -21.76
C TYR C 156 9.14 10.86 -20.64
N ILE C 157 9.89 10.12 -19.82
CA ILE C 157 10.77 10.71 -18.81
C ILE C 157 12.14 10.96 -19.42
N VAL C 158 12.69 12.16 -19.19
CA VAL C 158 14.05 12.47 -19.64
C VAL C 158 15.06 11.64 -18.84
N GLY C 159 15.99 10.99 -19.54
CA GLY C 159 17.00 10.16 -18.92
C GLY C 159 18.37 10.81 -19.04
N SER C 160 19.35 10.07 -19.56
CA SER C 160 20.72 10.55 -19.68
C SER C 160 20.86 11.52 -20.87
N ARG C 161 21.92 12.32 -20.83
CA ARG C 161 22.22 13.25 -21.91
C ARG C 161 23.64 13.01 -22.39
N TYR C 162 23.86 13.26 -23.68
CA TYR C 162 25.16 13.00 -24.29
C TYR C 162 25.55 14.18 -25.16
N LYS C 163 26.76 14.70 -24.94
CA LYS C 163 27.24 15.71 -25.87
C LYS C 163 27.43 15.11 -27.26
N HIS C 164 27.79 13.83 -27.32
CA HIS C 164 27.95 13.12 -28.56
C HIS C 164 27.62 11.65 -28.32
N ILE C 165 26.96 11.02 -29.31
CA ILE C 165 26.63 9.60 -29.22
C ILE C 165 26.59 9.02 -30.63
N ILE C 166 26.88 7.73 -30.72
CA ILE C 166 26.85 6.98 -31.98
C ILE C 166 25.53 6.22 -32.06
N MET C 167 24.77 6.45 -33.12
CA MET C 167 23.58 5.67 -33.42
C MET C 167 23.98 4.63 -34.45
N ASP C 168 23.88 3.35 -34.08
CA ASP C 168 24.35 2.26 -34.93
C ASP C 168 23.21 1.26 -35.07
N SER C 169 22.74 1.06 -36.30
CA SER C 169 21.59 0.20 -36.51
C SER C 169 21.88 -1.26 -36.17
N SER C 170 23.15 -1.66 -36.09
CA SER C 170 23.43 -3.07 -35.82
C SER C 170 23.04 -3.48 -34.40
N THR C 171 23.02 -2.54 -33.45
CA THR C 171 22.50 -2.90 -32.13
C THR C 171 21.01 -3.21 -32.16
N TYR C 172 20.32 -2.84 -33.24
CA TYR C 172 18.94 -3.26 -33.47
C TYR C 172 18.85 -4.44 -34.41
N GLY C 173 19.98 -5.07 -34.74
CA GLY C 173 20.03 -6.21 -35.63
C GLY C 173 20.00 -5.90 -37.11
N VAL C 174 20.14 -4.64 -37.51
CA VAL C 174 20.14 -4.25 -38.91
C VAL C 174 21.57 -3.88 -39.29
N PRO C 175 22.24 -4.64 -40.15
CA PRO C 175 23.64 -4.35 -40.47
C PRO C 175 23.79 -2.96 -41.09
N VAL C 176 24.88 -2.29 -40.75
CA VAL C 176 25.12 -0.94 -41.24
C VAL C 176 25.21 -0.92 -42.76
N ASN C 177 25.89 -1.91 -43.34
CA ASN C 177 26.10 -1.95 -44.79
C ASN C 177 24.86 -2.36 -45.58
N SER C 178 23.76 -2.69 -44.89
CA SER C 178 22.52 -3.07 -45.55
C SER C 178 21.78 -1.84 -46.07
N PRO C 179 20.85 -2.03 -47.01
CA PRO C 179 20.14 -0.87 -47.58
C PRO C 179 19.52 0.07 -46.55
N ASN C 180 19.06 -0.43 -45.42
CA ASN C 180 18.49 0.44 -44.40
C ASN C 180 19.36 0.59 -43.15
N GLY C 181 20.57 0.04 -43.16
CA GLY C 181 21.52 0.28 -42.09
C GLY C 181 21.80 1.76 -41.88
N TYR C 182 22.51 2.06 -40.79
CA TYR C 182 23.00 3.41 -40.54
C TYR C 182 24.04 3.37 -39.43
N ARG C 183 24.97 4.34 -39.48
CA ARG C 183 25.89 4.63 -38.38
C ARG C 183 26.11 6.14 -38.36
N THR C 184 25.52 6.80 -37.37
CA THR C 184 25.32 8.24 -37.35
C THR C 184 25.98 8.83 -36.11
N ASP C 185 26.84 9.82 -36.31
CA ASP C 185 27.31 10.66 -35.21
C ASP C 185 26.23 11.69 -34.89
N VAL C 186 25.92 11.83 -33.61
CA VAL C 186 24.84 12.72 -33.20
C VAL C 186 25.32 13.60 -32.06
N ASP C 187 25.08 14.90 -32.17
CA ASP C 187 25.38 15.87 -31.11
C ASP C 187 24.17 16.13 -30.25
N TRP C 188 24.43 16.45 -28.98
CA TRP C 188 23.42 17.03 -28.08
C TRP C 188 22.17 16.16 -27.99
N ALA C 189 22.35 14.93 -27.52
CA ALA C 189 21.29 13.93 -27.53
C ALA C 189 20.78 13.75 -26.10
N THR C 190 19.50 13.98 -25.90
CA THR C 190 18.84 13.73 -24.62
C THR C 190 17.97 12.49 -24.79
N GLN C 191 18.25 11.44 -24.01
CA GLN C 191 17.47 10.22 -24.10
C GLN C 191 16.11 10.39 -23.45
N ILE C 192 15.05 9.91 -24.10
CA ILE C 192 13.71 9.93 -23.53
C ILE C 192 13.01 8.59 -23.58
N SER C 193 13.57 7.56 -24.22
CA SER C 193 13.10 6.19 -23.99
C SER C 193 14.28 5.22 -24.04
N TYR C 194 14.16 4.12 -23.27
CA TYR C 194 15.15 3.05 -23.37
C TYR C 194 15.17 2.43 -24.76
N SER C 195 14.01 2.40 -25.42
CA SER C 195 13.93 1.81 -26.76
C SER C 195 14.78 2.56 -27.76
N GLY C 196 15.13 3.81 -27.48
CA GLY C 196 16.09 4.53 -28.28
C GLY C 196 15.65 5.88 -28.81
N VAL C 197 14.51 6.41 -28.35
CA VAL C 197 14.10 7.73 -28.76
C VAL C 197 14.96 8.78 -28.04
N PHE C 198 15.51 9.71 -28.81
CA PHE C 198 16.26 10.84 -28.31
C PHE C 198 15.70 12.12 -28.89
N VAL C 199 15.85 13.20 -28.16
CA VAL C 199 15.80 14.54 -28.73
C VAL C 199 17.26 14.89 -29.06
N HIS C 200 17.53 15.26 -30.31
CA HIS C 200 18.93 15.48 -30.62
C HIS C 200 19.09 16.40 -31.80
N SER C 201 20.33 16.84 -32.00
CA SER C 201 20.65 17.73 -33.11
C SER C 201 20.60 16.95 -34.41
N ALA C 202 19.96 17.53 -35.42
CA ALA C 202 19.81 16.88 -36.72
C ALA C 202 19.93 17.94 -37.81
N PRO C 203 21.16 18.36 -38.12
CA PRO C 203 21.33 19.33 -39.22
C PRO C 203 20.75 18.83 -40.54
N TRP C 204 20.70 17.51 -40.73
CA TRP C 204 20.24 16.96 -42.01
C TRP C 204 18.75 17.10 -42.24
N SER C 205 17.96 17.45 -41.23
CA SER C 205 16.51 17.59 -41.43
C SER C 205 16.00 18.97 -41.04
N VAL C 206 16.87 19.98 -40.98
CA VAL C 206 16.43 21.30 -40.52
C VAL C 206 15.32 21.85 -41.42
N GLY C 207 15.39 21.58 -42.72
CA GLY C 207 14.35 22.06 -43.62
C GLY C 207 13.02 21.34 -43.44
N ALA C 208 13.05 20.10 -42.93
CA ALA C 208 11.83 19.36 -42.68
C ALA C 208 11.26 19.63 -41.30
N GLN C 209 12.09 20.09 -40.36
CA GLN C 209 11.61 20.30 -39.00
C GLN C 209 10.52 21.37 -38.98
N GLY C 210 9.41 21.04 -38.33
CA GLY C 210 8.24 21.90 -38.38
C GLY C 210 7.32 21.64 -39.54
N HIS C 211 7.65 20.70 -40.43
CA HIS C 211 6.87 20.52 -41.66
C HIS C 211 6.59 19.05 -41.93
N THR C 212 7.62 18.20 -41.90
CA THR C 212 7.52 16.83 -42.36
C THR C 212 8.30 15.94 -41.40
N ASN C 213 7.79 14.74 -41.16
CA ASN C 213 8.45 13.74 -40.33
C ASN C 213 9.37 12.89 -41.18
N THR C 214 10.66 12.82 -40.81
CA THR C 214 11.64 12.09 -41.59
C THR C 214 12.52 11.14 -40.79
N SER C 215 12.33 11.04 -39.48
CA SER C 215 13.29 10.32 -38.65
C SER C 215 12.91 8.85 -38.51
N HIS C 216 13.76 8.10 -37.80
CA HIS C 216 13.49 6.72 -37.44
C HIS C 216 12.65 6.59 -36.16
N GLY C 217 12.17 7.70 -35.62
CA GLY C 217 11.42 7.69 -34.38
C GLY C 217 11.87 8.81 -33.46
N CYS C 218 13.11 9.25 -33.64
CA CYS C 218 13.68 10.30 -32.82
C CYS C 218 13.04 11.66 -33.08
N LEU C 219 13.24 12.56 -32.14
CA LEU C 219 12.78 13.95 -32.22
C LEU C 219 13.94 14.80 -32.71
N ASN C 220 13.98 15.02 -34.03
CA ASN C 220 15.01 15.86 -34.66
C ASN C 220 14.73 17.33 -34.40
N VAL C 221 15.73 18.06 -33.93
CA VAL C 221 15.65 19.51 -33.78
C VAL C 221 16.95 20.10 -34.30
N SER C 222 17.01 21.44 -34.35
CA SER C 222 18.21 22.12 -34.85
C SER C 222 19.37 21.97 -33.87
N PRO C 223 20.61 22.15 -34.34
CA PRO C 223 21.75 22.08 -33.41
C PRO C 223 21.63 23.01 -32.23
N SER C 224 21.23 24.27 -32.45
CA SER C 224 21.11 25.21 -31.34
C SER C 224 20.02 24.77 -30.37
N ASN C 225 18.87 24.34 -30.90
CA ASN C 225 17.77 23.93 -30.02
C ASN C 225 18.12 22.65 -29.27
N ALA C 226 18.83 21.74 -29.93
CA ALA C 226 19.25 20.52 -29.24
C ALA C 226 20.25 20.84 -28.13
N GLN C 227 21.17 21.78 -28.38
CA GLN C 227 22.09 22.17 -27.33
C GLN C 227 21.37 22.85 -26.18
N TRP C 228 20.38 23.69 -26.49
CA TRP C 228 19.57 24.29 -25.45
C TRP C 228 18.91 23.23 -24.59
N PHE C 229 18.28 22.24 -25.25
CA PHE C 229 17.60 21.16 -24.54
C PHE C 229 18.57 20.40 -23.67
N TYR C 230 19.76 20.13 -24.20
CA TYR C 230 20.80 19.46 -23.42
C TYR C 230 21.18 20.27 -22.19
N ASP C 231 21.26 21.60 -22.33
CA ASP C 231 21.70 22.46 -21.24
C ASP C 231 20.63 22.69 -20.19
N HIS C 232 19.35 22.71 -20.59
CA HIS C 232 18.28 23.22 -19.73
C HIS C 232 17.34 22.15 -19.21
N VAL C 233 17.30 20.97 -19.81
CA VAL C 233 16.41 19.90 -19.40
C VAL C 233 17.23 18.90 -18.60
N LYS C 234 16.67 18.43 -17.49
CA LYS C 234 17.38 17.53 -16.59
C LYS C 234 16.66 16.19 -16.49
N ARG C 235 17.39 15.20 -15.97
CA ARG C 235 16.82 13.90 -15.69
C ARG C 235 15.53 14.06 -14.89
N GLY C 236 14.47 13.37 -15.30
CA GLY C 236 13.17 13.47 -14.66
C GLY C 236 12.23 14.50 -15.23
N ASP C 237 12.71 15.42 -16.06
CA ASP C 237 11.80 16.28 -16.78
C ASP C 237 10.93 15.43 -17.74
N ILE C 238 9.90 16.04 -18.32
CA ILE C 238 8.90 15.30 -19.07
C ILE C 238 8.85 15.76 -20.51
N VAL C 239 8.80 14.81 -21.46
CA VAL C 239 8.43 15.10 -22.85
C VAL C 239 7.14 14.33 -23.15
N GLU C 240 6.10 15.02 -23.59
CA GLU C 240 4.87 14.36 -24.00
C GLU C 240 4.72 14.50 -25.51
N VAL C 241 4.55 13.38 -26.20
CA VAL C 241 4.32 13.33 -27.64
C VAL C 241 2.84 13.12 -27.88
N VAL C 242 2.24 13.94 -28.74
CA VAL C 242 0.82 13.83 -29.01
C VAL C 242 0.58 13.88 -30.52
N ASN C 243 -0.46 13.15 -30.93
CA ASN C 243 -1.07 13.27 -32.26
C ASN C 243 -0.24 12.66 -33.38
N THR C 244 0.69 11.77 -33.07
CA THR C 244 1.36 11.06 -34.15
C THR C 244 0.51 9.88 -34.62
N VAL C 245 0.95 9.26 -35.70
CA VAL C 245 0.27 8.09 -36.24
C VAL C 245 0.81 6.83 -35.56
N GLY C 246 1.68 7.03 -34.57
CA GLY C 246 2.20 5.91 -33.81
C GLY C 246 1.25 5.44 -32.73
N GLY C 247 1.65 4.38 -32.04
CA GLY C 247 0.88 3.91 -30.92
C GLY C 247 1.20 4.68 -29.65
N THR C 248 1.26 3.99 -28.52
CA THR C 248 1.59 4.62 -27.25
C THR C 248 2.87 3.95 -26.74
N LEU C 249 3.76 4.76 -26.19
CA LEU C 249 4.99 4.23 -25.60
C LEU C 249 4.64 3.18 -24.54
N PRO C 250 5.29 2.02 -24.55
CA PRO C 250 5.03 1.02 -23.50
C PRO C 250 5.35 1.55 -22.11
N GLY C 251 4.46 1.27 -21.17
CA GLY C 251 4.67 1.71 -19.79
C GLY C 251 5.89 1.09 -19.14
N ILE C 252 6.34 -0.07 -19.61
CA ILE C 252 7.50 -0.74 -19.03
C ILE C 252 8.75 -0.52 -19.88
N ASP C 253 8.78 0.53 -20.71
CA ASP C 253 9.95 0.83 -21.53
C ASP C 253 11.21 1.01 -20.69
N GLY C 254 11.07 1.64 -19.52
CA GLY C 254 12.21 2.16 -18.78
C GLY C 254 12.04 3.64 -18.48
N LEU C 255 11.46 4.38 -19.43
CA LEU C 255 11.16 5.79 -19.22
C LEU C 255 9.70 6.08 -19.54
N GLY C 256 8.86 5.04 -19.63
CA GLY C 256 7.47 5.20 -19.99
C GLY C 256 6.50 5.02 -18.82
N ASP C 257 6.99 5.13 -17.58
CA ASP C 257 6.23 4.79 -16.38
C ASP C 257 4.87 5.48 -16.30
N TRP C 258 4.80 6.74 -16.72
CA TRP C 258 3.58 7.53 -16.54
C TRP C 258 2.50 7.15 -17.53
N ASN C 259 2.78 6.27 -18.49
CA ASN C 259 1.75 5.83 -19.38
C ASN C 259 0.89 4.71 -18.79
N ILE C 260 1.28 4.18 -17.65
CA ILE C 260 0.47 3.17 -16.95
C ILE C 260 -0.55 3.90 -16.13
N PRO C 261 -1.86 3.64 -16.30
CA PRO C 261 -2.87 4.34 -15.51
C PRO C 261 -2.66 4.09 -14.03
N TRP C 262 -3.03 5.09 -13.22
CA TRP C 262 -2.72 5.00 -11.79
C TRP C 262 -3.37 3.80 -11.12
N ASP C 263 -4.60 3.43 -11.51
CA ASP C 263 -5.19 2.29 -10.82
C ASP C 263 -4.43 1.00 -11.11
N GLN C 264 -3.90 0.87 -12.33
CA GLN C 264 -3.09 -0.30 -12.65
C GLN C 264 -1.74 -0.24 -11.94
N TRP C 265 -1.09 0.92 -11.95
CA TRP C 265 0.19 1.09 -11.29
C TRP C 265 0.08 0.80 -9.80
N ARG C 266 -0.88 1.45 -9.15
CA ARG C 266 -1.03 1.29 -7.71
C ARG C 266 -1.36 -0.16 -7.35
N ALA C 267 -2.20 -0.82 -8.16
CA ALA C 267 -2.47 -2.23 -7.89
C ALA C 267 -1.19 -3.06 -7.91
N GLY C 268 -0.20 -2.65 -8.71
CA GLY C 268 1.09 -3.31 -8.70
C GLY C 268 1.07 -4.66 -9.38
N ASN C 269 2.16 -5.40 -9.15
CA ASN C 269 2.33 -6.71 -9.78
C ASN C 269 3.32 -7.54 -8.99
N ALA C 270 3.27 -7.41 -7.66
CA ALA C 270 4.15 -8.17 -6.79
C ALA C 270 3.77 -9.64 -6.74
N LYS C 271 2.48 -9.94 -6.94
CA LYS C 271 1.99 -11.32 -7.06
C LYS C 271 2.16 -12.06 -5.74
N THR D 6 -14.14 -25.92 48.09
CA THR D 6 -14.62 -24.58 47.82
C THR D 6 -16.05 -24.14 48.27
N PHE D 7 -15.98 -23.46 49.42
CA PHE D 7 -17.08 -22.79 50.08
C PHE D 7 -16.94 -21.29 49.88
N GLN D 8 -18.08 -20.62 49.78
CA GLN D 8 -18.15 -19.16 49.77
C GLN D 8 -17.83 -18.59 51.15
N THR D 9 -17.11 -17.47 51.19
CA THR D 9 -16.91 -16.73 52.42
C THR D 9 -17.88 -15.55 52.49
N SER D 10 -18.46 -15.33 53.67
CA SER D 10 -19.37 -14.20 53.83
C SER D 10 -18.53 -12.93 53.95
N SER D 11 -19.02 -11.84 53.34
CA SER D 11 -18.29 -10.59 53.37
C SER D 11 -19.26 -9.42 53.25
N PRO D 12 -19.04 -8.32 53.99
CA PRO D 12 -19.89 -7.13 53.77
C PRO D 12 -19.65 -6.45 52.43
N ALA D 13 -18.57 -6.75 51.73
CA ALA D 13 -18.32 -6.16 50.43
C ALA D 13 -19.00 -6.96 49.33
N HIS D 14 -19.30 -6.28 48.23
CA HIS D 14 -20.11 -6.89 47.19
C HIS D 14 -19.33 -7.97 46.44
N LEU D 15 -20.02 -9.08 46.15
CA LEU D 15 -19.50 -10.15 45.32
C LEU D 15 -19.33 -9.66 43.89
N THR D 16 -18.51 -10.37 43.11
CA THR D 16 -18.41 -10.14 41.67
C THR D 16 -18.62 -11.45 40.91
N MET D 17 -19.31 -11.35 39.78
CA MET D 17 -19.62 -12.50 38.94
C MET D 17 -18.83 -12.43 37.64
N PRO D 18 -18.14 -13.50 37.25
CA PRO D 18 -17.47 -13.52 35.94
C PRO D 18 -18.37 -13.96 34.80
N TYR D 19 -18.07 -13.43 33.62
CA TYR D 19 -18.72 -13.77 32.38
C TYR D 19 -17.66 -14.04 31.33
N VAL D 20 -17.84 -15.11 30.55
CA VAL D 20 -16.83 -15.57 29.62
C VAL D 20 -17.38 -15.50 28.21
N MET D 21 -16.58 -14.96 27.30
CA MET D 21 -16.82 -15.01 25.87
C MET D 21 -15.63 -15.67 25.19
N PRO D 22 -15.83 -16.39 24.07
CA PRO D 22 -17.11 -16.54 23.37
C PRO D 22 -18.07 -17.52 24.06
N GLY D 23 -19.26 -17.68 23.49
CA GLY D 23 -20.28 -18.46 24.15
C GLY D 23 -19.94 -19.93 24.20
N ASP D 24 -20.49 -20.60 25.22
CA ASP D 24 -20.27 -22.02 25.42
C ASP D 24 -20.79 -22.81 24.22
N GLY D 25 -19.92 -23.66 23.67
CA GLY D 25 -20.29 -24.48 22.53
C GLY D 25 -20.19 -23.80 21.17
N GLU D 26 -19.77 -22.55 21.11
CA GLU D 26 -19.73 -21.83 19.84
C GLU D 26 -18.48 -22.20 19.02
N VAL D 27 -18.58 -22.05 17.70
CA VAL D 27 -17.44 -22.11 16.80
C VAL D 27 -17.10 -20.68 16.40
N VAL D 28 -15.83 -20.29 16.59
CA VAL D 28 -15.37 -18.94 16.32
C VAL D 28 -14.15 -19.00 15.42
N GLY D 29 -13.79 -17.85 14.87
CA GLY D 29 -12.64 -17.73 13.99
C GLY D 29 -11.31 -17.66 14.73
N VAL D 30 -10.24 -17.58 13.95
CA VAL D 30 -8.88 -17.72 14.48
C VAL D 30 -8.38 -16.47 15.18
N GLY D 31 -9.13 -15.38 15.17
CA GLY D 31 -8.76 -14.18 15.88
C GLY D 31 -9.50 -13.95 17.19
N GLU D 32 -10.31 -14.89 17.64
CA GLU D 32 -11.15 -14.66 18.80
C GLU D 32 -10.34 -14.79 20.09
N PRO D 33 -10.21 -13.74 20.90
CA PRO D 33 -9.59 -13.88 22.22
C PRO D 33 -10.61 -14.43 23.20
N VAL D 34 -10.10 -15.11 24.23
CA VAL D 34 -10.95 -15.36 25.38
C VAL D 34 -11.11 -14.04 26.14
N ALA D 35 -12.34 -13.73 26.54
CA ALA D 35 -12.59 -12.51 27.28
C ALA D 35 -13.30 -12.90 28.56
N ILE D 36 -12.75 -12.48 29.69
CA ILE D 36 -13.38 -12.69 30.98
C ILE D 36 -13.68 -11.32 31.55
N ARG D 37 -14.97 -11.03 31.66
CA ARG D 37 -15.47 -9.74 32.11
C ARG D 37 -16.17 -9.92 33.45
N PHE D 38 -15.81 -9.09 34.42
CA PHE D 38 -16.47 -9.12 35.72
C PHE D 38 -17.48 -8.00 35.82
N ASP D 39 -18.50 -8.19 36.68
CA ASP D 39 -19.46 -7.10 36.87
C ASP D 39 -18.96 -6.08 37.90
N GLU D 40 -17.70 -6.20 38.31
CA GLU D 40 -17.04 -5.23 39.19
C GLU D 40 -15.62 -5.01 38.71
N ASN D 41 -15.04 -3.88 39.10
CA ASN D 41 -13.61 -3.67 38.90
C ASN D 41 -12.83 -4.60 39.82
N ILE D 42 -11.74 -5.16 39.30
CA ILE D 42 -10.97 -6.17 40.02
C ILE D 42 -9.75 -5.49 40.65
N ALA D 43 -9.69 -5.54 41.99
CA ALA D 43 -8.55 -4.95 42.68
C ALA D 43 -7.31 -5.84 42.57
N ASP D 44 -7.48 -7.16 42.64
CA ASP D 44 -6.38 -8.12 42.64
C ASP D 44 -6.40 -8.87 41.31
N ARG D 45 -5.75 -8.29 40.30
CA ARG D 45 -5.72 -8.92 38.98
C ARG D 45 -5.01 -10.26 39.01
N GLY D 46 -3.95 -10.37 39.83
CA GLY D 46 -3.23 -11.63 39.92
C GLY D 46 -4.10 -12.77 40.42
N ALA D 47 -4.98 -12.48 41.38
CA ALA D 47 -5.87 -13.52 41.89
C ALA D 47 -6.86 -13.97 40.81
N ALA D 48 -7.38 -13.00 40.06
CA ALA D 48 -8.29 -13.33 38.96
C ALA D 48 -7.59 -14.19 37.92
N GLU D 49 -6.39 -13.79 37.51
CA GLU D 49 -5.66 -14.55 36.51
C GLU D 49 -5.34 -15.96 37.00
N LYS D 50 -4.90 -16.07 38.26
CA LYS D 50 -4.59 -17.38 38.81
C LYS D 50 -5.83 -18.25 38.85
N ALA D 51 -7.01 -17.64 39.00
CA ALA D 51 -8.25 -18.40 39.05
C ALA D 51 -8.79 -18.79 37.68
N ILE D 52 -8.20 -18.30 36.60
CA ILE D 52 -8.70 -18.57 35.26
C ILE D 52 -7.78 -19.60 34.64
N LYS D 53 -8.31 -20.77 34.27
CA LYS D 53 -7.47 -21.65 33.48
C LYS D 53 -8.03 -22.03 32.13
N ILE D 54 -7.17 -21.81 31.15
CA ILE D 54 -7.46 -22.07 29.76
C ILE D 54 -6.58 -23.25 29.30
N THR D 55 -7.25 -24.30 28.82
CA THR D 55 -6.67 -25.48 28.21
C THR D 55 -7.09 -25.62 26.75
N THR D 56 -6.11 -25.93 25.91
CA THR D 56 -6.29 -25.94 24.47
C THR D 56 -5.77 -27.26 23.90
N ASN D 57 -6.36 -27.66 22.78
CA ASN D 57 -5.93 -28.84 22.05
C ASN D 57 -5.90 -28.52 20.56
N PRO D 58 -4.72 -28.47 19.94
CA PRO D 58 -3.38 -28.63 20.53
C PRO D 58 -2.99 -27.54 21.53
N PRO D 59 -2.16 -27.87 22.53
CA PRO D 59 -1.75 -26.88 23.52
C PRO D 59 -0.94 -25.75 22.89
N VAL D 60 -1.22 -24.51 23.35
CA VAL D 60 -0.53 -23.31 22.90
C VAL D 60 -0.34 -22.32 24.07
N GLU D 61 0.79 -21.62 24.02
CA GLU D 61 1.18 -20.44 24.81
C GLU D 61 0.30 -19.23 24.49
N GLY D 62 -0.09 -18.49 25.53
CA GLY D 62 -0.86 -17.26 25.43
C GLY D 62 -0.63 -16.44 26.69
N ALA D 63 -1.32 -15.31 26.80
CA ALA D 63 -1.08 -14.39 27.90
C ALA D 63 -2.33 -13.55 28.15
N PHE D 64 -2.46 -13.03 29.38
CA PHE D 64 -3.55 -12.15 29.78
C PHE D 64 -3.20 -10.70 29.51
N TYR D 65 -4.20 -9.92 29.09
CA TYR D 65 -4.10 -8.47 28.97
C TYR D 65 -5.41 -7.87 29.43
N TRP D 66 -5.34 -6.88 30.31
CA TRP D 66 -6.56 -6.29 30.85
C TRP D 66 -6.97 -5.15 29.93
N LEU D 67 -8.10 -5.33 29.25
CA LEU D 67 -8.61 -4.28 28.38
C LEU D 67 -9.13 -3.13 29.22
N ASN D 68 -9.64 -3.44 30.41
CA ASN D 68 -10.00 -2.40 31.37
C ASN D 68 -10.07 -3.06 32.73
N ASN D 69 -10.47 -2.28 33.72
CA ASN D 69 -10.40 -2.75 35.10
C ASN D 69 -11.34 -3.91 35.38
N ARG D 70 -12.30 -4.17 34.51
CA ARG D 70 -13.23 -5.27 34.70
C ARG D 70 -13.06 -6.37 33.67
N GLU D 71 -12.29 -6.15 32.60
CA GLU D 71 -12.28 -7.11 31.49
C GLU D 71 -10.83 -7.43 31.14
N VAL D 72 -10.51 -8.72 31.20
CA VAL D 72 -9.20 -9.25 30.82
C VAL D 72 -9.36 -10.12 29.58
N ARG D 73 -8.40 -10.03 28.68
CA ARG D 73 -8.38 -10.85 27.47
C ARG D 73 -7.18 -11.80 27.52
N TRP D 74 -7.35 -12.98 26.92
CA TRP D 74 -6.28 -13.97 26.80
C TRP D 74 -6.24 -14.47 25.35
N ARG D 75 -5.05 -14.51 24.77
CA ARG D 75 -4.91 -14.99 23.41
C ARG D 75 -3.51 -15.53 23.22
N PRO D 76 -3.30 -16.34 22.18
CA PRO D 76 -1.93 -16.71 21.80
C PRO D 76 -1.22 -15.54 21.12
N GLU D 77 0.08 -15.73 20.89
CA GLU D 77 0.86 -14.68 20.26
C GLU D 77 0.44 -14.48 18.80
N HIS D 78 0.07 -15.57 18.13
CA HIS D 78 -0.41 -15.56 16.76
C HIS D 78 -1.82 -16.13 16.71
N PHE D 79 -2.50 -15.93 15.58
CA PHE D 79 -3.85 -16.47 15.39
C PHE D 79 -3.95 -17.94 15.77
N TRP D 80 -5.11 -18.35 16.27
CA TRP D 80 -5.36 -19.75 16.60
C TRP D 80 -5.13 -20.67 15.40
N LYS D 81 -4.73 -21.92 15.69
CA LYS D 81 -4.69 -22.96 14.67
C LYS D 81 -6.11 -23.47 14.43
N PRO D 82 -6.58 -23.51 13.19
CA PRO D 82 -7.93 -24.02 12.90
C PRO D 82 -8.17 -25.41 13.50
N GLY D 83 -9.36 -25.61 14.07
CA GLY D 83 -9.68 -26.88 14.68
C GLY D 83 -9.35 -26.99 16.15
N THR D 84 -8.64 -26.02 16.72
CA THR D 84 -8.30 -26.07 18.14
C THR D 84 -9.55 -26.09 19.00
N ALA D 85 -9.54 -26.95 20.02
CA ALA D 85 -10.60 -26.98 21.02
C ALA D 85 -10.11 -26.23 22.26
N VAL D 86 -10.97 -25.40 22.82
CA VAL D 86 -10.59 -24.51 23.91
C VAL D 86 -11.59 -24.67 25.05
N ASP D 87 -11.05 -24.92 26.26
CA ASP D 87 -11.79 -25.01 27.52
C ASP D 87 -11.37 -23.88 28.44
N VAL D 88 -12.35 -23.16 28.97
CA VAL D 88 -12.14 -22.04 29.86
C VAL D 88 -12.84 -22.36 31.17
N ALA D 89 -12.05 -22.44 32.24
CA ALA D 89 -12.54 -22.68 33.58
C ALA D 89 -12.23 -21.44 34.40
N VAL D 90 -13.24 -20.64 34.74
CA VAL D 90 -13.04 -19.49 35.59
C VAL D 90 -13.45 -19.92 36.99
N ASN D 91 -12.47 -20.27 37.82
CA ASN D 91 -12.71 -20.91 39.11
C ASN D 91 -12.66 -19.88 40.24
N THR D 92 -13.58 -18.92 40.19
CA THR D 92 -13.57 -17.78 41.09
C THR D 92 -14.48 -17.94 42.30
N TYR D 93 -15.26 -19.02 42.39
CA TYR D 93 -16.19 -19.18 43.51
C TYR D 93 -15.46 -19.18 44.85
N GLY D 94 -15.80 -18.23 45.72
CA GLY D 94 -15.16 -18.15 47.01
C GLY D 94 -13.74 -17.64 46.99
N VAL D 95 -13.23 -17.23 45.84
CA VAL D 95 -11.88 -16.68 45.75
C VAL D 95 -11.92 -15.21 46.12
N ASP D 96 -11.02 -14.79 47.00
CA ASP D 96 -10.88 -13.39 47.35
C ASP D 96 -10.21 -12.66 46.20
N LEU D 97 -10.96 -11.80 45.52
CA LEU D 97 -10.43 -11.05 44.39
C LEU D 97 -9.99 -9.64 44.80
N GLY D 98 -9.79 -9.42 46.09
CA GLY D 98 -9.26 -8.19 46.64
C GLY D 98 -10.31 -7.34 47.36
N GLU D 99 -9.89 -6.71 48.45
CA GLU D 99 -10.70 -5.75 49.20
C GLU D 99 -12.03 -6.36 49.64
N GLY D 100 -12.00 -7.63 50.02
CA GLY D 100 -13.19 -8.30 50.51
C GLY D 100 -14.18 -8.71 49.44
N MET D 101 -13.82 -8.57 48.17
CA MET D 101 -14.71 -8.94 47.07
C MET D 101 -14.43 -10.39 46.69
N PHE D 102 -15.46 -11.23 46.75
CA PHE D 102 -15.30 -12.65 46.47
C PHE D 102 -16.05 -13.01 45.18
N GLY D 103 -15.54 -14.01 44.48
CA GLY D 103 -16.21 -14.49 43.29
C GLY D 103 -17.52 -15.17 43.62
N GLU D 104 -18.55 -14.82 42.85
CA GLU D 104 -19.90 -15.28 43.13
C GLU D 104 -20.11 -16.72 42.67
N ASP D 105 -19.35 -17.17 41.67
CA ASP D 105 -19.59 -18.48 41.10
C ASP D 105 -18.37 -18.84 40.25
N ASN D 106 -18.35 -20.09 39.79
CA ASN D 106 -17.43 -20.51 38.75
C ASN D 106 -18.13 -20.42 37.42
N VAL D 107 -17.36 -20.31 36.35
CA VAL D 107 -17.94 -20.39 35.02
C VAL D 107 -17.21 -21.47 34.24
N GLN D 108 -17.93 -22.31 33.50
CA GLN D 108 -17.23 -23.30 32.66
C GLN D 108 -17.74 -23.14 31.24
N THR D 109 -16.82 -22.99 30.30
CA THR D 109 -17.13 -22.85 28.88
C THR D 109 -16.14 -23.52 27.95
N HIS D 110 -16.68 -24.00 26.81
CA HIS D 110 -15.89 -24.62 25.74
C HIS D 110 -16.29 -24.01 24.41
N PHE D 111 -15.30 -23.85 23.53
CA PHE D 111 -15.56 -23.41 22.17
C PHE D 111 -14.51 -24.01 21.26
N THR D 112 -14.72 -23.89 19.96
CA THR D 112 -13.80 -24.45 18.98
C THR D 112 -13.49 -23.40 17.92
N ILE D 113 -12.30 -23.53 17.34
CA ILE D 113 -11.85 -22.66 16.27
C ILE D 113 -12.22 -23.30 14.93
N GLY D 114 -12.87 -22.53 14.06
CA GLY D 114 -13.24 -23.00 12.75
C GLY D 114 -12.10 -22.81 11.76
N ASP D 115 -12.45 -22.75 10.48
CA ASP D 115 -11.45 -22.54 9.45
C ASP D 115 -10.79 -21.18 9.64
N GLU D 116 -9.57 -21.05 9.11
CA GLU D 116 -8.87 -19.77 9.13
C GLU D 116 -9.45 -18.89 8.03
N VAL D 117 -10.10 -17.80 8.42
CA VAL D 117 -10.74 -16.87 7.50
C VAL D 117 -10.12 -15.51 7.71
N ILE D 118 -9.39 -15.03 6.70
CA ILE D 118 -8.70 -13.75 6.75
C ILE D 118 -9.08 -12.99 5.49
N ALA D 119 -9.73 -11.86 5.67
CA ALA D 119 -10.13 -11.01 4.56
C ALA D 119 -9.27 -9.76 4.59
N THR D 120 -8.57 -9.51 3.49
CA THR D 120 -7.63 -8.39 3.42
C THR D 120 -8.24 -7.33 2.53
N ALA D 121 -8.40 -6.12 3.07
CA ALA D 121 -8.87 -4.98 2.29
C ALA D 121 -7.64 -4.16 1.95
N ASP D 122 -7.23 -4.21 0.68
CA ASP D 122 -6.03 -3.52 0.21
C ASP D 122 -6.49 -2.28 -0.55
N ASP D 123 -6.12 -1.10 -0.02
CA ASP D 123 -6.47 0.17 -0.63
C ASP D 123 -5.73 0.41 -1.92
N ASN D 124 -4.60 -0.27 -2.13
CA ASN D 124 -3.91 -0.16 -3.40
C ASN D 124 -4.71 -0.77 -4.54
N THR D 125 -5.55 -1.77 -4.24
CA THR D 125 -6.41 -2.37 -5.25
C THR D 125 -7.88 -2.06 -5.05
N LYS D 126 -8.28 -1.58 -3.87
CA LYS D 126 -9.69 -1.34 -3.54
C LYS D 126 -10.45 -2.67 -3.59
N ILE D 127 -9.79 -3.73 -3.13
CA ILE D 127 -10.41 -5.05 -3.14
C ILE D 127 -10.31 -5.66 -1.76
N LEU D 128 -11.40 -6.28 -1.31
CA LEU D 128 -11.46 -7.08 -0.10
C LEU D 128 -11.42 -8.54 -0.54
N THR D 129 -10.32 -9.22 -0.23
CA THR D 129 -10.08 -10.59 -0.65
C THR D 129 -10.25 -11.52 0.54
N VAL D 130 -11.16 -12.49 0.41
CA VAL D 130 -11.43 -13.44 1.47
C VAL D 130 -10.71 -14.74 1.17
N ARG D 131 -9.82 -15.12 2.09
CA ARG D 131 -9.06 -16.36 2.04
C ARG D 131 -9.53 -17.27 3.15
N VAL D 132 -9.86 -18.51 2.78
CA VAL D 132 -10.23 -19.56 3.72
C VAL D 132 -9.13 -20.62 3.65
N ASN D 133 -8.50 -20.86 4.79
CA ASN D 133 -7.32 -21.72 4.89
C ASN D 133 -6.34 -21.45 3.74
N GLY D 134 -6.05 -20.17 3.54
CA GLY D 134 -5.01 -19.75 2.62
C GLY D 134 -5.45 -19.57 1.18
N GLU D 135 -6.62 -20.08 0.81
CA GLU D 135 -7.08 -20.05 -0.58
C GLU D 135 -8.08 -18.91 -0.78
N VAL D 136 -7.86 -18.11 -1.83
CA VAL D 136 -8.81 -17.06 -2.16
C VAL D 136 -10.15 -17.70 -2.53
N VAL D 137 -11.20 -17.37 -1.80
CA VAL D 137 -12.54 -17.80 -2.17
C VAL D 137 -13.42 -16.64 -2.62
N LYS D 138 -13.08 -15.40 -2.28
CA LYS D 138 -13.91 -14.32 -2.78
C LYS D 138 -13.04 -13.12 -3.02
N SER D 139 -13.34 -12.40 -4.10
CA SER D 139 -12.71 -11.12 -4.39
C SER D 139 -13.84 -10.13 -4.50
N MET D 140 -13.88 -9.18 -3.57
CA MET D 140 -15.00 -8.26 -3.46
C MET D 140 -14.51 -6.84 -3.65
N PRO D 141 -14.86 -6.19 -4.75
CA PRO D 141 -14.60 -4.75 -4.88
C PRO D 141 -15.18 -4.02 -3.68
N THR D 142 -14.42 -3.04 -3.18
CA THR D 142 -14.85 -2.34 -1.99
C THR D 142 -14.55 -0.86 -2.15
N SER D 143 -15.28 -0.06 -1.38
CA SER D 143 -15.05 1.36 -1.29
C SER D 143 -14.91 1.68 0.19
N MET D 144 -13.73 2.14 0.59
CA MET D 144 -13.43 2.40 1.99
C MET D 144 -13.55 3.90 2.26
N GLY D 145 -13.02 4.33 3.40
CA GLY D 145 -13.25 5.72 3.81
C GLY D 145 -12.58 6.71 2.87
N LYS D 146 -13.31 7.78 2.53
CA LYS D 146 -12.70 8.86 1.77
C LYS D 146 -11.57 9.48 2.59
N ASP D 147 -10.72 10.26 1.90
CA ASP D 147 -9.53 10.80 2.53
C ASP D 147 -9.85 11.56 3.83
N SER D 148 -10.98 12.25 3.87
CA SER D 148 -11.32 13.03 5.05
C SER D 148 -11.87 12.16 6.18
N THR D 149 -12.37 10.96 5.88
CA THR D 149 -12.88 10.03 6.90
C THR D 149 -12.36 8.63 6.58
N PRO D 150 -11.05 8.41 6.70
CA PRO D 150 -10.46 7.18 6.18
C PRO D 150 -10.64 5.98 7.09
N THR D 151 -10.48 4.80 6.48
CA THR D 151 -10.44 3.54 7.21
C THR D 151 -9.04 3.32 7.75
N ALA D 152 -8.94 3.09 9.06
CA ALA D 152 -7.63 2.84 9.66
C ALA D 152 -7.06 1.50 9.21
N ASN D 153 -5.76 1.46 9.03
CA ASN D 153 -5.08 0.20 8.77
C ASN D 153 -5.04 -0.64 10.02
N GLY D 154 -4.89 -1.94 9.86
CA GLY D 154 -4.64 -2.79 11.00
C GLY D 154 -5.45 -4.06 10.96
N ILE D 155 -5.36 -4.82 12.05
CA ILE D 155 -6.03 -6.10 12.19
C ILE D 155 -7.30 -5.88 13.01
N TYR D 156 -8.44 -6.26 12.43
CA TYR D 156 -9.76 -6.15 13.03
C TYR D 156 -10.33 -7.55 13.29
N ILE D 157 -10.91 -7.76 14.47
CA ILE D 157 -11.63 -9.01 14.76
C ILE D 157 -13.10 -8.84 14.41
N VAL D 158 -13.66 -9.82 13.69
CA VAL D 158 -15.08 -9.82 13.36
C VAL D 158 -15.90 -10.03 14.63
N GLY D 159 -16.90 -9.18 14.83
CA GLY D 159 -17.81 -9.24 15.96
C GLY D 159 -19.23 -9.62 15.58
N SER D 160 -20.20 -8.81 16.01
CA SER D 160 -21.60 -9.10 15.76
C SER D 160 -22.00 -8.79 14.30
N ARG D 161 -23.10 -9.40 13.85
CA ARG D 161 -23.65 -9.13 12.54
C ARG D 161 -25.13 -8.80 12.66
N TYR D 162 -25.63 -8.07 11.66
CA TYR D 162 -27.00 -7.56 11.66
C TYR D 162 -27.56 -7.67 10.26
N LYS D 163 -28.74 -8.28 10.11
CA LYS D 163 -29.36 -8.30 8.80
C LYS D 163 -29.73 -6.89 8.35
N HIS D 164 -30.09 -6.04 9.31
CA HIS D 164 -30.42 -4.64 9.05
C HIS D 164 -30.05 -3.82 10.27
N ILE D 165 -29.50 -2.63 10.02
CA ILE D 165 -29.17 -1.70 11.10
C ILE D 165 -29.14 -0.31 10.53
N ILE D 166 -29.40 0.69 11.37
CA ILE D 166 -29.35 2.09 10.98
C ILE D 166 -28.03 2.71 11.43
N MET D 167 -27.30 3.31 10.50
CA MET D 167 -26.09 4.06 10.80
C MET D 167 -26.43 5.54 10.87
N ASP D 168 -26.22 6.14 12.03
CA ASP D 168 -26.65 7.49 12.34
C ASP D 168 -25.45 8.30 12.80
N SER D 169 -25.13 9.38 12.09
CA SER D 169 -23.95 10.18 12.39
C SER D 169 -24.02 10.86 13.75
N SER D 170 -25.21 10.98 14.35
CA SER D 170 -25.30 11.66 15.64
C SER D 170 -24.60 10.90 16.75
N THR D 171 -24.37 9.60 16.57
CA THR D 171 -23.59 8.88 17.58
C THR D 171 -22.16 9.41 17.66
N TYR D 172 -21.70 10.11 16.62
CA TYR D 172 -20.39 10.74 16.63
C TYR D 172 -20.46 12.23 16.97
N GLY D 173 -21.63 12.73 17.37
CA GLY D 173 -21.79 14.13 17.63
C GLY D 173 -22.02 15.00 16.42
N VAL D 174 -22.29 14.38 15.27
CA VAL D 174 -22.54 15.09 14.01
C VAL D 174 -24.03 15.00 13.72
N PRO D 175 -24.77 16.11 13.80
CA PRO D 175 -26.22 16.05 13.56
C PRO D 175 -26.52 15.57 12.14
N VAL D 176 -27.60 14.80 12.02
CA VAL D 176 -27.99 14.29 10.70
C VAL D 176 -28.29 15.46 9.78
N ASN D 177 -29.07 16.43 10.26
CA ASN D 177 -29.35 17.66 9.51
C ASN D 177 -28.15 18.59 9.64
N SER D 178 -27.12 18.30 8.84
CA SER D 178 -25.89 19.09 8.83
C SER D 178 -25.12 18.73 7.56
N PRO D 179 -24.17 19.59 7.14
CA PRO D 179 -23.45 19.34 5.87
C PRO D 179 -22.90 17.93 5.70
N ASN D 180 -22.55 17.27 6.80
CA ASN D 180 -21.68 16.11 6.83
C ASN D 180 -22.43 14.82 7.10
N GLY D 181 -23.77 14.80 6.90
CA GLY D 181 -24.52 13.56 7.00
C GLY D 181 -24.74 13.20 8.44
N TYR D 182 -25.43 12.08 8.70
CA TYR D 182 -26.03 11.11 7.78
C TYR D 182 -26.96 10.21 8.59
N ARG D 183 -27.94 9.59 7.93
CA ARG D 183 -28.79 8.58 8.56
C ARG D 183 -29.13 7.54 7.49
N THR D 184 -28.67 6.30 7.69
CA THR D 184 -28.66 5.35 6.59
C THR D 184 -29.15 3.98 7.03
N ASP D 185 -30.14 3.47 6.33
CA ASP D 185 -30.54 2.07 6.47
C ASP D 185 -29.55 1.18 5.74
N VAL D 186 -29.02 0.17 6.45
CA VAL D 186 -27.97 -0.68 5.91
C VAL D 186 -28.35 -2.15 6.08
N ASP D 187 -28.12 -2.93 5.04
CA ASP D 187 -28.32 -4.38 5.07
C ASP D 187 -27.01 -5.13 5.25
N TRP D 188 -27.10 -6.31 5.87
CA TRP D 188 -26.02 -7.29 5.86
C TRP D 188 -24.72 -6.68 6.41
N ALA D 189 -24.79 -6.26 7.68
CA ALA D 189 -23.72 -5.48 8.28
C ALA D 189 -22.94 -6.33 9.27
N THR D 190 -21.65 -6.50 9.02
CA THR D 190 -20.78 -7.24 9.91
C THR D 190 -19.85 -6.25 10.62
N GLN D 191 -19.91 -6.23 11.96
CA GLN D 191 -19.11 -5.30 12.75
C GLN D 191 -17.68 -5.80 12.88
N ILE D 192 -16.71 -4.89 12.73
CA ILE D 192 -15.31 -5.25 12.91
C ILE D 192 -14.54 -4.31 13.82
N SER D 193 -15.15 -3.24 14.32
CA SER D 193 -14.56 -2.49 15.43
C SER D 193 -15.68 -1.96 16.33
N TYR D 194 -15.37 -1.79 17.63
CA TYR D 194 -16.32 -1.13 18.52
C TYR D 194 -16.58 0.32 18.08
N SER D 195 -15.55 0.99 17.54
CA SER D 195 -15.72 2.37 17.11
C SER D 195 -16.71 2.49 15.97
N GLY D 196 -16.92 1.41 15.23
CA GLY D 196 -18.01 1.42 14.28
C GLY D 196 -17.70 1.02 12.85
N VAL D 197 -16.52 0.46 12.58
CA VAL D 197 -16.26 -0.01 11.23
C VAL D 197 -17.07 -1.28 11.00
N PHE D 198 -17.78 -1.33 9.88
CA PHE D 198 -18.55 -2.48 9.42
C PHE D 198 -18.16 -2.82 7.98
N VAL D 199 -18.28 -4.10 7.64
CA VAL D 199 -18.45 -4.52 6.25
C VAL D 199 -19.95 -4.59 5.99
N HIS D 200 -20.44 -3.94 4.94
CA HIS D 200 -21.89 -3.98 4.75
C HIS D 200 -22.29 -3.70 3.30
N SER D 201 -23.57 -3.93 3.03
CA SER D 201 -24.11 -3.69 1.70
C SER D 201 -24.20 -2.20 1.44
N ALA D 202 -23.79 -1.80 0.25
CA ALA D 202 -23.81 -0.38 -0.13
C ALA D 202 -24.18 -0.28 -1.60
N PRO D 203 -25.45 -0.46 -1.93
CA PRO D 203 -25.87 -0.32 -3.33
C PRO D 203 -25.53 1.03 -3.92
N TRP D 204 -25.44 2.07 -3.08
CA TRP D 204 -25.20 3.42 -3.57
C TRP D 204 -23.77 3.65 -4.03
N SER D 205 -22.82 2.76 -3.73
CA SER D 205 -21.44 2.97 -4.14
C SER D 205 -20.89 1.84 -5.01
N VAL D 206 -21.76 1.04 -5.62
CA VAL D 206 -21.32 -0.12 -6.39
C VAL D 206 -20.38 0.30 -7.53
N GLY D 207 -20.66 1.43 -8.18
CA GLY D 207 -19.78 1.89 -9.23
C GLY D 207 -18.44 2.37 -8.73
N ALA D 208 -18.37 2.80 -7.48
CA ALA D 208 -17.11 3.24 -6.90
C ALA D 208 -16.30 2.10 -6.32
N GLN D 209 -16.97 0.99 -5.96
CA GLN D 209 -16.29 -0.14 -5.36
C GLN D 209 -15.25 -0.72 -6.33
N GLY D 210 -14.03 -0.92 -5.85
CA GLY D 210 -12.95 -1.30 -6.73
C GLY D 210 -12.23 -0.15 -7.38
N HIS D 211 -12.67 1.09 -7.14
CA HIS D 211 -12.12 2.24 -7.85
C HIS D 211 -11.83 3.45 -6.96
N THR D 212 -12.80 3.84 -6.13
CA THR D 212 -12.75 5.10 -5.40
C THR D 212 -13.27 4.88 -3.99
N ASN D 213 -12.64 5.53 -3.02
CA ASN D 213 -13.09 5.49 -1.64
C ASN D 213 -14.13 6.59 -1.43
N THR D 214 -15.32 6.21 -0.94
CA THR D 214 -16.43 7.14 -0.77
C THR D 214 -17.10 7.06 0.60
N SER D 215 -16.66 6.16 1.47
CA SER D 215 -17.44 5.89 2.67
C SER D 215 -16.97 6.77 3.83
N HIS D 216 -17.67 6.64 4.96
CA HIS D 216 -17.27 7.30 6.20
C HIS D 216 -16.27 6.49 7.01
N GLY D 217 -15.76 5.39 6.46
CA GLY D 217 -14.84 4.53 7.19
C GLY D 217 -15.20 3.08 7.01
N CYS D 218 -16.46 2.81 6.76
CA CYS D 218 -16.92 1.44 6.58
C CYS D 218 -16.38 0.83 5.29
N LEU D 219 -16.45 -0.49 5.21
CA LEU D 219 -16.05 -1.22 4.01
C LEU D 219 -17.32 -1.49 3.22
N ASN D 220 -17.61 -0.63 2.25
CA ASN D 220 -18.76 -0.78 1.37
C ASN D 220 -18.49 -1.91 0.38
N VAL D 221 -19.42 -2.87 0.27
CA VAL D 221 -19.35 -3.89 -0.79
C VAL D 221 -20.73 -4.05 -1.40
N SER D 222 -20.83 -4.88 -2.44
CA SER D 222 -22.12 -5.04 -3.12
C SER D 222 -23.10 -5.75 -2.19
N PRO D 223 -24.41 -5.60 -2.44
CA PRO D 223 -25.39 -6.34 -1.62
C PRO D 223 -25.12 -7.82 -1.59
N SER D 224 -24.82 -8.42 -2.75
CA SER D 224 -24.57 -9.85 -2.81
C SER D 224 -23.33 -10.24 -2.00
N ASN D 225 -22.26 -9.45 -2.13
CA ASN D 225 -21.03 -9.75 -1.39
C ASN D 225 -21.22 -9.52 0.11
N ALA D 226 -21.98 -8.49 0.49
CA ALA D 226 -22.23 -8.26 1.90
C ALA D 226 -23.06 -9.37 2.51
N GLN D 227 -24.06 -9.87 1.77
CA GLN D 227 -24.82 -11.01 2.28
C GLN D 227 -23.94 -12.25 2.37
N TRP D 228 -23.07 -12.47 1.39
CA TRP D 228 -22.12 -13.58 1.49
C TRP D 228 -21.28 -13.45 2.76
N PHE D 229 -20.73 -12.26 3.00
CA PHE D 229 -19.92 -12.03 4.18
C PHE D 229 -20.73 -12.29 5.45
N TYR D 230 -21.97 -11.82 5.47
CA TYR D 230 -22.87 -12.03 6.61
C TYR D 230 -23.11 -13.52 6.86
N ASP D 231 -23.30 -14.29 5.77
CA ASP D 231 -23.64 -15.70 5.88
C ASP D 231 -22.45 -16.58 6.22
N HIS D 232 -21.25 -16.20 5.77
CA HIS D 232 -20.11 -17.09 5.76
C HIS D 232 -18.98 -16.71 6.69
N VAL D 233 -18.90 -15.44 7.10
CA VAL D 233 -17.84 -14.99 7.99
C VAL D 233 -18.42 -14.93 9.39
N LYS D 234 -17.71 -15.51 10.34
CA LYS D 234 -18.22 -15.70 11.69
C LYS D 234 -17.42 -14.86 12.67
N ARG D 235 -17.97 -14.74 13.88
CA ARG D 235 -17.29 -14.03 14.94
C ARG D 235 -15.89 -14.59 15.15
N GLY D 236 -14.89 -13.70 15.22
CA GLY D 236 -13.53 -14.11 15.43
C GLY D 236 -12.72 -14.26 14.16
N ASP D 237 -13.35 -14.29 13.00
CA ASP D 237 -12.61 -14.19 11.76
C ASP D 237 -11.90 -12.84 11.69
N ILE D 238 -11.00 -12.67 10.73
CA ILE D 238 -10.08 -11.54 10.73
C ILE D 238 -10.30 -10.72 9.47
N VAL D 239 -10.35 -9.39 9.62
CA VAL D 239 -10.23 -8.45 8.50
C VAL D 239 -8.96 -7.65 8.72
N GLU D 240 -8.06 -7.64 7.73
CA GLU D 240 -6.85 -6.83 7.80
C GLU D 240 -6.94 -5.74 6.74
N VAL D 241 -6.81 -4.48 7.17
CA VAL D 241 -6.81 -3.34 6.25
C VAL D 241 -5.37 -2.89 6.07
N VAL D 242 -4.96 -2.68 4.80
CA VAL D 242 -3.61 -2.23 4.49
C VAL D 242 -3.63 -1.12 3.46
N ASN D 243 -2.62 -0.25 3.53
CA ASN D 243 -2.29 0.77 2.53
C ASN D 243 -3.27 1.94 2.45
N THR D 244 -4.08 2.18 3.48
CA THR D 244 -4.93 3.37 3.49
C THR D 244 -4.16 4.58 4.02
N VAL D 245 -4.78 5.75 3.89
CA VAL D 245 -4.20 7.00 4.36
C VAL D 245 -4.59 7.24 5.82
N GLY D 246 -5.24 6.26 6.43
CA GLY D 246 -5.57 6.36 7.83
C GLY D 246 -4.39 5.97 8.69
N GLY D 247 -4.60 6.05 9.99
CA GLY D 247 -3.59 5.57 10.92
C GLY D 247 -3.74 4.09 11.12
N THR D 248 -3.60 3.65 12.36
CA THR D 248 -3.75 2.26 12.75
C THR D 248 -4.87 2.15 13.77
N LEU D 249 -5.69 1.10 13.64
CA LEU D 249 -6.77 0.87 14.59
C LEU D 249 -6.20 0.78 16.01
N PRO D 250 -6.81 1.46 16.98
CA PRO D 250 -6.33 1.35 18.37
C PRO D 250 -6.38 -0.08 18.88
N GLY D 251 -5.31 -0.48 19.56
CA GLY D 251 -5.28 -1.82 20.12
C GLY D 251 -6.33 -2.05 21.19
N ILE D 252 -6.80 -0.99 21.82
CA ILE D 252 -7.81 -1.08 22.87
C ILE D 252 -9.21 -0.73 22.36
N ASP D 253 -9.43 -0.83 21.04
CA ASP D 253 -10.75 -0.55 20.49
C ASP D 253 -11.82 -1.44 21.09
N GLY D 254 -11.48 -2.69 21.38
CA GLY D 254 -12.46 -3.70 21.72
C GLY D 254 -12.34 -4.89 20.80
N LEU D 255 -12.05 -4.62 19.52
CA LEU D 255 -11.78 -5.66 18.53
C LEU D 255 -10.41 -5.48 17.91
N GLY D 256 -9.54 -4.68 18.54
CA GLY D 256 -8.24 -4.38 17.99
C GLY D 256 -7.06 -5.07 18.66
N ASP D 257 -7.35 -6.15 19.41
CA ASP D 257 -6.35 -6.80 20.27
C ASP D 257 -5.06 -7.13 19.52
N TRP D 258 -5.19 -7.60 18.27
CA TRP D 258 -4.01 -8.10 17.58
C TRP D 258 -3.08 -7.00 17.10
N ASN D 259 -3.47 -5.73 17.23
CA ASN D 259 -2.60 -4.61 16.89
C ASN D 259 -1.66 -4.24 18.02
N ILE D 260 -1.81 -4.87 19.18
CA ILE D 260 -0.89 -4.67 20.30
C ILE D 260 0.31 -5.59 20.12
N PRO D 261 1.52 -5.05 20.06
CA PRO D 261 2.71 -5.89 19.94
C PRO D 261 2.79 -6.85 21.12
N TRP D 262 3.36 -8.04 20.86
CA TRP D 262 3.29 -9.10 21.85
C TRP D 262 3.97 -8.70 23.16
N ASP D 263 5.08 -7.94 23.07
CA ASP D 263 5.77 -7.53 24.29
C ASP D 263 4.93 -6.55 25.10
N GLN D 264 4.23 -5.63 24.41
CA GLN D 264 3.35 -4.70 25.13
C GLN D 264 2.14 -5.42 25.70
N TRP D 265 1.57 -6.37 24.96
CA TRP D 265 0.49 -7.21 25.46
C TRP D 265 0.94 -7.92 26.74
N ARG D 266 2.10 -8.56 26.71
CA ARG D 266 2.60 -9.31 27.87
C ARG D 266 2.90 -8.39 29.04
N ALA D 267 3.52 -7.24 28.78
CA ALA D 267 3.81 -6.29 29.85
C ALA D 267 2.53 -5.82 30.55
N GLY D 268 1.41 -5.78 29.83
CA GLY D 268 0.15 -5.48 30.46
C GLY D 268 -0.62 -6.73 30.86
N ASN D 269 -1.51 -6.59 31.83
CA ASN D 269 -1.99 -5.29 32.30
C ASN D 269 -2.59 -5.49 33.68
N THR E 6 34.87 27.57 24.93
CA THR E 6 35.92 28.52 24.59
C THR E 6 37.28 27.83 24.41
N PHE E 7 37.26 26.49 24.32
CA PHE E 7 38.47 25.69 24.14
C PHE E 7 38.27 24.71 22.99
N GLN E 8 39.36 24.40 22.31
CA GLN E 8 39.37 23.36 21.29
C GLN E 8 39.23 21.98 21.92
N THR E 9 38.50 21.10 21.25
CA THR E 9 38.46 19.68 21.59
C THR E 9 39.36 18.89 20.63
N SER E 10 40.11 17.93 21.16
CA SER E 10 40.95 17.12 20.29
C SER E 10 40.07 16.11 19.58
N SER E 11 40.38 15.82 18.30
CA SER E 11 39.54 14.89 17.59
C SER E 11 40.37 14.21 16.50
N PRO E 12 40.20 12.90 16.28
CA PRO E 12 40.90 12.25 15.17
C PRO E 12 40.40 12.68 13.80
N ALA E 13 39.23 13.32 13.71
CA ALA E 13 38.67 13.82 12.47
C ALA E 13 39.22 15.21 12.16
N HIS E 14 39.26 15.54 10.87
CA HIS E 14 39.93 16.76 10.44
C HIS E 14 39.13 18.00 10.82
N LEU E 15 39.85 19.03 11.26
CA LEU E 15 39.26 20.33 11.58
C LEU E 15 38.81 21.01 10.30
N THR E 16 37.93 22.01 10.44
CA THR E 16 37.60 22.87 9.31
C THR E 16 37.77 24.34 9.68
N MET E 17 38.27 25.12 8.73
CA MET E 17 38.52 26.53 8.90
C MET E 17 37.52 27.34 8.07
N PRO E 18 36.84 28.33 8.67
CA PRO E 18 35.96 29.23 7.90
C PRO E 18 36.71 30.40 7.29
N TYR E 19 36.19 30.87 6.16
CA TYR E 19 36.67 32.04 5.46
C TYR E 19 35.47 32.92 5.13
N VAL E 20 35.59 34.23 5.38
CA VAL E 20 34.48 35.15 5.21
C VAL E 20 34.75 36.11 4.07
N MET E 21 33.74 36.31 3.23
CA MET E 21 33.73 37.39 2.26
C MET E 21 32.52 38.27 2.54
N PRO E 22 32.58 39.58 2.25
CA PRO E 22 33.72 40.27 1.61
C PRO E 22 34.87 40.51 2.58
N GLY E 23 35.95 41.12 2.10
CA GLY E 23 37.14 41.26 2.91
C GLY E 23 36.93 42.21 4.08
N ASP E 24 37.74 41.99 5.12
CA ASP E 24 37.65 42.79 6.33
C ASP E 24 37.96 44.25 6.02
N GLY E 25 37.04 45.14 6.38
CA GLY E 25 37.21 46.55 6.16
C GLY E 25 36.83 47.06 4.78
N GLU E 26 36.30 46.22 3.91
CA GLU E 26 35.98 46.64 2.55
C GLU E 26 34.66 47.41 2.50
N VAL E 27 34.54 48.25 1.49
CA VAL E 27 33.28 48.88 1.10
C VAL E 27 32.77 48.14 -0.13
N VAL E 28 31.53 47.66 -0.05
CA VAL E 28 30.91 46.86 -1.10
C VAL E 28 29.55 47.47 -1.43
N GLY E 29 28.99 47.05 -2.56
CA GLY E 29 27.69 47.52 -3.01
C GLY E 29 26.51 46.86 -2.34
N VAL E 30 25.31 47.29 -2.74
CA VAL E 30 24.08 46.90 -2.04
C VAL E 30 23.64 45.49 -2.36
N GLY E 31 24.31 44.81 -3.29
CA GLY E 31 24.00 43.43 -3.58
C GLY E 31 24.94 42.41 -2.96
N GLU E 32 25.90 42.83 -2.15
CA GLU E 32 26.92 41.89 -1.68
C GLU E 32 26.37 41.01 -0.55
N PRO E 33 26.27 39.70 -0.75
CA PRO E 33 25.91 38.82 0.37
C PRO E 33 27.12 38.58 1.26
N VAL E 34 26.83 38.27 2.52
CA VAL E 34 27.87 37.67 3.36
C VAL E 34 28.08 36.24 2.88
N ALA E 35 29.34 35.83 2.75
CA ALA E 35 29.63 34.47 2.33
C ALA E 35 30.59 33.85 3.34
N ILE E 36 30.21 32.70 3.87
CA ILE E 36 31.09 31.96 4.78
C ILE E 36 31.37 30.62 4.13
N ARG E 37 32.62 30.41 3.77
CA ARG E 37 33.06 29.23 3.06
C ARG E 37 33.98 28.42 3.95
N PHE E 38 33.71 27.14 4.07
CA PHE E 38 34.56 26.25 4.84
C PHE E 38 35.47 25.46 3.91
N ASP E 39 36.60 25.02 4.46
CA ASP E 39 37.49 24.18 3.67
C ASP E 39 37.11 22.70 3.75
N GLU E 40 35.96 22.41 4.35
CA GLU E 40 35.38 21.07 4.38
C GLU E 40 33.87 21.18 4.16
N ASN E 41 33.28 20.07 3.71
CA ASN E 41 31.83 19.99 3.70
C ASN E 41 31.32 19.94 5.13
N ILE E 42 30.21 20.61 5.39
CA ILE E 42 29.67 20.73 6.74
C ILE E 42 28.53 19.73 6.94
N ALA E 43 28.71 18.81 7.88
CA ALA E 43 27.66 17.83 8.15
C ALA E 43 26.49 18.45 8.93
N ASP E 44 26.77 19.36 9.87
CA ASP E 44 25.74 19.98 10.72
C ASP E 44 25.59 21.46 10.35
N ARG E 45 24.76 21.72 9.34
CA ARG E 45 24.57 23.10 8.90
C ARG E 45 23.97 23.97 10.00
N GLY E 46 23.07 23.41 10.80
CA GLY E 46 22.47 24.18 11.87
C GLY E 46 23.50 24.66 12.87
N ALA E 47 24.48 23.81 13.18
CA ALA E 47 25.55 24.23 14.09
C ALA E 47 26.37 25.35 13.48
N ALA E 48 26.67 25.26 12.19
CA ALA E 48 27.41 26.33 11.53
C ALA E 48 26.62 27.63 11.57
N GLU E 49 25.35 27.56 11.22
CA GLU E 49 24.52 28.76 11.21
C GLU E 49 24.42 29.38 12.60
N LYS E 50 24.23 28.54 13.62
CA LYS E 50 24.11 29.05 15.00
C LYS E 50 25.39 29.74 15.44
N ALA E 51 26.54 29.30 14.93
CA ALA E 51 27.82 29.89 15.30
C ALA E 51 28.10 31.19 14.56
N ILE E 52 27.27 31.56 13.60
CA ILE E 52 27.51 32.74 12.77
C ILE E 52 26.55 33.83 13.24
N LYS E 53 27.09 34.95 13.70
CA LYS E 53 26.31 36.09 14.19
C LYS E 53 26.59 37.30 13.31
N ILE E 54 25.57 37.77 12.61
CA ILE E 54 25.71 38.93 11.74
C ILE E 54 24.96 40.07 12.39
N THR E 55 25.66 41.17 12.64
CA THR E 55 25.07 42.34 13.24
C THR E 55 25.11 43.49 12.24
N THR E 56 24.02 44.21 12.13
CA THR E 56 23.91 45.25 11.12
C THR E 56 23.42 46.55 11.76
N ASN E 57 23.87 47.65 11.18
CA ASN E 57 23.40 48.97 11.57
C ASN E 57 23.12 49.81 10.34
N PRO E 58 21.86 50.18 10.09
CA PRO E 58 20.67 49.83 10.88
C PRO E 58 20.35 48.33 10.81
N PRO E 59 19.75 47.78 11.86
CA PRO E 59 19.46 46.34 11.86
C PRO E 59 18.45 46.00 10.77
N VAL E 60 18.70 44.86 10.09
CA VAL E 60 17.81 44.33 9.07
C VAL E 60 17.74 42.81 9.18
N GLU E 61 16.57 42.24 8.91
CA GLU E 61 16.41 40.79 8.86
C GLU E 61 17.08 40.21 7.62
N GLY E 62 17.58 38.98 7.76
CA GLY E 62 18.15 38.28 6.61
C GLY E 62 18.09 36.78 6.85
N ALA E 63 18.70 35.97 5.97
CA ALA E 63 18.56 34.53 6.06
C ALA E 63 19.76 33.86 5.39
N PHE E 64 20.02 32.62 5.82
CA PHE E 64 21.08 31.76 5.27
C PHE E 64 20.56 30.89 4.12
N TYR E 65 21.41 30.72 3.10
CA TYR E 65 21.15 29.79 2.00
C TYR E 65 22.48 29.15 1.62
N TRP E 66 22.51 27.82 1.53
CA TRP E 66 23.76 27.12 1.25
C TRP E 66 23.94 27.03 -0.26
N LEU E 67 24.98 27.69 -0.75
CA LEU E 67 25.28 27.63 -2.16
C LEU E 67 25.78 26.25 -2.52
N ASN E 68 26.48 25.62 -1.57
CA ASN E 68 26.89 24.23 -1.72
C ASN E 68 27.23 23.72 -0.34
N ASN E 69 27.75 22.49 -0.27
CA ASN E 69 27.95 21.84 1.02
C ASN E 69 29.01 22.51 1.87
N ARG E 70 29.85 23.36 1.28
CA ARG E 70 30.88 24.07 2.02
C ARG E 70 30.64 25.56 2.12
N GLU E 71 29.67 26.14 1.40
CA GLU E 71 29.57 27.60 1.34
C GLU E 71 28.13 28.02 1.59
N VAL E 72 27.96 28.87 2.61
CA VAL E 72 26.66 29.42 2.97
C VAL E 72 26.68 30.92 2.73
N ARG E 73 25.55 31.46 2.24
CA ARG E 73 25.39 32.89 2.01
C ARG E 73 24.32 33.46 2.93
N TRP E 74 24.47 34.72 3.33
CA TRP E 74 23.46 35.41 4.13
C TRP E 74 23.17 36.76 3.49
N ARG E 75 21.89 37.09 3.34
CA ARG E 75 21.56 38.39 2.77
C ARG E 75 20.20 38.81 3.26
N PRO E 76 19.87 40.09 3.16
CA PRO E 76 18.50 40.53 3.43
C PRO E 76 17.59 40.18 2.26
N GLU E 77 16.30 40.41 2.47
CA GLU E 77 15.31 40.15 1.44
C GLU E 77 15.48 41.10 0.25
N HIS E 78 15.82 42.35 0.52
CA HIS E 78 16.05 43.34 -0.52
C HIS E 78 17.48 43.85 -0.41
N PHE E 79 17.94 44.54 -1.47
CA PHE E 79 19.29 45.12 -1.45
C PHE E 79 19.56 45.87 -0.15
N TRP E 80 20.82 45.85 0.28
CA TRP E 80 21.22 46.60 1.47
C TRP E 80 20.87 48.07 1.35
N LYS E 81 20.59 48.69 2.51
CA LYS E 81 20.48 50.14 2.58
C LYS E 81 21.87 50.76 2.51
N PRO E 82 22.12 51.72 1.62
CA PRO E 82 23.44 52.36 1.56
C PRO E 82 23.86 52.91 2.91
N GLY E 83 25.13 52.74 3.24
CA GLY E 83 25.65 53.19 4.52
C GLY E 83 25.60 52.19 5.65
N THR E 84 24.92 51.05 5.45
CA THR E 84 24.84 50.03 6.49
C THR E 84 26.23 49.52 6.86
N ALA E 85 26.47 49.39 8.16
CA ALA E 85 27.69 48.78 8.66
C ALA E 85 27.37 47.34 9.08
N VAL E 86 28.26 46.41 8.72
CA VAL E 86 28.00 44.99 8.92
C VAL E 86 29.19 44.37 9.66
N ASP E 87 28.88 43.65 10.75
CA ASP E 87 29.86 42.88 11.52
C ASP E 87 29.51 41.41 11.38
N VAL E 88 30.50 40.58 11.05
CA VAL E 88 30.28 39.16 10.90
C VAL E 88 31.18 38.48 11.90
N ALA E 89 30.59 37.74 12.82
CA ALA E 89 31.32 36.97 13.82
C ALA E 89 31.07 35.50 13.53
N VAL E 90 32.08 34.81 13.03
CA VAL E 90 31.99 33.37 12.81
C VAL E 90 32.69 32.73 14.00
N ASN E 91 31.88 32.31 14.97
CA ASN E 91 32.36 31.86 16.28
C ASN E 91 32.44 30.33 16.34
N THR E 92 33.27 29.78 15.45
CA THR E 92 33.32 28.34 15.23
C THR E 92 34.42 27.63 16.00
N TYR E 93 35.29 28.36 16.72
CA TYR E 93 36.41 27.73 17.41
C TYR E 93 35.92 26.70 18.42
N GLY E 94 36.33 25.44 18.22
CA GLY E 94 35.92 24.42 19.15
C GLY E 94 34.48 23.98 19.04
N VAL E 95 33.74 24.48 18.05
CA VAL E 95 32.34 24.07 17.86
C VAL E 95 32.32 22.76 17.08
N ASP E 96 31.51 21.82 17.52
CA ASP E 96 31.30 20.57 16.81
C ASP E 96 30.40 20.84 15.61
N LEU E 97 30.97 20.77 14.39
CA LEU E 97 30.21 21.01 13.17
C LEU E 97 29.74 19.71 12.51
N GLY E 98 29.75 18.62 13.26
CA GLY E 98 29.23 17.32 12.87
C GLY E 98 30.33 16.30 12.59
N GLU E 99 30.08 15.05 13.00
CA GLU E 99 30.95 13.91 12.71
C GLU E 99 32.38 14.14 13.20
N GLY E 100 32.51 14.75 14.38
CA GLY E 100 33.80 14.97 14.98
C GLY E 100 34.61 16.08 14.35
N MET E 101 34.02 16.86 13.44
CA MET E 101 34.73 17.95 12.79
C MET E 101 34.51 19.22 13.61
N PHE E 102 35.59 19.81 14.08
CA PHE E 102 35.51 21.00 14.91
C PHE E 102 36.05 22.20 14.16
N GLY E 103 35.52 23.37 14.48
CA GLY E 103 36.01 24.59 13.87
C GLY E 103 37.41 24.92 14.34
N GLU E 104 38.27 25.29 13.40
CA GLU E 104 39.68 25.52 13.69
C GLU E 104 39.93 26.86 14.38
N ASP E 105 39.07 27.84 14.15
CA ASP E 105 39.30 29.20 14.63
C ASP E 105 38.00 29.96 14.51
N ASN E 106 38.01 31.18 15.06
CA ASN E 106 36.97 32.17 14.83
C ASN E 106 37.43 33.13 13.74
N VAL E 107 36.47 33.78 13.09
CA VAL E 107 36.79 34.84 12.15
C VAL E 107 35.94 36.05 12.53
N GLN E 108 36.53 37.26 12.44
CA GLN E 108 35.71 38.36 12.86
C GLN E 108 35.94 39.37 11.74
N THR E 109 34.89 39.89 11.11
CA THR E 109 35.09 40.78 9.96
C THR E 109 34.07 41.90 9.95
N HIS E 110 34.46 43.03 9.38
CA HIS E 110 33.55 44.14 9.21
C HIS E 110 33.60 44.66 7.79
N PHE E 111 32.45 45.10 7.27
CA PHE E 111 32.43 45.76 5.98
C PHE E 111 31.30 46.78 6.00
N THR E 112 31.31 47.63 4.98
CA THR E 112 30.35 48.72 4.88
C THR E 112 29.71 48.69 3.50
N ILE E 113 28.46 49.12 3.43
CA ILE E 113 27.74 49.24 2.16
C ILE E 113 27.92 50.65 1.63
N GLY E 114 28.35 50.78 0.37
CA GLY E 114 28.51 52.07 -0.25
C GLY E 114 27.21 52.58 -0.85
N ASP E 115 27.33 53.47 -1.83
CA ASP E 115 26.16 53.99 -2.51
C ASP E 115 25.44 52.86 -3.24
N GLU E 116 24.14 53.09 -3.49
CA GLU E 116 23.35 52.14 -4.27
C GLU E 116 23.68 52.35 -5.74
N VAL E 117 24.31 51.35 -6.35
CA VAL E 117 24.71 51.43 -7.76
C VAL E 117 24.03 50.29 -8.49
N ILE E 118 23.09 50.64 -9.37
CA ILE E 118 22.32 49.65 -10.11
C ILE E 118 22.40 50.04 -11.58
N ALA E 119 22.96 49.16 -12.39
CA ALA E 119 23.09 49.36 -13.82
C ALA E 119 22.14 48.42 -14.53
N THR E 120 21.23 48.96 -15.32
CA THR E 120 20.21 48.16 -15.99
C THR E 120 20.53 48.09 -17.47
N ALA E 121 20.70 46.87 -18.00
CA ALA E 121 20.92 46.65 -19.42
C ALA E 121 19.61 46.17 -20.01
N ASP E 122 18.98 47.04 -20.81
CA ASP E 122 17.67 46.78 -21.41
C ASP E 122 17.88 46.44 -22.87
N ASP E 123 17.51 45.20 -23.25
CA ASP E 123 17.67 44.73 -24.62
C ASP E 123 16.69 45.40 -25.56
N ASN E 124 15.58 45.94 -25.04
CA ASN E 124 14.69 46.71 -25.90
C ASN E 124 15.34 47.98 -26.41
N THR E 125 16.25 48.57 -25.63
CA THR E 125 16.96 49.77 -26.02
C THR E 125 18.43 49.54 -26.35
N LYS E 126 19.00 48.39 -25.95
CA LYS E 126 20.43 48.13 -26.12
C LYS E 126 21.24 49.17 -25.38
N ILE E 127 20.74 49.57 -24.21
CA ILE E 127 21.44 50.57 -23.40
C ILE E 127 21.66 50.03 -22.00
N LEU E 128 22.86 50.25 -21.47
CA LEU E 128 23.21 49.99 -20.08
C LEU E 128 23.20 51.31 -19.34
N THR E 129 22.23 51.49 -18.46
CA THR E 129 22.02 52.74 -17.73
C THR E 129 22.47 52.56 -16.29
N VAL E 130 23.41 53.40 -15.84
CA VAL E 130 23.95 53.32 -14.48
C VAL E 130 23.29 54.38 -13.61
N ARG E 131 22.62 53.92 -12.55
CA ARG E 131 21.98 54.76 -11.56
C ARG E 131 22.72 54.67 -10.23
N VAL E 132 23.05 55.83 -9.67
CA VAL E 132 23.68 55.93 -8.36
C VAL E 132 22.66 56.62 -7.44
N ASN E 133 22.23 55.89 -6.41
CA ASN E 133 21.19 56.36 -5.49
C ASN E 133 19.98 56.90 -6.25
N GLY E 134 19.56 56.13 -7.26
CA GLY E 134 18.38 56.44 -8.03
C GLY E 134 18.59 57.37 -9.20
N GLU E 135 19.74 58.04 -9.29
CA GLU E 135 19.95 59.05 -10.34
C GLU E 135 20.78 58.46 -11.47
N VAL E 136 20.29 58.61 -12.70
CA VAL E 136 21.06 58.21 -13.86
C VAL E 136 22.33 59.05 -13.91
N VAL E 137 23.47 58.39 -13.89
CA VAL E 137 24.74 59.06 -14.06
C VAL E 137 25.45 58.65 -15.34
N LYS E 138 25.08 57.51 -15.93
CA LYS E 138 25.73 57.15 -17.18
C LYS E 138 24.72 56.41 -18.03
N SER E 139 24.75 56.68 -19.34
CA SER E 139 23.96 55.95 -20.31
C SER E 139 24.95 55.39 -21.31
N MET E 140 25.08 54.06 -21.36
CA MET E 140 26.14 53.43 -22.16
C MET E 140 25.52 52.53 -23.21
N PRO E 141 25.61 52.87 -24.49
CA PRO E 141 25.21 51.90 -25.53
C PRO E 141 25.97 50.59 -25.32
N THR E 142 25.27 49.48 -25.55
CA THR E 142 25.86 48.18 -25.33
C THR E 142 25.42 47.23 -26.43
N SER E 143 26.23 46.18 -26.61
CA SER E 143 25.92 45.09 -27.51
C SER E 143 26.03 43.82 -26.69
N MET E 144 24.91 43.10 -26.54
CA MET E 144 24.85 41.91 -25.70
C MET E 144 24.92 40.69 -26.59
N GLY E 145 24.59 39.53 -26.03
CA GLY E 145 24.78 38.28 -26.75
C GLY E 145 23.87 38.17 -27.97
N LYS E 146 24.43 37.65 -29.06
CA LYS E 146 23.62 37.33 -30.24
C LYS E 146 22.53 36.35 -29.86
N ASP E 147 21.52 36.24 -30.74
CA ASP E 147 20.38 35.39 -30.45
C ASP E 147 20.82 33.96 -30.16
N SER E 148 21.88 33.50 -30.83
CA SER E 148 22.34 32.13 -30.63
C SER E 148 23.17 31.95 -29.37
N THR E 149 23.74 33.04 -28.82
CA THR E 149 24.49 33.00 -27.56
C THR E 149 24.06 34.19 -26.71
N PRO E 150 22.82 34.19 -26.23
CA PRO E 150 22.27 35.40 -25.61
C PRO E 150 22.77 35.61 -24.18
N THR E 151 22.62 36.85 -23.74
CA THR E 151 22.84 37.21 -22.34
C THR E 151 21.59 36.85 -21.53
N ALA E 152 21.76 36.08 -20.46
CA ALA E 152 20.61 35.74 -19.63
C ALA E 152 20.07 36.96 -18.91
N ASN E 153 18.73 37.02 -18.76
CA ASN E 153 18.13 38.06 -17.95
C ASN E 153 18.41 37.78 -16.48
N GLY E 154 18.30 38.82 -15.66
CA GLY E 154 18.34 38.61 -14.23
C GLY E 154 19.21 39.63 -13.52
N ILE E 155 19.38 39.39 -12.22
CA ILE E 155 20.19 40.25 -11.35
C ILE E 155 21.56 39.62 -11.18
N TYR E 156 22.60 40.38 -11.51
CA TYR E 156 23.99 39.95 -11.41
C TYR E 156 24.70 40.80 -10.36
N ILE E 157 25.46 40.16 -9.48
CA ILE E 157 26.28 40.88 -8.51
C ILE E 157 27.64 41.13 -9.14
N VAL E 158 28.14 42.36 -9.04
CA VAL E 158 29.49 42.67 -9.54
C VAL E 158 30.54 41.95 -8.70
N GLY E 159 31.47 41.28 -9.37
CA GLY E 159 32.54 40.53 -8.74
C GLY E 159 33.88 41.23 -8.94
N SER E 160 34.87 40.49 -9.44
CA SER E 160 36.23 40.99 -9.64
C SER E 160 36.31 41.89 -10.87
N ARG E 161 37.38 42.69 -10.93
CA ARG E 161 37.63 43.55 -12.08
C ARG E 161 39.07 43.36 -12.52
N TYR E 162 39.30 43.56 -13.83
CA TYR E 162 40.61 43.31 -14.43
C TYR E 162 40.94 44.44 -15.39
N LYS E 163 42.12 45.06 -15.25
CA LYS E 163 42.51 46.04 -16.25
C LYS E 163 42.69 45.40 -17.61
N HIS E 164 43.15 44.15 -17.62
CA HIS E 164 43.33 43.38 -18.84
C HIS E 164 43.11 41.91 -18.52
N ILE E 165 42.45 41.20 -19.44
CA ILE E 165 42.25 39.76 -19.31
C ILE E 165 42.05 39.19 -20.70
N ILE E 166 42.40 37.92 -20.88
CA ILE E 166 42.18 37.22 -22.14
C ILE E 166 40.95 36.35 -22.03
N MET E 167 40.01 36.52 -22.98
CA MET E 167 38.82 35.69 -23.12
C MET E 167 39.07 34.63 -24.18
N ASP E 168 39.00 33.37 -23.78
CA ASP E 168 39.40 32.24 -24.62
C ASP E 168 38.25 31.23 -24.65
N SER E 169 37.76 30.91 -25.84
CA SER E 169 36.62 30.00 -25.96
C SER E 169 36.93 28.59 -25.49
N SER E 170 38.20 28.22 -25.37
CA SER E 170 38.50 26.84 -24.98
C SER E 170 38.05 26.55 -23.55
N THR E 171 37.84 27.58 -22.72
CA THR E 171 37.31 27.29 -21.39
C THR E 171 35.90 26.72 -21.47
N TYR E 172 35.20 26.94 -22.58
CA TYR E 172 33.88 26.38 -22.81
C TYR E 172 33.93 25.10 -23.64
N GLY E 173 35.13 24.59 -23.90
CA GLY E 173 35.30 23.41 -24.72
C GLY E 173 35.25 23.69 -26.21
N VAL E 174 35.33 24.95 -26.62
CA VAL E 174 35.29 25.35 -28.03
C VAL E 174 36.71 25.74 -28.44
N PRO E 175 37.37 24.98 -29.31
CA PRO E 175 38.74 25.32 -29.70
C PRO E 175 38.80 26.68 -30.35
N VAL E 176 39.88 27.42 -30.07
CA VAL E 176 40.04 28.73 -30.68
C VAL E 176 40.05 28.60 -32.19
N ASN E 177 40.70 27.54 -32.71
CA ASN E 177 40.75 27.28 -34.15
C ASN E 177 39.51 26.47 -34.57
N SER E 178 38.38 27.16 -34.62
CA SER E 178 37.11 26.55 -34.93
C SER E 178 36.13 27.66 -35.27
N PRO E 179 35.02 27.35 -35.95
CA PRO E 179 34.10 28.43 -36.39
C PRO E 179 33.63 29.36 -35.27
N ASN E 180 33.41 28.92 -34.03
CA ASN E 180 32.82 29.84 -33.07
C ASN E 180 33.89 30.24 -32.08
N GLY E 181 35.11 29.81 -32.31
CA GLY E 181 36.11 30.01 -31.31
C GLY E 181 36.63 31.41 -31.29
N TYR E 182 37.35 31.72 -30.23
CA TYR E 182 37.82 33.08 -30.08
C TYR E 182 38.90 33.09 -29.01
N ARG E 183 39.85 34.01 -29.19
CA ARG E 183 40.83 34.37 -28.18
C ARG E 183 41.03 35.88 -28.28
N THR E 184 40.60 36.61 -27.25
CA THR E 184 40.43 38.05 -27.31
C THR E 184 41.11 38.72 -26.12
N ASP E 185 42.00 39.65 -26.40
CA ASP E 185 42.52 40.55 -25.38
C ASP E 185 41.48 41.60 -25.08
N VAL E 186 41.11 41.75 -23.82
CA VAL E 186 40.06 42.67 -23.43
C VAL E 186 40.56 43.58 -22.29
N ASP E 187 40.23 44.87 -22.40
CA ASP E 187 40.54 45.86 -21.39
C ASP E 187 39.32 46.14 -20.51
N TRP E 188 39.59 46.53 -19.27
CA TRP E 188 38.58 47.12 -18.39
C TRP E 188 37.37 46.19 -18.24
N ALA E 189 37.65 44.99 -17.69
CA ALA E 189 36.63 43.95 -17.64
C ALA E 189 36.14 43.81 -16.21
N THR E 190 34.85 44.02 -16.02
CA THR E 190 34.19 43.81 -14.74
C THR E 190 33.38 42.53 -14.78
N GLN E 191 33.69 41.57 -13.90
CA GLN E 191 32.99 40.29 -13.91
C GLN E 191 31.65 40.42 -13.23
N ILE E 192 30.59 39.83 -13.81
CA ILE E 192 29.29 39.85 -13.16
C ILE E 192 28.63 38.47 -13.06
N SER E 193 29.22 37.41 -13.60
CA SER E 193 28.81 36.06 -13.23
C SER E 193 30.01 35.12 -13.20
N TYR E 194 29.91 34.07 -12.37
CA TYR E 194 30.96 33.04 -12.42
C TYR E 194 31.02 32.35 -13.78
N SER E 195 29.88 32.20 -14.45
CA SER E 195 29.87 31.55 -15.75
C SER E 195 30.66 32.33 -16.79
N GLY E 196 30.83 33.63 -16.57
CA GLY E 196 31.74 34.37 -17.40
C GLY E 196 31.21 35.63 -18.05
N VAL E 197 30.03 36.12 -17.66
CA VAL E 197 29.56 37.39 -18.21
C VAL E 197 30.38 38.53 -17.60
N PHE E 198 30.88 39.40 -18.46
CA PHE E 198 31.62 40.61 -18.08
C PHE E 198 30.99 41.83 -18.75
N VAL E 199 31.12 42.99 -18.11
CA VAL E 199 31.06 44.28 -18.77
C VAL E 199 32.48 44.65 -19.16
N HIS E 200 32.72 45.01 -20.42
CA HIS E 200 34.12 45.27 -20.77
C HIS E 200 34.21 46.12 -22.03
N SER E 201 35.44 46.56 -22.30
CA SER E 201 35.70 47.36 -23.48
C SER E 201 35.63 46.50 -24.72
N ALA E 202 34.95 47.01 -25.76
CA ALA E 202 34.80 46.28 -27.01
C ALA E 202 34.89 47.27 -28.15
N PRO E 203 36.11 47.73 -28.48
CA PRO E 203 36.25 48.66 -29.60
C PRO E 203 35.71 48.10 -30.91
N TRP E 204 35.73 46.77 -31.07
CA TRP E 204 35.30 46.15 -32.30
C TRP E 204 33.80 46.20 -32.52
N SER E 205 32.99 46.53 -31.50
CA SER E 205 31.55 46.55 -31.69
C SER E 205 30.92 47.91 -31.40
N VAL E 206 31.71 48.98 -31.37
CA VAL E 206 31.18 50.29 -31.00
C VAL E 206 30.04 50.71 -31.94
N GLY E 207 30.14 50.40 -33.23
CA GLY E 207 29.05 50.75 -34.14
C GLY E 207 27.77 49.96 -33.92
N ALA E 208 27.89 48.76 -33.35
CA ALA E 208 26.74 47.92 -33.04
C ALA E 208 26.14 48.25 -31.68
N GLN E 209 26.94 48.85 -30.80
CA GLN E 209 26.48 49.15 -29.45
C GLN E 209 25.30 50.13 -29.50
N GLY E 210 24.21 49.80 -28.80
CA GLY E 210 22.99 50.58 -28.92
C GLY E 210 22.09 50.16 -30.06
N HIS E 211 22.49 49.18 -30.88
CA HIS E 211 21.72 48.84 -32.07
C HIS E 211 21.51 47.34 -32.25
N THR E 212 22.58 46.57 -32.16
CA THR E 212 22.59 45.17 -32.54
C THR E 212 23.40 44.39 -31.52
N ASN E 213 22.92 43.19 -31.20
CA ASN E 213 23.64 42.28 -30.30
C ASN E 213 24.62 41.45 -31.12
N THR E 214 25.91 41.48 -30.73
CA THR E 214 26.94 40.80 -31.49
C THR E 214 27.88 39.96 -30.63
N SER E 215 27.67 39.91 -29.32
CA SER E 215 28.67 39.32 -28.44
C SER E 215 28.39 37.84 -28.14
N HIS E 216 29.30 37.21 -27.39
CA HIS E 216 29.11 35.84 -26.94
C HIS E 216 28.31 35.74 -25.65
N GLY E 217 27.77 36.85 -25.16
CA GLY E 217 27.06 36.89 -23.90
C GLY E 217 27.47 38.08 -23.06
N CYS E 218 28.70 38.55 -23.28
CA CYS E 218 29.20 39.68 -22.52
C CYS E 218 28.48 40.96 -22.88
N LEU E 219 28.61 41.95 -22.01
CA LEU E 219 28.07 43.30 -22.20
C LEU E 219 29.18 44.16 -22.78
N ASN E 220 29.21 44.25 -24.12
CA ASN E 220 30.20 45.09 -24.84
C ASN E 220 29.83 46.55 -24.67
N VAL E 221 30.78 47.40 -24.23
CA VAL E 221 30.57 48.85 -24.22
C VAL E 221 31.82 49.51 -24.77
N SER E 222 31.78 50.83 -24.95
CA SER E 222 32.94 51.52 -25.52
C SER E 222 34.12 51.46 -24.56
N PRO E 223 35.34 51.66 -25.06
CA PRO E 223 36.49 51.70 -24.15
C PRO E 223 36.36 52.71 -23.01
N SER E 224 35.89 53.93 -23.31
CA SER E 224 35.75 54.94 -22.26
C SER E 224 34.70 54.52 -21.22
N ASN E 225 33.57 53.97 -21.69
CA ASN E 225 32.54 53.57 -20.75
C ASN E 225 32.99 52.37 -19.92
N ALA E 226 33.73 51.44 -20.52
CA ALA E 226 34.23 50.30 -19.77
C ALA E 226 35.22 50.73 -18.69
N GLN E 227 36.11 51.68 -19.03
CA GLN E 227 37.03 52.18 -18.02
C GLN E 227 36.28 52.91 -16.91
N TRP E 228 35.25 53.68 -17.26
CA TRP E 228 34.43 54.30 -16.22
C TRP E 228 33.84 53.24 -15.30
N PHE E 229 33.27 52.20 -15.89
CA PHE E 229 32.65 51.14 -15.10
C PHE E 229 33.68 50.47 -14.18
N TYR E 230 34.87 50.20 -14.72
CA TYR E 230 35.96 49.62 -13.93
C TYR E 230 36.34 50.52 -12.77
N ASP E 231 36.39 51.83 -13.00
CA ASP E 231 36.84 52.77 -11.99
C ASP E 231 35.79 53.03 -10.92
N HIS E 232 34.51 53.00 -11.27
CA HIS E 232 33.49 53.53 -10.40
C HIS E 232 32.54 52.49 -9.84
N VAL E 233 32.46 51.32 -10.44
CA VAL E 233 31.57 50.26 -9.98
C VAL E 233 32.40 49.25 -9.20
N LYS E 234 31.92 48.88 -8.03
CA LYS E 234 32.68 48.08 -7.07
C LYS E 234 31.99 46.75 -6.82
N ARG E 235 32.74 45.83 -6.21
CA ARG E 235 32.20 44.53 -5.82
C ARG E 235 30.90 44.72 -5.05
N GLY E 236 29.87 43.95 -5.41
CA GLY E 236 28.57 44.04 -4.77
C GLY E 236 27.60 45.02 -5.41
N ASP E 237 28.06 45.90 -6.28
CA ASP E 237 27.11 46.69 -7.07
C ASP E 237 26.29 45.73 -7.95
N ILE E 238 25.23 46.24 -8.59
CA ILE E 238 24.27 45.38 -9.26
C ILE E 238 24.19 45.72 -10.75
N VAL E 239 24.17 44.68 -11.59
CA VAL E 239 23.78 44.80 -13.00
C VAL E 239 22.51 43.98 -13.19
N GLU E 240 21.45 44.60 -13.68
CA GLU E 240 20.23 43.87 -14.00
C GLU E 240 20.04 43.86 -15.51
N VAL E 241 19.91 42.66 -16.09
CA VAL E 241 19.64 42.48 -17.51
C VAL E 241 18.16 42.17 -17.68
N VAL E 242 17.50 42.88 -18.60
CA VAL E 242 16.08 42.66 -18.85
C VAL E 242 15.81 42.60 -20.35
N ASN E 243 14.78 41.81 -20.71
CA ASN E 243 14.17 41.79 -22.03
C ASN E 243 15.02 41.14 -23.11
N THR E 244 16.01 40.30 -22.76
CA THR E 244 16.73 39.54 -23.77
C THR E 244 15.96 38.27 -24.12
N VAL E 245 16.46 37.57 -25.14
CA VAL E 245 15.91 36.29 -25.59
C VAL E 245 16.56 35.16 -24.82
N GLY E 246 17.38 35.50 -23.83
CA GLY E 246 17.97 34.49 -22.99
C GLY E 246 16.99 34.06 -21.90
N GLY E 247 17.43 33.10 -21.12
CA GLY E 247 16.65 32.71 -19.97
C GLY E 247 16.95 33.62 -18.80
N THR E 248 17.07 33.03 -17.61
CA THR E 248 17.39 33.74 -16.39
C THR E 248 18.69 33.18 -15.81
N LEU E 249 19.52 34.07 -15.30
CA LEU E 249 20.77 33.64 -14.68
C LEU E 249 20.47 32.69 -13.53
N PRO E 250 21.17 31.55 -13.44
CA PRO E 250 20.95 30.63 -12.30
C PRO E 250 21.21 31.29 -10.96
N GLY E 251 20.32 31.03 -10.01
CA GLY E 251 20.52 31.56 -8.68
C GLY E 251 21.77 31.06 -7.98
N ILE E 252 22.27 29.88 -8.37
CA ILE E 252 23.48 29.32 -7.77
C ILE E 252 24.71 29.52 -8.67
N ASP E 253 24.67 30.51 -9.56
CA ASP E 253 25.82 30.79 -10.42
C ASP E 253 27.07 31.05 -9.60
N GLY E 254 26.91 31.71 -8.44
CA GLY E 254 28.02 32.27 -7.69
C GLY E 254 27.80 33.75 -7.45
N LEU E 255 27.26 34.44 -8.46
CA LEU E 255 26.91 35.85 -8.33
C LEU E 255 25.43 36.07 -8.64
N GLY E 256 24.63 35.00 -8.61
CA GLY E 256 23.24 35.07 -8.99
C GLY E 256 22.24 35.01 -7.86
N ASP E 257 22.71 35.26 -6.62
CA ASP E 257 21.92 35.04 -5.40
C ASP E 257 20.54 35.70 -5.46
N TRP E 258 20.46 36.90 -6.02
CA TRP E 258 19.21 37.67 -5.94
C TRP E 258 18.14 37.17 -6.90
N ASN E 259 18.47 36.22 -7.77
CA ASN E 259 17.47 35.62 -8.64
C ASN E 259 16.68 34.53 -7.95
N ILE E 260 17.09 34.14 -6.75
CA ILE E 260 16.34 33.18 -5.96
C ILE E 260 15.24 33.94 -5.23
N PRO E 261 13.98 33.56 -5.43
CA PRO E 261 12.88 34.24 -4.73
C PRO E 261 13.07 34.12 -3.23
N TRP E 262 12.58 35.13 -2.49
CA TRP E 262 12.87 35.19 -1.07
C TRP E 262 12.34 33.98 -0.31
N ASP E 263 11.16 33.48 -0.69
CA ASP E 263 10.64 32.34 0.07
C ASP E 263 11.52 31.09 -0.14
N GLN E 264 12.08 30.93 -1.34
CA GLN E 264 12.99 29.81 -1.61
C GLN E 264 14.35 30.01 -0.94
N TRP E 265 14.84 31.25 -0.92
CA TRP E 265 16.06 31.56 -0.17
C TRP E 265 15.89 31.24 1.32
N ARG E 266 14.80 31.71 1.91
CA ARG E 266 14.59 31.48 3.34
C ARG E 266 14.42 30.00 3.64
N ALA E 267 13.73 29.27 2.77
CA ALA E 267 13.60 27.83 2.98
C ALA E 267 14.96 27.15 3.00
N GLY E 268 15.94 27.67 2.25
CA GLY E 268 17.32 27.24 2.32
C GLY E 268 17.59 25.74 2.41
N ASN E 269 17.43 25.01 1.29
CA ASN E 269 18.02 23.67 1.10
C ASN E 269 17.76 22.73 2.28
N THR F 6 0.55 3.31 58.19
CA THR F 6 0.77 4.75 58.14
C THR F 6 -0.51 5.51 58.52
N PHE F 7 -0.51 6.07 59.71
CA PHE F 7 -1.65 6.79 60.28
C PHE F 7 -1.57 8.31 60.07
N GLN F 8 -2.75 8.93 60.00
CA GLN F 8 -2.85 10.38 60.03
C GLN F 8 -2.52 10.93 61.42
N THR F 9 -1.85 12.08 61.45
CA THR F 9 -1.64 12.83 62.68
C THR F 9 -2.63 14.00 62.74
N SER F 10 -3.19 14.26 63.93
CA SER F 10 -4.12 15.38 64.06
C SER F 10 -3.31 16.66 64.15
N SER F 11 -3.84 17.74 63.56
CA SER F 11 -3.09 18.98 63.61
C SER F 11 -4.04 20.16 63.52
N PRO F 12 -3.81 21.24 64.26
CA PRO F 12 -4.65 22.44 64.09
C PRO F 12 -4.45 23.13 62.76
N ALA F 13 -3.35 22.84 62.05
CA ALA F 13 -3.04 23.40 60.74
C ALA F 13 -3.70 22.57 59.65
N HIS F 14 -4.02 23.24 58.54
CA HIS F 14 -4.83 22.64 57.49
C HIS F 14 -4.07 21.55 56.74
N LEU F 15 -4.77 20.47 56.41
CA LEU F 15 -4.25 19.38 55.60
C LEU F 15 -4.07 19.85 54.17
N THR F 16 -3.25 19.13 53.40
CA THR F 16 -3.18 19.38 51.97
C THR F 16 -3.36 18.08 51.18
N MET F 17 -4.07 18.18 50.05
CA MET F 17 -4.38 17.02 49.23
C MET F 17 -3.56 17.11 47.93
N PRO F 18 -2.87 16.04 47.53
CA PRO F 18 -2.18 16.02 46.23
C PRO F 18 -3.09 15.59 45.09
N TYR F 19 -2.77 16.11 43.90
CA TYR F 19 -3.42 15.76 42.65
C TYR F 19 -2.34 15.48 41.62
N VAL F 20 -2.46 14.39 40.90
CA VAL F 20 -1.39 13.96 40.01
C VAL F 20 -1.89 13.91 38.57
N MET F 21 -1.01 14.29 37.65
CA MET F 21 -1.25 14.22 36.23
C MET F 21 0.00 13.63 35.59
N PRO F 22 -0.15 12.92 34.46
CA PRO F 22 -1.40 12.69 33.72
C PRO F 22 -2.33 11.67 34.36
N GLY F 23 -3.50 11.46 33.76
CA GLY F 23 -4.50 10.61 34.37
C GLY F 23 -4.10 9.14 34.37
N ASP F 24 -4.65 8.42 35.34
CA ASP F 24 -4.37 7.00 35.49
C ASP F 24 -4.80 6.21 34.27
N GLY F 25 -3.89 5.41 33.73
CA GLY F 25 -4.15 4.58 32.59
C GLY F 25 -4.03 5.26 31.24
N GLU F 26 -3.66 6.54 31.21
CA GLU F 26 -3.57 7.29 29.96
C GLU F 26 -2.30 6.96 29.20
N VAL F 27 -2.35 7.18 27.89
CA VAL F 27 -1.17 7.22 27.03
C VAL F 27 -0.91 8.68 26.69
N VAL F 28 0.32 9.14 26.93
CA VAL F 28 0.66 10.54 26.68
C VAL F 28 1.89 10.58 25.78
N GLY F 29 2.14 11.76 25.22
CA GLY F 29 3.27 11.93 24.34
C GLY F 29 4.59 12.06 25.10
N VAL F 30 5.67 12.14 24.31
CA VAL F 30 7.02 12.09 24.87
C VAL F 30 7.41 13.36 25.59
N GLY F 31 6.59 14.41 25.53
CA GLY F 31 6.88 15.61 26.27
C GLY F 31 6.13 15.78 27.57
N GLU F 32 5.34 14.80 27.97
CA GLU F 32 4.46 14.98 29.12
C GLU F 32 5.23 14.88 30.43
N PRO F 33 5.26 15.93 31.25
CA PRO F 33 5.87 15.81 32.57
C PRO F 33 4.90 15.16 33.54
N VAL F 34 5.47 14.54 34.58
CA VAL F 34 4.67 14.24 35.74
C VAL F 34 4.40 15.54 36.48
N ALA F 35 3.15 15.78 36.89
CA ALA F 35 2.83 17.00 37.61
C ALA F 35 2.10 16.61 38.88
N ILE F 36 2.61 17.08 40.01
CA ILE F 36 1.95 16.90 41.30
C ILE F 36 1.59 18.27 41.84
N ARG F 37 0.29 18.52 41.96
CA ARG F 37 -0.23 19.79 42.42
C ARG F 37 -0.91 19.62 43.77
N PHE F 38 -0.58 20.47 44.72
CA PHE F 38 -1.23 20.46 46.03
C PHE F 38 -2.25 21.59 46.10
N ASP F 39 -3.25 21.42 46.98
CA ASP F 39 -4.21 22.50 47.20
C ASP F 39 -3.71 23.51 48.23
N GLU F 40 -2.46 23.40 48.66
CA GLU F 40 -1.81 24.36 49.53
C GLU F 40 -0.38 24.58 49.04
N ASN F 41 0.20 25.72 49.42
CA ASN F 41 1.62 25.92 49.23
C ASN F 41 2.39 24.98 50.15
N ILE F 42 3.48 24.42 49.66
CA ILE F 42 4.25 23.42 50.40
C ILE F 42 5.45 24.08 51.05
N ALA F 43 5.51 24.04 52.39
CA ALA F 43 6.66 24.62 53.08
C ALA F 43 7.90 23.73 52.98
N ASP F 44 7.75 22.41 53.05
CA ASP F 44 8.87 21.48 53.04
C ASP F 44 8.86 20.72 51.71
N ARG F 45 9.49 21.31 50.69
CA ARG F 45 9.53 20.68 49.38
C ARG F 45 10.28 19.35 49.40
N GLY F 46 11.35 19.25 50.19
CA GLY F 46 12.07 18.00 50.27
C GLY F 46 11.21 16.87 50.79
N ALA F 47 10.34 17.16 51.76
CA ALA F 47 9.44 16.13 52.26
C ALA F 47 8.46 15.68 51.18
N ALA F 48 7.91 16.64 50.43
CA ALA F 48 7.00 16.30 49.33
C ALA F 48 7.72 15.45 48.28
N GLU F 49 8.90 15.88 47.86
CA GLU F 49 9.66 15.13 46.85
C GLU F 49 10.01 13.74 47.36
N LYS F 50 10.43 13.64 48.63
CA LYS F 50 10.78 12.33 49.18
C LYS F 50 9.55 11.43 49.22
N ALA F 51 8.36 12.00 49.36
CA ALA F 51 7.17 11.16 49.39
C ALA F 51 6.71 10.73 48.01
N ILE F 52 7.31 11.25 46.94
CA ILE F 52 6.88 10.97 45.57
C ILE F 52 7.87 9.98 44.97
N LYS F 53 7.35 8.82 44.57
CA LYS F 53 8.17 7.73 44.03
C LYS F 53 7.75 7.51 42.58
N ILE F 54 8.66 7.79 41.66
CA ILE F 54 8.40 7.61 40.24
C ILE F 54 9.31 6.50 39.75
N THR F 55 8.72 5.44 39.23
CA THR F 55 9.46 4.30 38.69
C THR F 55 9.12 4.19 37.21
N THR F 56 10.14 3.92 36.40
CA THR F 56 10.02 3.93 34.96
C THR F 56 10.58 2.64 34.38
N ASN F 57 10.02 2.21 33.24
CA ASN F 57 10.49 1.05 32.50
C ASN F 57 10.46 1.35 31.01
N PRO F 58 11.61 1.50 30.33
CA PRO F 58 12.99 1.42 30.81
C PRO F 58 13.30 2.51 31.82
N PRO F 59 14.18 2.22 32.77
CA PRO F 59 14.51 3.21 33.80
C PRO F 59 15.20 4.40 33.17
N VAL F 60 14.79 5.59 33.58
CA VAL F 60 15.44 6.82 33.15
C VAL F 60 15.56 7.76 34.33
N GLU F 61 16.67 8.48 34.39
CA GLU F 61 16.87 9.51 35.39
C GLU F 61 16.02 10.73 35.08
N GLY F 62 15.58 11.41 36.14
CA GLY F 62 14.82 12.63 35.98
C GLY F 62 14.97 13.48 37.22
N ALA F 63 14.22 14.58 37.27
CA ALA F 63 14.39 15.53 38.37
C ALA F 63 13.13 16.34 38.56
N PHE F 64 12.98 16.86 39.79
CA PHE F 64 11.88 17.72 40.17
C PHE F 64 12.20 19.19 39.92
N TYR F 65 11.19 19.94 39.48
CA TYR F 65 11.26 21.39 39.37
C TYR F 65 9.92 21.93 39.78
N TRP F 66 9.92 22.91 40.68
CA TRP F 66 8.67 23.46 41.18
C TRP F 66 8.23 24.57 40.26
N LEU F 67 7.09 24.36 39.61
CA LEU F 67 6.54 25.37 38.73
C LEU F 67 6.05 26.55 39.53
N ASN F 68 5.54 26.29 40.73
CA ASN F 68 5.17 27.36 41.65
C ASN F 68 5.20 26.73 43.03
N ASN F 69 4.69 27.47 44.04
CA ASN F 69 4.80 26.97 45.40
C ASN F 69 3.91 25.76 45.69
N ARG F 70 2.94 25.47 44.83
CA ARG F 70 2.02 24.35 45.01
C ARG F 70 2.18 23.24 43.98
N GLU F 71 2.93 23.44 42.90
CA GLU F 71 2.95 22.47 41.82
C GLU F 71 4.39 22.18 41.45
N VAL F 72 4.75 20.88 41.51
CA VAL F 72 6.08 20.38 41.16
C VAL F 72 5.96 19.51 39.91
N ARG F 73 6.96 19.61 39.03
CA ARG F 73 7.02 18.82 37.81
C ARG F 73 8.23 17.89 37.87
N TRP F 74 8.10 16.72 37.24
CA TRP F 74 9.21 15.77 37.13
C TRP F 74 9.32 15.33 35.68
N ARG F 75 10.52 15.35 35.14
CA ARG F 75 10.69 14.88 33.77
C ARG F 75 12.12 14.41 33.60
N PRO F 76 12.38 13.61 32.58
CA PRO F 76 13.77 13.28 32.22
C PRO F 76 14.44 14.46 31.52
N GLU F 77 15.74 14.30 31.28
CA GLU F 77 16.51 15.33 30.60
C GLU F 77 16.04 15.53 29.16
N HIS F 78 15.72 14.42 28.48
CA HIS F 78 15.26 14.42 27.11
C HIS F 78 13.86 13.84 27.08
N PHE F 79 13.18 14.04 25.94
CA PHE F 79 11.84 13.49 25.75
C PHE F 79 11.83 12.02 26.12
N TRP F 80 10.70 11.56 26.66
CA TRP F 80 10.54 10.16 27.02
C TRP F 80 10.82 9.24 25.84
N LYS F 81 11.34 8.06 26.14
CA LYS F 81 11.42 7.03 25.10
C LYS F 81 10.04 6.43 24.89
N PRO F 82 9.55 6.37 23.65
CA PRO F 82 8.24 5.77 23.39
C PRO F 82 8.13 4.38 23.98
N GLY F 83 6.97 4.09 24.56
CA GLY F 83 6.71 2.81 25.17
C GLY F 83 7.06 2.73 26.65
N THR F 84 7.73 3.75 27.19
CA THR F 84 8.07 3.75 28.61
C THR F 84 6.80 3.66 29.47
N ALA F 85 6.86 2.80 30.48
CA ALA F 85 5.80 2.71 31.48
C ALA F 85 6.21 3.49 32.71
N VAL F 86 5.27 4.27 33.25
CA VAL F 86 5.57 5.18 34.34
C VAL F 86 4.57 4.93 35.47
N ASP F 87 5.12 4.72 36.66
CA ASP F 87 4.40 4.55 37.92
C ASP F 87 4.72 5.71 38.84
N VAL F 88 3.67 6.38 39.32
CA VAL F 88 3.84 7.50 40.22
C VAL F 88 3.04 7.20 41.48
N ALA F 89 3.74 7.12 42.59
CA ALA F 89 3.14 6.90 43.90
C ALA F 89 3.39 8.16 44.72
N VAL F 90 2.34 8.93 44.99
CA VAL F 90 2.45 10.11 45.84
C VAL F 90 1.97 9.65 47.21
N ASN F 91 2.93 9.28 48.06
CA ASN F 91 2.68 8.64 49.35
C ASN F 91 2.71 9.67 50.47
N THR F 92 1.79 10.61 50.39
CA THR F 92 1.78 11.76 51.28
C THR F 92 0.88 11.59 52.50
N TYR F 93 0.12 10.49 52.59
CA TYR F 93 -0.83 10.33 53.69
C TYR F 93 -0.11 10.37 55.02
N GLY F 94 -0.49 11.33 55.88
CA GLY F 94 0.12 11.43 57.18
C GLY F 94 1.54 11.96 57.19
N VAL F 95 2.06 12.39 56.04
CA VAL F 95 3.42 12.92 55.97
C VAL F 95 3.39 14.39 56.37
N ASP F 96 4.30 14.79 57.25
CA ASP F 96 4.41 16.20 57.62
C ASP F 96 5.07 16.96 56.48
N LEU F 97 4.31 17.82 55.80
CA LEU F 97 4.83 18.59 54.67
C LEU F 97 5.28 19.98 55.09
N GLY F 98 5.50 20.21 56.37
CA GLY F 98 6.05 21.44 56.93
C GLY F 98 5.00 22.27 57.66
N GLU F 99 5.42 22.87 58.77
CA GLU F 99 4.59 23.80 59.54
C GLU F 99 3.25 23.18 59.94
N GLY F 100 3.27 21.90 60.28
CA GLY F 100 2.08 21.22 60.74
C GLY F 100 1.10 20.82 59.65
N MET F 101 1.46 20.96 58.39
CA MET F 101 0.56 20.58 57.30
C MET F 101 0.85 19.13 56.95
N PHE F 102 -0.17 18.28 57.01
CA PHE F 102 -0.03 16.86 56.74
C PHE F 102 -0.75 16.49 55.45
N GLY F 103 -0.23 15.48 54.77
CA GLY F 103 -0.88 15.00 53.56
C GLY F 103 -2.21 14.34 53.87
N GLU F 104 -3.23 14.68 53.11
CA GLU F 104 -4.57 14.21 53.41
C GLU F 104 -4.78 12.77 52.90
N ASP F 105 -4.05 12.35 51.88
CA ASP F 105 -4.23 11.05 51.23
C ASP F 105 -3.01 10.77 50.36
N ASN F 106 -2.95 9.54 49.84
CA ASN F 106 -2.05 9.11 48.78
C ASN F 106 -2.78 9.20 47.44
N VAL F 107 -2.02 9.40 46.35
CA VAL F 107 -2.57 9.31 45.00
C VAL F 107 -1.60 8.48 44.16
N GLN F 108 -2.15 7.67 43.22
CA GLN F 108 -1.28 6.78 42.49
C GLN F 108 -1.68 6.94 41.03
N THR F 109 -0.75 6.99 40.09
CA THR F 109 -1.18 6.97 38.70
C THR F 109 -0.22 6.13 37.90
N HIS F 110 -0.73 5.41 36.92
CA HIS F 110 0.27 4.84 36.02
C HIS F 110 -0.19 4.99 34.57
N PHE F 111 0.79 5.30 33.72
CA PHE F 111 0.55 5.70 32.34
C PHE F 111 1.71 5.22 31.48
N THR F 112 1.54 5.35 30.16
CA THR F 112 2.53 4.88 29.21
C THR F 112 2.81 6.01 28.23
N ILE F 113 4.01 6.00 27.68
CA ILE F 113 4.39 6.98 26.66
C ILE F 113 4.08 6.37 25.30
N GLY F 114 3.35 7.11 24.46
CA GLY F 114 3.02 6.63 23.15
C GLY F 114 4.13 6.93 22.16
N ASP F 115 3.74 7.00 20.89
CA ASP F 115 4.71 7.29 19.83
C ASP F 115 5.32 8.67 20.01
N GLU F 116 6.50 8.84 19.42
CA GLU F 116 7.17 10.13 19.43
C GLU F 116 6.49 10.98 18.36
N VAL F 117 5.81 12.04 18.77
CA VAL F 117 5.10 12.92 17.84
C VAL F 117 5.66 14.32 18.06
N ILE F 118 6.36 14.83 17.04
CA ILE F 118 6.97 16.15 17.10
C ILE F 118 6.57 16.90 15.85
N ALA F 119 5.86 18.00 16.04
CA ALA F 119 5.43 18.84 14.93
C ALA F 119 6.27 20.10 14.96
N THR F 120 7.00 20.39 13.88
CA THR F 120 7.90 21.52 13.83
C THR F 120 7.29 22.60 12.96
N ALA F 121 7.11 23.79 13.51
CA ALA F 121 6.63 24.94 12.76
C ALA F 121 7.85 25.81 12.48
N ASP F 122 8.27 25.83 11.19
CA ASP F 122 9.43 26.57 10.75
C ASP F 122 8.97 27.84 10.05
N ASP F 123 9.35 28.99 10.64
CA ASP F 123 8.98 30.29 10.09
C ASP F 123 9.74 30.57 8.80
N ASN F 124 10.87 29.92 8.58
CA ASN F 124 11.56 30.08 7.29
C ASN F 124 10.73 29.53 6.14
N THR F 125 9.94 28.49 6.40
CA THR F 125 9.10 27.87 5.39
C THR F 125 7.62 28.15 5.57
N LYS F 126 7.19 28.58 6.76
CA LYS F 126 5.77 28.75 7.06
C LYS F 126 5.07 27.40 6.95
N ILE F 127 5.76 26.35 7.39
CA ILE F 127 5.18 25.01 7.32
C ILE F 127 5.25 24.36 8.70
N LEU F 128 4.16 23.71 9.11
CA LEU F 128 4.08 22.88 10.30
C LEU F 128 4.15 21.43 9.84
N THR F 129 5.27 20.75 10.13
CA THR F 129 5.50 19.38 9.69
C THR F 129 5.38 18.44 10.89
N VAL F 130 4.50 17.44 10.77
CA VAL F 130 4.27 16.47 11.84
C VAL F 130 5.05 15.20 11.53
N ARG F 131 5.97 14.86 12.46
CA ARG F 131 6.77 13.65 12.40
C ARG F 131 6.37 12.69 13.49
N VAL F 132 6.13 11.44 13.11
CA VAL F 132 5.80 10.35 14.03
C VAL F 132 6.95 9.36 14.01
N ASN F 133 7.65 9.23 15.13
CA ASN F 133 8.85 8.40 15.22
C ASN F 133 9.83 8.71 14.10
N GLY F 134 10.04 10.01 13.83
CA GLY F 134 11.00 10.45 12.85
C GLY F 134 10.47 10.57 11.44
N GLU F 135 9.29 10.04 11.15
CA GLU F 135 8.76 10.00 9.79
C GLU F 135 7.76 11.14 9.58
N VAL F 136 7.97 11.93 8.52
CA VAL F 136 6.98 12.96 8.17
C VAL F 136 5.68 12.28 7.80
N VAL F 137 4.61 12.58 8.53
CA VAL F 137 3.28 12.11 8.19
C VAL F 137 2.36 13.24 7.74
N LYS F 138 2.66 14.49 8.09
CA LYS F 138 1.79 15.56 7.59
C LYS F 138 2.64 16.80 7.35
N SER F 139 2.31 17.54 6.29
CA SER F 139 2.93 18.83 6.02
C SER F 139 1.80 19.82 5.91
N MET F 140 1.74 20.78 6.83
CA MET F 140 0.60 21.70 6.93
C MET F 140 1.07 23.13 6.76
N PRO F 141 0.73 23.80 5.67
CA PRO F 141 0.99 25.23 5.59
C PRO F 141 0.36 25.95 6.77
N THR F 142 1.08 26.94 7.30
CA THR F 142 0.61 27.63 8.48
C THR F 142 0.87 29.11 8.34
N SER F 143 0.11 29.89 9.10
CA SER F 143 0.31 31.32 9.22
C SER F 143 0.43 31.59 10.71
N MET F 144 1.59 32.09 11.13
CA MET F 144 1.88 32.34 12.52
C MET F 144 1.73 33.83 12.83
N GLY F 145 2.24 34.25 13.99
CA GLY F 145 2.02 35.62 14.44
C GLY F 145 2.70 36.64 13.54
N LYS F 146 2.00 37.75 13.29
CA LYS F 146 2.60 38.88 12.61
C LYS F 146 3.82 39.39 13.36
N ASP F 147 4.65 40.17 12.66
CA ASP F 147 5.89 40.66 13.28
C ASP F 147 5.60 41.40 14.58
N SER F 148 4.47 42.11 14.66
CA SER F 148 4.12 42.85 15.86
C SER F 148 3.55 41.99 16.97
N THR F 149 2.99 40.82 16.64
CA THR F 149 2.47 39.89 17.65
C THR F 149 2.96 38.48 17.29
N PRO F 150 4.26 38.25 17.39
CA PRO F 150 4.84 37.03 16.82
C PRO F 150 4.65 35.82 17.72
N THR F 151 4.79 34.65 17.09
CA THR F 151 4.80 33.39 17.82
C THR F 151 6.19 33.16 18.41
N ALA F 152 6.25 32.89 19.72
CA ALA F 152 7.55 32.63 20.36
C ALA F 152 8.15 31.32 19.88
N ASN F 153 9.47 31.30 19.70
CA ASN F 153 10.16 30.07 19.40
C ASN F 153 10.19 29.20 20.64
N GLY F 154 10.39 27.90 20.43
CA GLY F 154 10.63 27.03 21.55
C GLY F 154 9.85 25.74 21.47
N ILE F 155 9.92 24.96 22.55
CA ILE F 155 9.26 23.67 22.66
C ILE F 155 7.98 23.85 23.47
N TYR F 156 6.85 23.47 22.87
CA TYR F 156 5.53 23.56 23.47
C TYR F 156 4.99 22.16 23.69
N ILE F 157 4.43 21.91 24.87
CA ILE F 157 3.75 20.65 25.15
C ILE F 157 2.29 20.79 24.77
N VAL F 158 1.76 19.80 24.04
CA VAL F 158 0.33 19.79 23.71
C VAL F 158 -0.49 19.55 24.98
N GLY F 159 -1.49 20.40 25.17
CA GLY F 159 -2.38 20.31 26.31
C GLY F 159 -3.77 19.89 25.90
N SER F 160 -4.76 20.68 26.31
CA SER F 160 -6.17 20.39 26.07
C SER F 160 -6.56 20.69 24.62
N ARG F 161 -7.70 20.14 24.20
CA ARG F 161 -8.21 20.38 22.86
C ARG F 161 -9.69 20.69 22.93
N TYR F 162 -10.18 21.44 21.94
CA TYR F 162 -11.57 21.89 21.91
C TYR F 162 -12.12 21.76 20.51
N LYS F 163 -13.27 21.10 20.35
CA LYS F 163 -13.91 21.08 19.04
C LYS F 163 -14.32 22.47 18.62
N HIS F 164 -14.70 23.30 19.58
CA HIS F 164 -15.05 24.69 19.32
C HIS F 164 -14.70 25.52 20.53
N ILE F 165 -14.18 26.72 20.29
CA ILE F 165 -13.85 27.66 21.36
C ILE F 165 -13.88 29.07 20.79
N ILE F 166 -14.15 30.04 21.64
CA ILE F 166 -14.13 31.47 21.26
C ILE F 166 -12.83 32.10 21.72
N MET F 167 -12.11 32.73 20.79
CA MET F 167 -10.91 33.51 21.11
C MET F 167 -11.28 34.98 21.20
N ASP F 168 -11.07 35.58 22.36
CA ASP F 168 -11.53 36.94 22.66
C ASP F 168 -10.38 37.77 23.20
N SER F 169 -10.04 38.87 22.51
CA SER F 169 -8.90 39.70 22.87
C SER F 169 -9.04 40.35 24.24
N SER F 170 -10.25 40.43 24.80
CA SER F 170 -10.41 41.08 26.10
C SER F 170 -9.70 40.33 27.21
N THR F 171 -9.42 39.02 27.02
CA THR F 171 -8.63 38.31 28.03
C THR F 171 -7.22 38.86 28.11
N TYR F 172 -6.76 39.56 27.09
CA TYR F 172 -5.46 40.24 27.09
C TYR F 172 -5.59 41.72 27.41
N GLY F 173 -6.77 42.16 27.82
CA GLY F 173 -7.01 43.56 28.11
C GLY F 173 -7.27 44.42 26.91
N VAL F 174 -7.51 43.83 25.75
CA VAL F 174 -7.77 44.56 24.51
C VAL F 174 -9.26 44.43 24.19
N PRO F 175 -10.03 45.53 24.25
CA PRO F 175 -11.48 45.43 23.98
C PRO F 175 -11.74 44.93 22.57
N VAL F 176 -12.79 44.12 22.42
CA VAL F 176 -13.10 43.57 21.11
C VAL F 176 -13.42 44.68 20.12
N ASN F 177 -13.98 45.79 20.59
CA ASN F 177 -14.38 46.87 19.69
C ASN F 177 -13.21 47.73 19.22
N SER F 178 -12.09 47.72 19.93
CA SER F 178 -10.91 48.49 19.55
C SER F 178 -10.29 47.99 18.23
N PRO F 179 -9.46 48.83 17.60
CA PRO F 179 -8.88 48.45 16.29
C PRO F 179 -8.14 47.11 16.25
N ASN F 180 -7.43 46.71 17.31
CA ASN F 180 -6.94 45.35 17.50
C ASN F 180 -7.78 44.42 18.34
N GLY F 181 -8.98 44.74 18.68
CA GLY F 181 -9.76 43.70 19.32
C GLY F 181 -10.07 42.59 18.35
N TYR F 182 -10.54 41.49 18.90
CA TYR F 182 -11.05 40.39 18.09
C TYR F 182 -11.91 39.50 18.98
N ARG F 183 -12.96 38.95 18.38
CA ARG F 183 -13.77 37.88 18.96
C ARG F 183 -14.03 36.90 17.84
N THR F 184 -13.51 35.69 17.97
CA THR F 184 -13.45 34.74 16.87
C THR F 184 -13.92 33.36 17.30
N ASP F 185 -14.90 32.81 16.60
CA ASP F 185 -15.28 31.42 16.73
C ASP F 185 -14.27 30.55 16.00
N VAL F 186 -13.70 29.57 16.71
CA VAL F 186 -12.64 28.73 16.18
C VAL F 186 -13.01 27.26 16.34
N ASP F 187 -12.76 26.46 15.30
CA ASP F 187 -12.95 25.01 15.33
C ASP F 187 -11.60 24.31 15.51
N TRP F 188 -11.64 23.12 16.12
CA TRP F 188 -10.52 22.18 16.11
C TRP F 188 -9.26 22.83 16.68
N ALA F 189 -9.34 23.23 17.95
CA ALA F 189 -8.29 24.04 18.58
C ALA F 189 -7.51 23.19 19.57
N THR F 190 -6.22 23.03 19.31
CA THR F 190 -5.33 22.29 20.19
C THR F 190 -4.44 23.28 20.93
N GLN F 191 -4.52 23.29 22.27
CA GLN F 191 -3.78 24.25 23.07
C GLN F 191 -2.34 23.77 23.22
N ILE F 192 -1.39 24.69 23.05
CA ILE F 192 0.02 24.36 23.26
C ILE F 192 0.75 25.32 24.19
N SER F 193 0.11 26.38 24.68
CA SER F 193 0.66 27.12 25.82
C SER F 193 -0.47 27.62 26.70
N TYR F 194 -0.19 27.76 28.00
CA TYR F 194 -1.15 28.42 28.89
C TYR F 194 -1.41 29.85 28.48
N SER F 195 -0.39 30.54 27.94
CA SER F 195 -0.57 31.93 27.56
C SER F 195 -1.58 32.07 26.42
N GLY F 196 -1.79 30.99 25.66
CA GLY F 196 -2.88 30.97 24.72
C GLY F 196 -2.57 30.60 23.28
N VAL F 197 -1.38 30.10 23.00
CA VAL F 197 -1.07 29.64 21.65
C VAL F 197 -1.83 28.35 21.39
N PHE F 198 -2.53 28.29 20.27
CA PHE F 198 -3.23 27.11 19.78
C PHE F 198 -2.83 26.81 18.35
N VAL F 199 -2.91 25.54 17.99
CA VAL F 199 -3.04 25.12 16.60
C VAL F 199 -4.52 25.00 16.33
N HIS F 200 -5.02 25.65 15.27
CA HIS F 200 -6.47 25.61 15.07
C HIS F 200 -6.84 25.91 13.63
N SER F 201 -8.12 25.66 13.34
CA SER F 201 -8.66 25.90 12.00
C SER F 201 -8.79 27.39 11.75
N ALA F 202 -8.35 27.84 10.58
CA ALA F 202 -8.43 29.26 10.21
C ALA F 202 -8.78 29.37 8.75
N PRO F 203 -10.05 29.15 8.39
CA PRO F 203 -10.45 29.30 6.99
C PRO F 203 -10.13 30.68 6.43
N TRP F 204 -10.09 31.69 7.28
CA TRP F 204 -9.89 33.05 6.81
C TRP F 204 -8.46 33.30 6.35
N SER F 205 -7.51 32.43 6.70
CA SER F 205 -6.13 32.71 6.29
C SER F 205 -5.53 31.61 5.41
N VAL F 206 -6.35 30.78 4.78
CA VAL F 206 -5.82 29.66 4.00
C VAL F 206 -4.88 30.16 2.89
N GLY F 207 -5.20 31.30 2.28
CA GLY F 207 -4.31 31.79 1.22
C GLY F 207 -2.97 32.28 1.74
N ALA F 208 -2.92 32.71 3.00
CA ALA F 208 -1.68 33.18 3.59
C ALA F 208 -0.87 32.05 4.18
N GLN F 209 -1.51 30.93 4.50
CA GLN F 209 -0.80 29.79 5.11
C GLN F 209 0.25 29.26 4.15
N GLY F 210 1.49 29.09 4.67
CA GLY F 210 2.62 28.76 3.84
C GLY F 210 3.31 29.95 3.21
N HIS F 211 2.83 31.17 3.43
CA HIS F 211 3.38 32.33 2.73
C HIS F 211 3.64 33.52 3.64
N THR F 212 2.64 33.89 4.45
CA THR F 212 2.66 35.14 5.18
C THR F 212 2.11 34.91 6.58
N ASN F 213 2.72 35.54 7.57
CA ASN F 213 2.22 35.48 8.94
C ASN F 213 1.17 36.55 9.16
N THR F 214 -0.02 36.14 9.62
CA THR F 214 -1.13 37.06 9.81
C THR F 214 -1.80 36.93 11.17
N SER F 215 -1.35 36.03 12.04
CA SER F 215 -2.14 35.73 13.22
C SER F 215 -1.71 36.59 14.42
N HIS F 216 -2.44 36.41 15.52
CA HIS F 216 -2.09 37.04 16.78
C HIS F 216 -1.08 36.23 17.59
N GLY F 217 -0.54 35.15 17.02
CA GLY F 217 0.37 34.29 17.73
C GLY F 217 0.06 32.82 17.54
N CYS F 218 -1.21 32.53 17.27
CA CYS F 218 -1.63 31.16 17.04
C CYS F 218 -1.07 30.61 15.74
N LEU F 219 -1.09 29.30 15.65
CA LEU F 219 -0.66 28.59 14.45
C LEU F 219 -1.92 28.29 13.65
N ASN F 220 -2.22 29.18 12.69
CA ASN F 220 -3.37 28.99 11.79
C ASN F 220 -3.04 27.88 10.80
N VAL F 221 -3.95 26.91 10.65
CA VAL F 221 -3.83 25.91 9.58
C VAL F 221 -5.21 25.74 8.95
N SER F 222 -5.27 24.92 7.89
CA SER F 222 -6.55 24.73 7.21
C SER F 222 -7.52 23.95 8.09
N PRO F 223 -8.82 24.05 7.83
CA PRO F 223 -9.80 23.25 8.60
C PRO F 223 -9.51 21.76 8.62
N SER F 224 -9.18 21.18 7.46
CA SER F 224 -8.88 19.75 7.43
C SER F 224 -7.64 19.42 8.25
N ASN F 225 -6.59 20.23 8.13
CA ASN F 225 -5.37 19.95 8.89
C ASN F 225 -5.59 20.16 10.39
N ALA F 226 -6.39 21.16 10.77
CA ALA F 226 -6.68 21.36 12.18
C ALA F 226 -7.45 20.20 12.76
N GLN F 227 -8.42 19.67 12.00
CA GLN F 227 -9.16 18.52 12.50
C GLN F 227 -8.27 17.29 12.59
N TRP F 228 -7.38 17.10 11.61
CA TRP F 228 -6.41 16.01 11.72
C TRP F 228 -5.58 16.17 12.99
N PHE F 229 -5.08 17.38 13.25
CA PHE F 229 -4.24 17.61 14.42
C PHE F 229 -5.03 17.32 15.70
N TYR F 230 -6.27 17.79 15.76
CA TYR F 230 -7.14 17.54 16.90
C TYR F 230 -7.35 16.04 17.11
N ASP F 231 -7.52 15.29 16.02
CA ASP F 231 -7.84 13.88 16.11
C ASP F 231 -6.62 13.02 16.46
N HIS F 232 -5.42 13.42 16.02
CA HIS F 232 -4.28 12.53 16.04
C HIS F 232 -3.16 12.93 16.98
N VAL F 233 -3.11 14.19 17.41
CA VAL F 233 -2.06 14.66 18.31
C VAL F 233 -2.64 14.70 19.71
N LYS F 234 -1.95 14.10 20.66
CA LYS F 234 -2.47 13.88 22.00
C LYS F 234 -1.69 14.70 23.02
N ARG F 235 -2.26 14.79 24.21
CA ARG F 235 -1.63 15.51 25.30
C ARG F 235 -0.21 14.97 25.50
N GLY F 236 0.75 15.88 25.65
CA GLY F 236 2.13 15.48 25.79
C GLY F 236 2.91 15.36 24.49
N ASP F 237 2.26 15.34 23.34
CA ASP F 237 3.01 15.46 22.10
C ASP F 237 3.68 16.84 22.05
N ILE F 238 4.58 17.05 21.08
CA ILE F 238 5.44 18.22 21.09
C ILE F 238 5.19 19.06 19.85
N VAL F 239 5.10 20.38 20.01
CA VAL F 239 5.22 21.33 18.91
C VAL F 239 6.47 22.16 19.14
N GLU F 240 7.37 22.19 18.17
CA GLU F 240 8.55 23.05 18.28
C GLU F 240 8.43 24.15 17.23
N VAL F 241 8.49 25.40 17.67
CA VAL F 241 8.51 26.57 16.77
C VAL F 241 9.95 27.05 16.64
N VAL F 242 10.39 27.28 15.41
CA VAL F 242 11.75 27.75 15.14
C VAL F 242 11.74 28.89 14.13
N ASN F 243 12.73 29.78 14.27
CA ASN F 243 13.11 30.81 13.31
C ASN F 243 12.11 31.96 13.19
N THR F 244 11.26 32.17 14.19
CA THR F 244 10.42 33.35 14.16
C THR F 244 11.18 34.55 14.73
N VAL F 245 10.56 35.73 14.57
CA VAL F 245 11.12 36.97 15.10
C VAL F 245 10.66 37.16 16.54
N GLY F 246 9.98 36.15 17.07
CA GLY F 246 9.59 36.20 18.46
C GLY F 246 10.74 35.78 19.34
N GLY F 247 10.50 35.84 20.65
CA GLY F 247 11.50 35.38 21.58
C GLY F 247 11.42 33.88 21.77
N THR F 248 11.54 33.45 23.03
CA THR F 248 11.43 32.05 23.40
C THR F 248 10.30 31.91 24.40
N LEU F 249 9.51 30.84 24.26
CA LEU F 249 8.44 30.58 25.21
C LEU F 249 9.00 30.48 26.64
N PRO F 250 8.40 31.14 27.61
CA PRO F 250 8.86 30.99 29.01
C PRO F 250 8.81 29.55 29.49
N GLY F 251 9.87 29.13 30.18
CA GLY F 251 9.89 27.79 30.73
C GLY F 251 8.81 27.54 31.76
N ILE F 252 8.34 28.59 32.43
CA ILE F 252 7.29 28.43 33.43
C ILE F 252 5.92 28.84 32.88
N ASP F 253 5.73 28.79 31.56
CA ASP F 253 4.42 29.09 30.99
C ASP F 253 3.34 28.18 31.55
N GLY F 254 3.67 26.92 31.84
CA GLY F 254 2.71 25.90 32.15
C GLY F 254 2.86 24.70 31.23
N LEU F 255 3.17 24.99 29.96
CA LEU F 255 3.48 23.96 28.97
C LEU F 255 4.86 24.19 28.35
N GLY F 256 5.69 25.01 28.99
CA GLY F 256 6.98 25.37 28.43
C GLY F 256 8.18 24.71 29.11
N ASP F 257 7.93 23.63 29.85
CA ASP F 257 8.94 22.98 30.71
C ASP F 257 10.24 22.66 29.98
N TRP F 258 10.14 22.23 28.71
CA TRP F 258 11.34 21.77 28.01
C TRP F 258 12.25 22.90 27.57
N ASN F 259 11.82 24.15 27.71
CA ASN F 259 12.68 25.28 27.38
C ASN F 259 13.64 25.63 28.48
N ILE F 260 13.50 25.02 29.66
CA ILE F 260 14.41 25.22 30.76
C ILE F 260 15.61 24.29 30.55
N PRO F 261 16.82 24.83 30.48
CA PRO F 261 18.01 23.97 30.31
C PRO F 261 18.10 22.97 31.44
N TRP F 262 18.67 21.80 31.14
CA TRP F 262 18.64 20.69 32.10
C TRP F 262 19.36 21.05 33.40
N ASP F 263 20.47 21.78 33.32
CA ASP F 263 21.17 22.10 34.56
C ASP F 263 20.34 23.04 35.43
N GLN F 264 19.61 23.97 34.80
CA GLN F 264 18.74 24.86 35.56
C GLN F 264 17.53 24.10 36.12
N TRP F 265 16.98 23.16 35.35
CA TRP F 265 15.88 22.33 35.85
C TRP F 265 16.32 21.51 37.06
N ARG F 266 17.46 20.84 36.96
CA ARG F 266 17.93 20.00 38.07
C ARG F 266 18.25 20.83 39.29
N ALA F 267 18.86 22.01 39.08
CA ALA F 267 19.16 22.89 40.21
C ALA F 267 17.90 23.26 40.97
N GLY F 268 16.76 23.28 40.30
CA GLY F 268 15.50 23.47 40.97
C GLY F 268 15.18 24.94 41.17
N ASN F 269 13.89 25.20 41.34
CA ASN F 269 13.38 26.55 41.48
C ASN F 269 13.53 27.03 42.93
#